data_3HDC
# 
_entry.id   3HDC 
# 
_audit_conform.dict_name       mmcif_pdbx.dic 
_audit_conform.dict_version    5.397 
_audit_conform.dict_location   http://mmcif.pdb.org/dictionaries/ascii/mmcif_pdbx.dic 
# 
loop_
_database_2.database_id 
_database_2.database_code 
_database_2.pdbx_database_accession 
_database_2.pdbx_DOI 
PDB   3HDC         pdb_00003hdc 10.2210/pdb3hdc/pdb 
RCSB  RCSB052995   ?            ?                   
WWPDB D_1000052995 ?            ?                   
# 
loop_
_pdbx_audit_revision_history.ordinal 
_pdbx_audit_revision_history.data_content_type 
_pdbx_audit_revision_history.major_revision 
_pdbx_audit_revision_history.minor_revision 
_pdbx_audit_revision_history.revision_date 
1 'Structure model' 1 0 2009-05-26 
2 'Structure model' 1 1 2011-07-13 
3 'Structure model' 1 2 2019-11-13 
4 'Structure model' 1 3 2021-02-10 
5 'Structure model' 1 4 2024-10-30 
# 
_pdbx_audit_revision_details.ordinal             1 
_pdbx_audit_revision_details.revision_ordinal    1 
_pdbx_audit_revision_details.data_content_type   'Structure model' 
_pdbx_audit_revision_details.provider            repository 
_pdbx_audit_revision_details.type                'Initial release' 
_pdbx_audit_revision_details.description         ? 
_pdbx_audit_revision_details.details             ? 
# 
loop_
_pdbx_audit_revision_group.ordinal 
_pdbx_audit_revision_group.revision_ordinal 
_pdbx_audit_revision_group.data_content_type 
_pdbx_audit_revision_group.group 
1 2 'Structure model' 'Version format compliance' 
2 3 'Structure model' 'Derived calculations'      
3 3 'Structure model' 'Structure summary'         
4 4 'Structure model' 'Database references'       
5 4 'Structure model' 'Structure summary'         
6 5 'Structure model' 'Data collection'           
7 5 'Structure model' 'Database references'       
8 5 'Structure model' 'Structure summary'         
# 
loop_
_pdbx_audit_revision_category.ordinal 
_pdbx_audit_revision_category.revision_ordinal 
_pdbx_audit_revision_category.data_content_type 
_pdbx_audit_revision_category.category 
1 3 'Structure model' struct_conn               
2 3 'Structure model' struct_keywords           
3 4 'Structure model' audit_author              
4 4 'Structure model' citation_author           
5 5 'Structure model' chem_comp_atom            
6 5 'Structure model' chem_comp_bond            
7 5 'Structure model' database_2                
8 5 'Structure model' pdbx_entry_details        
9 5 'Structure model' pdbx_modification_feature 
# 
loop_
_pdbx_audit_revision_item.ordinal 
_pdbx_audit_revision_item.revision_ordinal 
_pdbx_audit_revision_item.data_content_type 
_pdbx_audit_revision_item.item 
1 3 'Structure model' '_struct_conn.pdbx_leaving_atom_flag' 
2 3 'Structure model' '_struct_keywords.text'               
3 4 'Structure model' '_audit_author.identifier_ORCID'      
4 4 'Structure model' '_citation_author.identifier_ORCID'   
5 5 'Structure model' '_database_2.pdbx_DOI'                
6 5 'Structure model' '_database_2.pdbx_database_accession' 
# 
_pdbx_database_status.status_code                     REL 
_pdbx_database_status.entry_id                        3HDC 
_pdbx_database_status.recvd_initial_deposition_date   2009-05-07 
_pdbx_database_status.deposit_site                    RCSB 
_pdbx_database_status.process_site                    RCSB 
_pdbx_database_status.status_code_sf                  REL 
_pdbx_database_status.status_code_mr                  ? 
_pdbx_database_status.SG_entry                        Y 
_pdbx_database_status.pdb_format_compatible           Y 
_pdbx_database_status.status_code_cs                  ? 
_pdbx_database_status.methods_development_category    ? 
_pdbx_database_status.status_code_nmr_data            ? 
# 
_pdbx_database_related.db_name        TargetDB 
_pdbx_database_related.db_id          NYSGXRC-11211i 
_pdbx_database_related.details        . 
_pdbx_database_related.content_type   unspecified 
# 
loop_
_audit_author.name 
_audit_author.pdbx_ordinal 
_audit_author.identifier_ORCID 
'Zhang, Z.'                                                      1 ?                   
'Burley, S.K.'                                                   2 0000-0002-2487-9713 
'Swaminathan, S.'                                                3 ?                   
'New York SGX Research Center for Structural Genomics (NYSGXRC)' 4 ?                   
# 
_citation.id                        primary 
_citation.title                     'The crystal structure of thioredoxin protein from  Geobacter metallireducens' 
_citation.journal_abbrev            'To be Published' 
_citation.journal_volume            ? 
_citation.page_first                ? 
_citation.page_last                 ? 
_citation.year                      ? 
_citation.journal_id_ASTM           ? 
_citation.country                   ? 
_citation.journal_id_ISSN           ? 
_citation.journal_id_CSD            0353 
_citation.book_publisher            ? 
_citation.pdbx_database_id_PubMed   ? 
_citation.pdbx_database_id_DOI      ? 
# 
loop_
_citation_author.citation_id 
_citation_author.name 
_citation_author.ordinal 
_citation_author.identifier_ORCID 
primary 'Zhang, Z.'       1 ?                   
primary 'Burley, S.K.'    2 0000-0002-2487-9713 
primary 'Swaminathan, S.' 3 ?                   
# 
loop_
_entity.id 
_entity.type 
_entity.src_method 
_entity.pdbx_description 
_entity.formula_weight 
_entity.pdbx_number_of_molecules 
_entity.pdbx_ec 
_entity.pdbx_mutation 
_entity.pdbx_fragment 
_entity.details 
1 polymer man 'Thioredoxin family protein' 17999.213 1   ? ? ? ? 
2 water   nat water                        18.015    168 ? ? ? ? 
# 
_entity_poly.entity_id                      1 
_entity_poly.type                           'polypeptide(L)' 
_entity_poly.nstd_linkage                   no 
_entity_poly.nstd_monomer                   yes 
_entity_poly.pdbx_seq_one_letter_code       
;(MSE)SLAPGKAESDAPLVRTGALAPNFKLPTLSGENKSLAQYRGKIVLVNFWASWCPYCRDE(MSE)PS(MSE)DRLVK
SFPKGDLVVLAVNVEKRFPEKYRRAPVSFNFLSDATGQVQQRYGANRLPDTFIVDRKGIIRQRVTGGIEWDAPKVVSYLK
SLEGHHHHHH
;
_entity_poly.pdbx_seq_one_letter_code_can   
;MSLAPGKAESDAPLVRTGALAPNFKLPTLSGENKSLAQYRGKIVLVNFWASWCPYCRDEMPSMDRLVKSFPKGDLVVLAV
NVEKRFPEKYRRAPVSFNFLSDATGQVQQRYGANRLPDTFIVDRKGIIRQRVTGGIEWDAPKVVSYLKSLEGHHHHHH
;
_entity_poly.pdbx_strand_id                 A 
_entity_poly.pdbx_target_identifier         NYSGXRC-11211i 
# 
_pdbx_entity_nonpoly.entity_id   2 
_pdbx_entity_nonpoly.name        water 
_pdbx_entity_nonpoly.comp_id     HOH 
# 
loop_
_entity_poly_seq.entity_id 
_entity_poly_seq.num 
_entity_poly_seq.mon_id 
_entity_poly_seq.hetero 
1 1   MSE n 
1 2   SER n 
1 3   LEU n 
1 4   ALA n 
1 5   PRO n 
1 6   GLY n 
1 7   LYS n 
1 8   ALA n 
1 9   GLU n 
1 10  SER n 
1 11  ASP n 
1 12  ALA n 
1 13  PRO n 
1 14  LEU n 
1 15  VAL n 
1 16  ARG n 
1 17  THR n 
1 18  GLY n 
1 19  ALA n 
1 20  LEU n 
1 21  ALA n 
1 22  PRO n 
1 23  ASN n 
1 24  PHE n 
1 25  LYS n 
1 26  LEU n 
1 27  PRO n 
1 28  THR n 
1 29  LEU n 
1 30  SER n 
1 31  GLY n 
1 32  GLU n 
1 33  ASN n 
1 34  LYS n 
1 35  SER n 
1 36  LEU n 
1 37  ALA n 
1 38  GLN n 
1 39  TYR n 
1 40  ARG n 
1 41  GLY n 
1 42  LYS n 
1 43  ILE n 
1 44  VAL n 
1 45  LEU n 
1 46  VAL n 
1 47  ASN n 
1 48  PHE n 
1 49  TRP n 
1 50  ALA n 
1 51  SER n 
1 52  TRP n 
1 53  CYS n 
1 54  PRO n 
1 55  TYR n 
1 56  CYS n 
1 57  ARG n 
1 58  ASP n 
1 59  GLU n 
1 60  MSE n 
1 61  PRO n 
1 62  SER n 
1 63  MSE n 
1 64  ASP n 
1 65  ARG n 
1 66  LEU n 
1 67  VAL n 
1 68  LYS n 
1 69  SER n 
1 70  PHE n 
1 71  PRO n 
1 72  LYS n 
1 73  GLY n 
1 74  ASP n 
1 75  LEU n 
1 76  VAL n 
1 77  VAL n 
1 78  LEU n 
1 79  ALA n 
1 80  VAL n 
1 81  ASN n 
1 82  VAL n 
1 83  GLU n 
1 84  LYS n 
1 85  ARG n 
1 86  PHE n 
1 87  PRO n 
1 88  GLU n 
1 89  LYS n 
1 90  TYR n 
1 91  ARG n 
1 92  ARG n 
1 93  ALA n 
1 94  PRO n 
1 95  VAL n 
1 96  SER n 
1 97  PHE n 
1 98  ASN n 
1 99  PHE n 
1 100 LEU n 
1 101 SER n 
1 102 ASP n 
1 103 ALA n 
1 104 THR n 
1 105 GLY n 
1 106 GLN n 
1 107 VAL n 
1 108 GLN n 
1 109 GLN n 
1 110 ARG n 
1 111 TYR n 
1 112 GLY n 
1 113 ALA n 
1 114 ASN n 
1 115 ARG n 
1 116 LEU n 
1 117 PRO n 
1 118 ASP n 
1 119 THR n 
1 120 PHE n 
1 121 ILE n 
1 122 VAL n 
1 123 ASP n 
1 124 ARG n 
1 125 LYS n 
1 126 GLY n 
1 127 ILE n 
1 128 ILE n 
1 129 ARG n 
1 130 GLN n 
1 131 ARG n 
1 132 VAL n 
1 133 THR n 
1 134 GLY n 
1 135 GLY n 
1 136 ILE n 
1 137 GLU n 
1 138 TRP n 
1 139 ASP n 
1 140 ALA n 
1 141 PRO n 
1 142 LYS n 
1 143 VAL n 
1 144 VAL n 
1 145 SER n 
1 146 TYR n 
1 147 LEU n 
1 148 LYS n 
1 149 SER n 
1 150 LEU n 
1 151 GLU n 
1 152 GLY n 
1 153 HIS n 
1 154 HIS n 
1 155 HIS n 
1 156 HIS n 
1 157 HIS n 
1 158 HIS n 
# 
_entity_src_gen.entity_id                          1 
_entity_src_gen.pdbx_src_id                        1 
_entity_src_gen.pdbx_alt_source_flag               sample 
_entity_src_gen.pdbx_seq_type                      ? 
_entity_src_gen.pdbx_beg_seq_num                   ? 
_entity_src_gen.pdbx_end_seq_num                   ? 
_entity_src_gen.gene_src_common_name               ? 
_entity_src_gen.gene_src_genus                     ? 
_entity_src_gen.pdbx_gene_src_gene                 Gmet_1383 
_entity_src_gen.gene_src_species                   ? 
_entity_src_gen.gene_src_strain                    'strain GS-15 / ATCC 53774 / DSM 7210' 
_entity_src_gen.gene_src_tissue                    ? 
_entity_src_gen.gene_src_tissue_fraction           ? 
_entity_src_gen.gene_src_details                   ? 
_entity_src_gen.pdbx_gene_src_fragment             ? 
_entity_src_gen.pdbx_gene_src_scientific_name      'Geobacter metallireducens GS-15' 
_entity_src_gen.pdbx_gene_src_ncbi_taxonomy_id     269799 
_entity_src_gen.pdbx_gene_src_variant              ? 
_entity_src_gen.pdbx_gene_src_cell_line            ? 
_entity_src_gen.pdbx_gene_src_atcc                 ? 
_entity_src_gen.pdbx_gene_src_organ                ? 
_entity_src_gen.pdbx_gene_src_organelle            ? 
_entity_src_gen.pdbx_gene_src_cell                 ? 
_entity_src_gen.pdbx_gene_src_cellular_location    ? 
_entity_src_gen.host_org_common_name               ? 
_entity_src_gen.pdbx_host_org_scientific_name      'Escherichia coli BL21(DE3)' 
_entity_src_gen.pdbx_host_org_ncbi_taxonomy_id     469008 
_entity_src_gen.host_org_genus                     ? 
_entity_src_gen.pdbx_host_org_gene                 ? 
_entity_src_gen.pdbx_host_org_organ                ? 
_entity_src_gen.host_org_species                   ? 
_entity_src_gen.pdbx_host_org_tissue               ? 
_entity_src_gen.pdbx_host_org_tissue_fraction      ? 
_entity_src_gen.pdbx_host_org_strain               'BL21(DE3)-Codon+RIL-Stratagene' 
_entity_src_gen.pdbx_host_org_variant              ? 
_entity_src_gen.pdbx_host_org_cell_line            ? 
_entity_src_gen.pdbx_host_org_atcc                 ? 
_entity_src_gen.pdbx_host_org_culture_collection   ? 
_entity_src_gen.pdbx_host_org_cell                 ? 
_entity_src_gen.pdbx_host_org_organelle            ? 
_entity_src_gen.pdbx_host_org_cellular_location    ? 
_entity_src_gen.pdbx_host_org_vector_type          Plasmid 
_entity_src_gen.pdbx_host_org_vector               ? 
_entity_src_gen.host_org_details                   ? 
_entity_src_gen.expression_system_id               ? 
_entity_src_gen.plasmid_name                       'BC-pSGX3(BC)' 
_entity_src_gen.plasmid_details                    ? 
_entity_src_gen.pdbx_description                   ? 
# 
loop_
_chem_comp.id 
_chem_comp.type 
_chem_comp.mon_nstd_flag 
_chem_comp.name 
_chem_comp.pdbx_synonyms 
_chem_comp.formula 
_chem_comp.formula_weight 
ALA 'L-peptide linking' y ALANINE          ? 'C3 H7 N O2'     89.093  
ARG 'L-peptide linking' y ARGININE         ? 'C6 H15 N4 O2 1' 175.209 
ASN 'L-peptide linking' y ASPARAGINE       ? 'C4 H8 N2 O3'    132.118 
ASP 'L-peptide linking' y 'ASPARTIC ACID'  ? 'C4 H7 N O4'     133.103 
CYS 'L-peptide linking' y CYSTEINE         ? 'C3 H7 N O2 S'   121.158 
GLN 'L-peptide linking' y GLUTAMINE        ? 'C5 H10 N2 O3'   146.144 
GLU 'L-peptide linking' y 'GLUTAMIC ACID'  ? 'C5 H9 N O4'     147.129 
GLY 'peptide linking'   y GLYCINE          ? 'C2 H5 N O2'     75.067  
HIS 'L-peptide linking' y HISTIDINE        ? 'C6 H10 N3 O2 1' 156.162 
HOH non-polymer         . WATER            ? 'H2 O'           18.015  
ILE 'L-peptide linking' y ISOLEUCINE       ? 'C6 H13 N O2'    131.173 
LEU 'L-peptide linking' y LEUCINE          ? 'C6 H13 N O2'    131.173 
LYS 'L-peptide linking' y LYSINE           ? 'C6 H15 N2 O2 1' 147.195 
MSE 'L-peptide linking' n SELENOMETHIONINE ? 'C5 H11 N O2 Se' 196.106 
PHE 'L-peptide linking' y PHENYLALANINE    ? 'C9 H11 N O2'    165.189 
PRO 'L-peptide linking' y PROLINE          ? 'C5 H9 N O2'     115.130 
SER 'L-peptide linking' y SERINE           ? 'C3 H7 N O3'     105.093 
THR 'L-peptide linking' y THREONINE        ? 'C4 H9 N O3'     119.119 
TRP 'L-peptide linking' y TRYPTOPHAN       ? 'C11 H12 N2 O2'  204.225 
TYR 'L-peptide linking' y TYROSINE         ? 'C9 H11 N O3'    181.189 
VAL 'L-peptide linking' y VALINE           ? 'C5 H11 N O2'    117.146 
# 
loop_
_pdbx_poly_seq_scheme.asym_id 
_pdbx_poly_seq_scheme.entity_id 
_pdbx_poly_seq_scheme.seq_id 
_pdbx_poly_seq_scheme.mon_id 
_pdbx_poly_seq_scheme.ndb_seq_num 
_pdbx_poly_seq_scheme.pdb_seq_num 
_pdbx_poly_seq_scheme.auth_seq_num 
_pdbx_poly_seq_scheme.pdb_mon_id 
_pdbx_poly_seq_scheme.auth_mon_id 
_pdbx_poly_seq_scheme.pdb_strand_id 
_pdbx_poly_seq_scheme.pdb_ins_code 
_pdbx_poly_seq_scheme.hetero 
A 1 1   MSE 1   19  ?   ?   ?   A . n 
A 1 2   SER 2   20  20  SER SER A . n 
A 1 3   LEU 3   21  21  LEU LEU A . n 
A 1 4   ALA 4   22  22  ALA ALA A . n 
A 1 5   PRO 5   23  23  PRO PRO A . n 
A 1 6   GLY 6   24  24  GLY GLY A . n 
A 1 7   LYS 7   25  25  LYS LYS A . n 
A 1 8   ALA 8   26  26  ALA ALA A . n 
A 1 9   GLU 9   27  27  GLU GLU A . n 
A 1 10  SER 10  28  28  SER SER A . n 
A 1 11  ASP 11  29  29  ASP ASP A . n 
A 1 12  ALA 12  30  30  ALA ALA A . n 
A 1 13  PRO 13  31  31  PRO PRO A . n 
A 1 14  LEU 14  32  32  LEU LEU A . n 
A 1 15  VAL 15  33  33  VAL VAL A . n 
A 1 16  ARG 16  34  34  ARG ARG A . n 
A 1 17  THR 17  35  35  THR THR A . n 
A 1 18  GLY 18  36  36  GLY GLY A . n 
A 1 19  ALA 19  37  37  ALA ALA A . n 
A 1 20  LEU 20  38  38  LEU LEU A . n 
A 1 21  ALA 21  39  39  ALA ALA A . n 
A 1 22  PRO 22  40  40  PRO PRO A . n 
A 1 23  ASN 23  41  41  ASN ASN A . n 
A 1 24  PHE 24  42  42  PHE PHE A . n 
A 1 25  LYS 25  43  43  LYS LYS A . n 
A 1 26  LEU 26  44  44  LEU LEU A . n 
A 1 27  PRO 27  45  45  PRO PRO A . n 
A 1 28  THR 28  46  46  THR THR A . n 
A 1 29  LEU 29  47  47  LEU LEU A . n 
A 1 30  SER 30  48  48  SER SER A . n 
A 1 31  GLY 31  49  49  GLY GLY A . n 
A 1 32  GLU 32  50  50  GLU GLU A . n 
A 1 33  ASN 33  51  51  ASN ASN A . n 
A 1 34  LYS 34  52  52  LYS LYS A . n 
A 1 35  SER 35  53  53  SER SER A . n 
A 1 36  LEU 36  54  54  LEU LEU A . n 
A 1 37  ALA 37  55  55  ALA ALA A . n 
A 1 38  GLN 38  56  56  GLN GLN A . n 
A 1 39  TYR 39  57  57  TYR TYR A . n 
A 1 40  ARG 40  58  58  ARG ARG A . n 
A 1 41  GLY 41  59  59  GLY GLY A . n 
A 1 42  LYS 42  60  60  LYS LYS A . n 
A 1 43  ILE 43  61  61  ILE ILE A . n 
A 1 44  VAL 44  62  62  VAL VAL A . n 
A 1 45  LEU 45  63  63  LEU LEU A . n 
A 1 46  VAL 46  64  64  VAL VAL A . n 
A 1 47  ASN 47  65  65  ASN ASN A . n 
A 1 48  PHE 48  66  66  PHE PHE A . n 
A 1 49  TRP 49  67  67  TRP TRP A . n 
A 1 50  ALA 50  68  68  ALA ALA A . n 
A 1 51  SER 51  69  69  SER SER A . n 
A 1 52  TRP 52  70  70  TRP TRP A . n 
A 1 53  CYS 53  71  71  CYS CYS A . n 
A 1 54  PRO 54  72  72  PRO PRO A . n 
A 1 55  TYR 55  73  73  TYR TYR A . n 
A 1 56  CYS 56  74  74  CYS CYS A . n 
A 1 57  ARG 57  75  75  ARG ARG A . n 
A 1 58  ASP 58  76  76  ASP ASP A . n 
A 1 59  GLU 59  77  77  GLU GLU A . n 
A 1 60  MSE 60  78  78  MSE MSE A . n 
A 1 61  PRO 61  79  79  PRO PRO A . n 
A 1 62  SER 62  80  80  SER SER A . n 
A 1 63  MSE 63  81  81  MSE MSE A . n 
A 1 64  ASP 64  82  82  ASP ASP A . n 
A 1 65  ARG 65  83  83  ARG ARG A . n 
A 1 66  LEU 66  84  84  LEU LEU A . n 
A 1 67  VAL 67  85  85  VAL VAL A . n 
A 1 68  LYS 68  86  86  LYS LYS A . n 
A 1 69  SER 69  87  87  SER SER A . n 
A 1 70  PHE 70  88  88  PHE PHE A . n 
A 1 71  PRO 71  89  89  PRO PRO A . n 
A 1 72  LYS 72  90  90  LYS LYS A . n 
A 1 73  GLY 73  91  91  GLY GLY A . n 
A 1 74  ASP 74  92  92  ASP ASP A . n 
A 1 75  LEU 75  93  93  LEU LEU A . n 
A 1 76  VAL 76  94  94  VAL VAL A . n 
A 1 77  VAL 77  95  95  VAL VAL A . n 
A 1 78  LEU 78  96  96  LEU LEU A . n 
A 1 79  ALA 79  97  97  ALA ALA A . n 
A 1 80  VAL 80  98  98  VAL VAL A . n 
A 1 81  ASN 81  99  99  ASN ASN A . n 
A 1 82  VAL 82  100 100 VAL VAL A . n 
A 1 83  GLU 83  101 101 GLU GLU A . n 
A 1 84  LYS 84  102 102 LYS LYS A . n 
A 1 85  ARG 85  103 103 ARG ARG A . n 
A 1 86  PHE 86  104 104 PHE PHE A . n 
A 1 87  PRO 87  105 105 PRO PRO A . n 
A 1 88  GLU 88  106 106 GLU GLU A . n 
A 1 89  LYS 89  107 107 LYS LYS A . n 
A 1 90  TYR 90  108 108 TYR TYR A . n 
A 1 91  ARG 91  109 109 ARG ARG A . n 
A 1 92  ARG 92  110 110 ARG ARG A . n 
A 1 93  ALA 93  111 111 ALA ALA A . n 
A 1 94  PRO 94  112 112 PRO PRO A . n 
A 1 95  VAL 95  113 113 VAL VAL A . n 
A 1 96  SER 96  114 114 SER SER A . n 
A 1 97  PHE 97  115 115 PHE PHE A . n 
A 1 98  ASN 98  116 116 ASN ASN A . n 
A 1 99  PHE 99  117 117 PHE PHE A . n 
A 1 100 LEU 100 118 118 LEU LEU A . n 
A 1 101 SER 101 119 119 SER SER A . n 
A 1 102 ASP 102 120 120 ASP ASP A . n 
A 1 103 ALA 103 121 121 ALA ALA A . n 
A 1 104 THR 104 122 122 THR THR A . n 
A 1 105 GLY 105 123 123 GLY GLY A . n 
A 1 106 GLN 106 124 124 GLN GLN A . n 
A 1 107 VAL 107 125 125 VAL VAL A . n 
A 1 108 GLN 108 126 126 GLN GLN A . n 
A 1 109 GLN 109 127 127 GLN GLN A . n 
A 1 110 ARG 110 128 128 ARG ARG A . n 
A 1 111 TYR 111 129 129 TYR TYR A . n 
A 1 112 GLY 112 130 130 GLY GLY A . n 
A 1 113 ALA 113 131 131 ALA ALA A . n 
A 1 114 ASN 114 132 132 ASN ASN A . n 
A 1 115 ARG 115 133 133 ARG ARG A . n 
A 1 116 LEU 116 134 134 LEU LEU A . n 
A 1 117 PRO 117 135 135 PRO PRO A . n 
A 1 118 ASP 118 136 136 ASP ASP A . n 
A 1 119 THR 119 137 137 THR THR A . n 
A 1 120 PHE 120 138 138 PHE PHE A . n 
A 1 121 ILE 121 139 139 ILE ILE A . n 
A 1 122 VAL 122 140 140 VAL VAL A . n 
A 1 123 ASP 123 141 141 ASP ASP A . n 
A 1 124 ARG 124 142 142 ARG ARG A . n 
A 1 125 LYS 125 143 143 LYS LYS A . n 
A 1 126 GLY 126 144 144 GLY GLY A . n 
A 1 127 ILE 127 145 145 ILE ILE A . n 
A 1 128 ILE 128 146 146 ILE ILE A . n 
A 1 129 ARG 129 147 147 ARG ARG A . n 
A 1 130 GLN 130 148 148 GLN GLN A . n 
A 1 131 ARG 131 149 149 ARG ARG A . n 
A 1 132 VAL 132 150 150 VAL VAL A . n 
A 1 133 THR 133 151 151 THR THR A . n 
A 1 134 GLY 134 152 152 GLY GLY A . n 
A 1 135 GLY 135 153 153 GLY GLY A . n 
A 1 136 ILE 136 154 154 ILE ILE A . n 
A 1 137 GLU 137 155 155 GLU GLU A . n 
A 1 138 TRP 138 156 156 TRP TRP A . n 
A 1 139 ASP 139 157 157 ASP ASP A . n 
A 1 140 ALA 140 158 158 ALA ALA A . n 
A 1 141 PRO 141 159 159 PRO PRO A . n 
A 1 142 LYS 142 160 160 LYS LYS A . n 
A 1 143 VAL 143 161 161 VAL VAL A . n 
A 1 144 VAL 144 162 162 VAL VAL A . n 
A 1 145 SER 145 163 163 SER SER A . n 
A 1 146 TYR 146 164 164 TYR TYR A . n 
A 1 147 LEU 147 165 165 LEU LEU A . n 
A 1 148 LYS 148 166 166 LYS LYS A . n 
A 1 149 SER 149 167 167 SER SER A . n 
A 1 150 LEU 150 168 168 LEU LEU A . n 
A 1 151 GLU 151 169 169 GLU GLU A . n 
A 1 152 GLY 152 170 ?   ?   ?   A . n 
A 1 153 HIS 153 171 ?   ?   ?   A . n 
A 1 154 HIS 154 172 ?   ?   ?   A . n 
A 1 155 HIS 155 173 ?   ?   ?   A . n 
A 1 156 HIS 156 174 ?   ?   ?   A . n 
A 1 157 HIS 157 175 ?   ?   ?   A . n 
A 1 158 HIS 158 176 ?   ?   ?   A . n 
# 
loop_
_pdbx_nonpoly_scheme.asym_id 
_pdbx_nonpoly_scheme.entity_id 
_pdbx_nonpoly_scheme.mon_id 
_pdbx_nonpoly_scheme.ndb_seq_num 
_pdbx_nonpoly_scheme.pdb_seq_num 
_pdbx_nonpoly_scheme.auth_seq_num 
_pdbx_nonpoly_scheme.pdb_mon_id 
_pdbx_nonpoly_scheme.auth_mon_id 
_pdbx_nonpoly_scheme.pdb_strand_id 
_pdbx_nonpoly_scheme.pdb_ins_code 
B 2 HOH 1   1   1   HOH HOH A . 
B 2 HOH 2   2   2   HOH HOH A . 
B 2 HOH 3   3   3   HOH HOH A . 
B 2 HOH 4   4   4   HOH HOH A . 
B 2 HOH 5   5   5   HOH HOH A . 
B 2 HOH 6   6   6   HOH HOH A . 
B 2 HOH 7   7   7   HOH HOH A . 
B 2 HOH 8   8   8   HOH HOH A . 
B 2 HOH 9   9   9   HOH HOH A . 
B 2 HOH 10  10  10  HOH HOH A . 
B 2 HOH 11  11  11  HOH HOH A . 
B 2 HOH 12  12  12  HOH HOH A . 
B 2 HOH 13  13  13  HOH HOH A . 
B 2 HOH 14  14  14  HOH HOH A . 
B 2 HOH 15  15  15  HOH HOH A . 
B 2 HOH 16  16  16  HOH HOH A . 
B 2 HOH 17  17  17  HOH HOH A . 
B 2 HOH 18  18  18  HOH HOH A . 
B 2 HOH 19  177 19  HOH HOH A . 
B 2 HOH 20  178 20  HOH HOH A . 
B 2 HOH 21  179 21  HOH HOH A . 
B 2 HOH 22  180 22  HOH HOH A . 
B 2 HOH 23  181 23  HOH HOH A . 
B 2 HOH 24  182 24  HOH HOH A . 
B 2 HOH 25  183 25  HOH HOH A . 
B 2 HOH 26  184 26  HOH HOH A . 
B 2 HOH 27  185 27  HOH HOH A . 
B 2 HOH 28  186 28  HOH HOH A . 
B 2 HOH 29  187 29  HOH HOH A . 
B 2 HOH 30  188 30  HOH HOH A . 
B 2 HOH 31  189 31  HOH HOH A . 
B 2 HOH 32  190 32  HOH HOH A . 
B 2 HOH 33  191 33  HOH HOH A . 
B 2 HOH 34  192 34  HOH HOH A . 
B 2 HOH 35  193 35  HOH HOH A . 
B 2 HOH 36  194 36  HOH HOH A . 
B 2 HOH 37  195 37  HOH HOH A . 
B 2 HOH 38  196 38  HOH HOH A . 
B 2 HOH 39  197 39  HOH HOH A . 
B 2 HOH 40  198 40  HOH HOH A . 
B 2 HOH 41  199 41  HOH HOH A . 
B 2 HOH 42  200 42  HOH HOH A . 
B 2 HOH 43  201 43  HOH HOH A . 
B 2 HOH 44  202 44  HOH HOH A . 
B 2 HOH 45  203 45  HOH HOH A . 
B 2 HOH 46  204 46  HOH HOH A . 
B 2 HOH 47  205 47  HOH HOH A . 
B 2 HOH 48  206 48  HOH HOH A . 
B 2 HOH 49  207 49  HOH HOH A . 
B 2 HOH 50  208 50  HOH HOH A . 
B 2 HOH 51  209 51  HOH HOH A . 
B 2 HOH 52  210 52  HOH HOH A . 
B 2 HOH 53  211 53  HOH HOH A . 
B 2 HOH 54  212 54  HOH HOH A . 
B 2 HOH 55  213 55  HOH HOH A . 
B 2 HOH 56  214 56  HOH HOH A . 
B 2 HOH 57  215 57  HOH HOH A . 
B 2 HOH 58  216 58  HOH HOH A . 
B 2 HOH 59  217 59  HOH HOH A . 
B 2 HOH 60  218 60  HOH HOH A . 
B 2 HOH 61  219 61  HOH HOH A . 
B 2 HOH 62  220 62  HOH HOH A . 
B 2 HOH 63  221 63  HOH HOH A . 
B 2 HOH 64  222 64  HOH HOH A . 
B 2 HOH 65  223 65  HOH HOH A . 
B 2 HOH 66  224 66  HOH HOH A . 
B 2 HOH 67  225 67  HOH HOH A . 
B 2 HOH 68  226 68  HOH HOH A . 
B 2 HOH 69  227 69  HOH HOH A . 
B 2 HOH 70  228 70  HOH HOH A . 
B 2 HOH 71  229 71  HOH HOH A . 
B 2 HOH 72  230 72  HOH HOH A . 
B 2 HOH 73  231 73  HOH HOH A . 
B 2 HOH 74  232 74  HOH HOH A . 
B 2 HOH 75  233 75  HOH HOH A . 
B 2 HOH 76  234 76  HOH HOH A . 
B 2 HOH 77  235 77  HOH HOH A . 
B 2 HOH 78  236 78  HOH HOH A . 
B 2 HOH 79  237 79  HOH HOH A . 
B 2 HOH 80  238 80  HOH HOH A . 
B 2 HOH 81  239 81  HOH HOH A . 
B 2 HOH 82  240 82  HOH HOH A . 
B 2 HOH 83  241 83  HOH HOH A . 
B 2 HOH 84  242 84  HOH HOH A . 
B 2 HOH 85  243 85  HOH HOH A . 
B 2 HOH 86  244 86  HOH HOH A . 
B 2 HOH 87  245 87  HOH HOH A . 
B 2 HOH 88  246 88  HOH HOH A . 
B 2 HOH 89  247 89  HOH HOH A . 
B 2 HOH 90  248 90  HOH HOH A . 
B 2 HOH 91  249 91  HOH HOH A . 
B 2 HOH 92  250 92  HOH HOH A . 
B 2 HOH 93  251 93  HOH HOH A . 
B 2 HOH 94  252 94  HOH HOH A . 
B 2 HOH 95  253 95  HOH HOH A . 
B 2 HOH 96  254 97  HOH HOH A . 
B 2 HOH 97  255 98  HOH HOH A . 
B 2 HOH 98  256 99  HOH HOH A . 
B 2 HOH 99  257 100 HOH HOH A . 
B 2 HOH 100 258 101 HOH HOH A . 
B 2 HOH 101 259 102 HOH HOH A . 
B 2 HOH 102 260 103 HOH HOH A . 
B 2 HOH 103 261 104 HOH HOH A . 
B 2 HOH 104 262 105 HOH HOH A . 
B 2 HOH 105 263 106 HOH HOH A . 
B 2 HOH 106 264 107 HOH HOH A . 
B 2 HOH 107 265 108 HOH HOH A . 
B 2 HOH 108 266 109 HOH HOH A . 
B 2 HOH 109 267 110 HOH HOH A . 
B 2 HOH 110 268 111 HOH HOH A . 
B 2 HOH 111 269 112 HOH HOH A . 
B 2 HOH 112 270 113 HOH HOH A . 
B 2 HOH 113 271 114 HOH HOH A . 
B 2 HOH 114 272 115 HOH HOH A . 
B 2 HOH 115 273 116 HOH HOH A . 
B 2 HOH 116 274 117 HOH HOH A . 
B 2 HOH 117 275 118 HOH HOH A . 
B 2 HOH 118 276 120 HOH HOH A . 
B 2 HOH 119 277 121 HOH HOH A . 
B 2 HOH 120 278 122 HOH HOH A . 
B 2 HOH 121 279 123 HOH HOH A . 
B 2 HOH 122 280 125 HOH HOH A . 
B 2 HOH 123 281 126 HOH HOH A . 
B 2 HOH 124 282 127 HOH HOH A . 
B 2 HOH 125 283 128 HOH HOH A . 
B 2 HOH 126 284 129 HOH HOH A . 
B 2 HOH 127 285 130 HOH HOH A . 
B 2 HOH 128 286 131 HOH HOH A . 
B 2 HOH 129 287 132 HOH HOH A . 
B 2 HOH 130 288 133 HOH HOH A . 
B 2 HOH 131 289 134 HOH HOH A . 
B 2 HOH 132 290 135 HOH HOH A . 
B 2 HOH 133 291 136 HOH HOH A . 
B 2 HOH 134 292 137 HOH HOH A . 
B 2 HOH 135 293 138 HOH HOH A . 
B 2 HOH 136 294 140 HOH HOH A . 
B 2 HOH 137 295 141 HOH HOH A . 
B 2 HOH 138 296 142 HOH HOH A . 
B 2 HOH 139 297 143 HOH HOH A . 
B 2 HOH 140 298 144 HOH HOH A . 
B 2 HOH 141 299 145 HOH HOH A . 
B 2 HOH 142 300 146 HOH HOH A . 
B 2 HOH 143 301 147 HOH HOH A . 
B 2 HOH 144 302 148 HOH HOH A . 
B 2 HOH 145 303 149 HOH HOH A . 
B 2 HOH 146 304 150 HOH HOH A . 
B 2 HOH 147 305 151 HOH HOH A . 
B 2 HOH 148 306 152 HOH HOH A . 
B 2 HOH 149 307 153 HOH HOH A . 
B 2 HOH 150 308 154 HOH HOH A . 
B 2 HOH 151 309 155 HOH HOH A . 
B 2 HOH 152 310 156 HOH HOH A . 
B 2 HOH 153 311 157 HOH HOH A . 
B 2 HOH 154 312 158 HOH HOH A . 
B 2 HOH 155 313 159 HOH HOH A . 
B 2 HOH 156 314 160 HOH HOH A . 
B 2 HOH 157 315 161 HOH HOH A . 
B 2 HOH 158 316 162 HOH HOH A . 
B 2 HOH 159 317 163 HOH HOH A . 
B 2 HOH 160 318 167 HOH HOH A . 
B 2 HOH 161 319 168 HOH HOH A . 
B 2 HOH 162 320 169 HOH HOH A . 
B 2 HOH 163 321 170 HOH HOH A . 
B 2 HOH 164 322 171 HOH HOH A . 
B 2 HOH 165 323 172 HOH HOH A . 
B 2 HOH 166 324 173 HOH HOH A . 
B 2 HOH 167 325 174 HOH HOH A . 
B 2 HOH 168 326 175 HOH HOH A . 
# 
loop_
_software.name 
_software.classification 
_software.version 
_software.citation_id 
_software.pdbx_ordinal 
CBASS    'data collection' . ? 1 
SOLVE    phasing           . ? 2 
PHENIX   refinement        . ? 3 
HKL-2000 'data reduction'  . ? 4 
HKL-2000 'data scaling'    . ? 5 
# 
_cell.entry_id           3HDC 
_cell.length_a           63.678 
_cell.length_b           63.678 
_cell.length_c           94.587 
_cell.angle_alpha        90.00 
_cell.angle_beta         90.00 
_cell.angle_gamma        120.00 
_cell.Z_PDB              6 
_cell.pdbx_unique_axis   ? 
_cell.length_a_esd       ? 
_cell.length_b_esd       ? 
_cell.length_c_esd       ? 
_cell.angle_alpha_esd    ? 
_cell.angle_beta_esd     ? 
_cell.angle_gamma_esd    ? 
# 
_symmetry.entry_id                         3HDC 
_symmetry.space_group_name_H-M             'P 31 2 1' 
_symmetry.pdbx_full_space_group_name_H-M   ? 
_symmetry.cell_setting                     ? 
_symmetry.Int_Tables_number                152 
_symmetry.space_group_name_Hall            ? 
# 
_exptl.entry_id          3HDC 
_exptl.method            'X-RAY DIFFRACTION' 
_exptl.crystals_number   1 
# 
_exptl_crystal.id                    1 
_exptl_crystal.density_meas          ? 
_exptl_crystal.density_Matthews      3.08 
_exptl_crystal.density_percent_sol   60.01 
_exptl_crystal.description           ? 
_exptl_crystal.F_000                 ? 
_exptl_crystal.preparation           ? 
# 
_exptl_crystal_grow.crystal_id      1 
_exptl_crystal_grow.method          'VAPOR DIFFUSION, SITTING DROP' 
_exptl_crystal_grow.temp            ? 
_exptl_crystal_grow.temp_details    ? 
_exptl_crystal_grow.pH              3.5 
_exptl_crystal_grow.pdbx_details    '0.1 M Citric acid pH 3.5, 3.0 M Sodium chloride, VAPOR DIFFUSION, SITTING DROP' 
_exptl_crystal_grow.pdbx_pH_range   ? 
# 
_diffrn.id                     1 
_diffrn.ambient_temp           100 
_diffrn.ambient_temp_details   ? 
_diffrn.crystal_id             1 
# 
_diffrn_detector.diffrn_id              1 
_diffrn_detector.detector               CCD 
_diffrn_detector.type                   'ADSC QUANTUM 315' 
_diffrn_detector.pdbx_collection_date   2009-04-23 
_diffrn_detector.details                mirrors 
# 
_diffrn_radiation.diffrn_id                        1 
_diffrn_radiation.wavelength_id                    1 
_diffrn_radiation.pdbx_monochromatic_or_laue_m_l   M 
_diffrn_radiation.monochromator                    'Si 111 CHANNEL' 
_diffrn_radiation.pdbx_diffrn_protocol             'SINGLE WAVELENGTH' 
_diffrn_radiation.pdbx_scattering_type             x-ray 
# 
_diffrn_radiation_wavelength.id           1 
_diffrn_radiation_wavelength.wavelength   0.9788 
_diffrn_radiation_wavelength.wt           1.0 
# 
_diffrn_source.diffrn_id                   1 
_diffrn_source.source                      SYNCHROTRON 
_diffrn_source.type                        'NSLS BEAMLINE X25' 
_diffrn_source.pdbx_synchrotron_site       NSLS 
_diffrn_source.pdbx_synchrotron_beamline   X25 
_diffrn_source.pdbx_wavelength             ? 
_diffrn_source.pdbx_wavelength_list        0.9788 
# 
_reflns.entry_id                     3HDC 
_reflns.observed_criterion_sigma_I   0 
_reflns.observed_criterion_sigma_F   0 
_reflns.d_resolution_low             50 
_reflns.d_resolution_high            1.77 
_reflns.number_obs                   21827 
_reflns.number_all                   ? 
_reflns.percent_possible_obs         99.9 
_reflns.pdbx_Rmerge_I_obs            0.060 
_reflns.pdbx_Rsym_value              ? 
_reflns.pdbx_netI_over_sigmaI        15.6 
_reflns.B_iso_Wilson_estimate        19.6 
_reflns.pdbx_redundancy              11.5 
_reflns.R_free_details               ? 
_reflns.limit_h_max                  ? 
_reflns.limit_h_min                  ? 
_reflns.limit_k_max                  ? 
_reflns.limit_k_min                  ? 
_reflns.limit_l_max                  ? 
_reflns.limit_l_min                  ? 
_reflns.observed_criterion_F_max     ? 
_reflns.observed_criterion_F_min     ? 
_reflns.pdbx_chi_squared             ? 
_reflns.pdbx_scaling_rejects         ? 
_reflns.pdbx_diffrn_id               1 
_reflns.pdbx_ordinal                 1 
# 
_reflns_shell.d_res_high             1.77 
_reflns_shell.d_res_low              1.80 
_reflns_shell.percent_possible_all   100 
_reflns_shell.Rmerge_I_obs           0.378 
_reflns_shell.pdbx_Rsym_value        ? 
_reflns_shell.meanI_over_sigI_obs    ? 
_reflns_shell.pdbx_redundancy        11.1 
_reflns_shell.percent_possible_obs   ? 
_reflns_shell.number_unique_all      1063 
_reflns_shell.number_measured_all    ? 
_reflns_shell.number_measured_obs    ? 
_reflns_shell.number_unique_obs      ? 
_reflns_shell.pdbx_chi_squared       ? 
_reflns_shell.pdbx_diffrn_id         ? 
_reflns_shell.pdbx_ordinal           1 
# 
_refine.entry_id                                 3HDC 
_refine.ls_number_reflns_obs                     21827 
_refine.ls_number_reflns_all                     22100 
_refine.pdbx_ls_sigma_I                          ? 
_refine.pdbx_ls_sigma_F                          1.00 
_refine.pdbx_data_cutoff_high_absF               ? 
_refine.pdbx_data_cutoff_low_absF                ? 
_refine.pdbx_data_cutoff_high_rms_absF           ? 
_refine.ls_d_res_low                             35.900 
_refine.ls_d_res_high                            1.771 
_refine.ls_percent_reflns_obs                    98.59 
_refine.ls_R_factor_obs                          0.1798 
_refine.ls_R_factor_all                          ? 
_refine.ls_R_factor_R_work                       0.1788 
_refine.ls_R_factor_R_free                       0.1966 
_refine.ls_R_factor_R_free_error                 ? 
_refine.ls_R_factor_R_free_error_details         ? 
_refine.ls_percent_reflns_R_free                 5.20 
_refine.ls_number_reflns_R_free                  1134 
_refine.ls_number_parameters                     ? 
_refine.ls_number_restraints                     ? 
_refine.occupancy_min                            ? 
_refine.occupancy_max                            ? 
_refine.correlation_coeff_Fo_to_Fc               ? 
_refine.correlation_coeff_Fo_to_Fc_free          ? 
_refine.B_iso_mean                               18.24 
_refine.aniso_B[1][1]                            2.8818 
_refine.aniso_B[2][2]                            2.8818 
_refine.aniso_B[3][3]                            -5.7636 
_refine.aniso_B[1][2]                            0.000 
_refine.aniso_B[1][3]                            -0.0000 
_refine.aniso_B[2][3]                            0.0000 
_refine.solvent_model_details                    'FLAT BULK SOLVENT MODEL' 
_refine.solvent_model_param_ksol                 0.386 
_refine.solvent_model_param_bsol                 53.239 
_refine.pdbx_solvent_vdw_probe_radii             1.11 
_refine.pdbx_solvent_ion_probe_radii             ? 
_refine.pdbx_solvent_shrinkage_radii             0.90 
_refine.pdbx_ls_cross_valid_method               THROUGHOUT 
_refine.details                                  ? 
_refine.pdbx_starting_model                      ? 
_refine.pdbx_method_to_determine_struct          SAD 
_refine.pdbx_isotropic_thermal_model             Isotropic 
_refine.pdbx_stereochemistry_target_values       'Engh & Huber' 
_refine.pdbx_stereochem_target_val_spec_case     ? 
_refine.pdbx_R_Free_selection_details            RANDOM 
_refine.pdbx_overall_ESU_R                       ? 
_refine.pdbx_overall_ESU_R_Free                  ? 
_refine.overall_SU_ML                            0.18 
_refine.overall_SU_B                             ? 
_refine.ls_redundancy_reflns_obs                 ? 
_refine.B_iso_min                                ? 
_refine.B_iso_max                                ? 
_refine.overall_SU_R_Cruickshank_DPI             ? 
_refine.overall_SU_R_free                        ? 
_refine.ls_wR_factor_R_free                      ? 
_refine.ls_wR_factor_R_work                      ? 
_refine.overall_FOM_free_R_set                   ? 
_refine.overall_FOM_work_R_set                   ? 
_refine.pdbx_overall_phase_error                 ? 
_refine.pdbx_refine_id                           'X-RAY DIFFRACTION' 
_refine.pdbx_diffrn_id                           1 
_refine.pdbx_TLS_residual_ADP_flag               ? 
_refine.pdbx_overall_SU_R_free_Cruickshank_DPI   ? 
_refine.pdbx_overall_SU_R_Blow_DPI               ? 
_refine.pdbx_overall_SU_R_free_Blow_DPI          ? 
# 
_refine_hist.pdbx_refine_id                   'X-RAY DIFFRACTION' 
_refine_hist.cycle_id                         LAST 
_refine_hist.pdbx_number_atoms_protein        1186 
_refine_hist.pdbx_number_atoms_nucleic_acid   0 
_refine_hist.pdbx_number_atoms_ligand         0 
_refine_hist.number_atoms_solvent             168 
_refine_hist.number_atoms_total               1354 
_refine_hist.d_res_high                       1.771 
_refine_hist.d_res_low                        35.900 
# 
loop_
_refine_ls_shell.pdbx_total_number_of_bins_used 
_refine_ls_shell.d_res_high 
_refine_ls_shell.d_res_low 
_refine_ls_shell.number_reflns_R_work 
_refine_ls_shell.R_factor_R_work 
_refine_ls_shell.percent_reflns_obs 
_refine_ls_shell.R_factor_R_free 
_refine_ls_shell.R_factor_R_free_error 
_refine_ls_shell.percent_reflns_R_free 
_refine_ls_shell.number_reflns_R_free 
_refine_ls_shell.number_reflns_all 
_refine_ls_shell.R_factor_all 
_refine_ls_shell.number_reflns_obs 
_refine_ls_shell.redundancy_reflns_obs 
_refine_ls_shell.pdbx_refine_id 
. 1.7714 1.8520  2452 0.1645 96.00  0.1966 . . 146 . . . . 'X-RAY DIFFRACTION' 
. 1.8520 1.9496  2500 0.1591 97.00  0.2029 . . 137 . . . . 'X-RAY DIFFRACTION' 
. 1.9496 2.0717  2572 0.1609 98.00  0.2071 . . 137 . . . . 'X-RAY DIFFRACTION' 
. 2.0717 2.2317  2563 0.1649 99.00  0.2058 . . 133 . . . . 'X-RAY DIFFRACTION' 
. 2.2317 2.4562  2565 0.1757 99.00  0.1894 . . 164 . . . . 'X-RAY DIFFRACTION' 
. 2.4562 2.8115  2632 0.1947 99.00  0.2397 . . 123 . . . . 'X-RAY DIFFRACTION' 
. 2.8115 3.5417  2669 0.1831 100.00 0.1897 . . 135 . . . . 'X-RAY DIFFRACTION' 
. 3.5417 35.9073 2740 0.1810 99.00  0.1747 . . 159 . . . . 'X-RAY DIFFRACTION' 
# 
_struct.entry_id                  3HDC 
_struct.title                     'The crystal structure of thioredoxin protein from Geobacter metallireducens' 
_struct.pdbx_model_details        ? 
_struct.pdbx_CASP_flag            ? 
_struct.pdbx_model_type_details   ? 
# 
_struct_keywords.entry_id        3HDC 
_struct_keywords.pdbx_keywords   OXIDOREDUCTASE 
_struct_keywords.text            
;thioredoxin, Geobacter metallireducens, GS-15, ATCC53774, DSM 7210, 11211i, Structural Genomics, PSI-2, Protein Structure Initiative, New York SGX Research Center for Structural Genomics, NYSGXRC, OXIDOREDUCTASE
;
# 
loop_
_struct_asym.id 
_struct_asym.pdbx_blank_PDB_chainid_flag 
_struct_asym.pdbx_modified 
_struct_asym.entity_id 
_struct_asym.details 
A N N 1 ? 
B N N 2 ? 
# 
_struct_ref.id                         1 
_struct_ref.db_name                    UNP 
_struct_ref.db_code                    Q39VV7_GEOMG 
_struct_ref.pdbx_db_accession          Q39VV7 
_struct_ref.entity_id                  1 
_struct_ref.pdbx_seq_one_letter_code   
;APGKAESDAPLVRTGALAPNFKLPTLSGENKSLAQYRGKIVLVNFWASWCPYCRDEMPSMDRLVKSFPKGDLVVLAVNVE
KRFPEKYRRAPVSFNFLSDATGQVQQRYGANRLPDTFIVDRKGIIRQRVTGGIEWDAPKVVSYLKSL
;
_struct_ref.pdbx_align_begin           22 
_struct_ref.pdbx_db_isoform            ? 
# 
_struct_ref_seq.align_id                      1 
_struct_ref_seq.ref_id                        1 
_struct_ref_seq.pdbx_PDB_id_code              3HDC 
_struct_ref_seq.pdbx_strand_id                A 
_struct_ref_seq.seq_align_beg                 4 
_struct_ref_seq.pdbx_seq_align_beg_ins_code   ? 
_struct_ref_seq.seq_align_end                 150 
_struct_ref_seq.pdbx_seq_align_end_ins_code   ? 
_struct_ref_seq.pdbx_db_accession             Q39VV7 
_struct_ref_seq.db_align_beg                  22 
_struct_ref_seq.pdbx_db_align_beg_ins_code    ? 
_struct_ref_seq.db_align_end                  168 
_struct_ref_seq.pdbx_db_align_end_ins_code    ? 
_struct_ref_seq.pdbx_auth_seq_align_beg       22 
_struct_ref_seq.pdbx_auth_seq_align_end       168 
# 
loop_
_struct_ref_seq_dif.align_id 
_struct_ref_seq_dif.pdbx_pdb_id_code 
_struct_ref_seq_dif.mon_id 
_struct_ref_seq_dif.pdbx_pdb_strand_id 
_struct_ref_seq_dif.seq_num 
_struct_ref_seq_dif.pdbx_pdb_ins_code 
_struct_ref_seq_dif.pdbx_seq_db_name 
_struct_ref_seq_dif.pdbx_seq_db_accession_code 
_struct_ref_seq_dif.db_mon_id 
_struct_ref_seq_dif.pdbx_seq_db_seq_num 
_struct_ref_seq_dif.details 
_struct_ref_seq_dif.pdbx_auth_seq_num 
_struct_ref_seq_dif.pdbx_ordinal 
1 3HDC MSE A 1   ? UNP Q39VV7 ? ? 'expression tag' 19  1  
1 3HDC SER A 2   ? UNP Q39VV7 ? ? 'expression tag' 20  2  
1 3HDC LEU A 3   ? UNP Q39VV7 ? ? 'expression tag' 21  3  
1 3HDC GLU A 151 ? UNP Q39VV7 ? ? 'expression tag' 169 4  
1 3HDC GLY A 152 ? UNP Q39VV7 ? ? 'expression tag' 170 5  
1 3HDC HIS A 153 ? UNP Q39VV7 ? ? 'expression tag' 171 6  
1 3HDC HIS A 154 ? UNP Q39VV7 ? ? 'expression tag' 172 7  
1 3HDC HIS A 155 ? UNP Q39VV7 ? ? 'expression tag' 173 8  
1 3HDC HIS A 156 ? UNP Q39VV7 ? ? 'expression tag' 174 9  
1 3HDC HIS A 157 ? UNP Q39VV7 ? ? 'expression tag' 175 10 
1 3HDC HIS A 158 ? UNP Q39VV7 ? ? 'expression tag' 176 11 
# 
_pdbx_struct_assembly.id                   1 
_pdbx_struct_assembly.details              author_and_software_defined_assembly 
_pdbx_struct_assembly.method_details       PISA 
_pdbx_struct_assembly.oligomeric_details   dimeric 
_pdbx_struct_assembly.oligomeric_count     2 
# 
loop_
_pdbx_struct_assembly_prop.biol_id 
_pdbx_struct_assembly_prop.type 
_pdbx_struct_assembly_prop.value 
_pdbx_struct_assembly_prop.details 
1 'ABSA (A^2)' 2740  ? 
1 MORE         -10   ? 
1 'SSA (A^2)'  15160 ? 
# 
_pdbx_struct_assembly_gen.assembly_id       1 
_pdbx_struct_assembly_gen.oper_expression   1,2 
_pdbx_struct_assembly_gen.asym_id_list      A,B 
# 
loop_
_pdbx_struct_oper_list.id 
_pdbx_struct_oper_list.type 
_pdbx_struct_oper_list.name 
_pdbx_struct_oper_list.symmetry_operation 
_pdbx_struct_oper_list.matrix[1][1] 
_pdbx_struct_oper_list.matrix[1][2] 
_pdbx_struct_oper_list.matrix[1][3] 
_pdbx_struct_oper_list.vector[1] 
_pdbx_struct_oper_list.matrix[2][1] 
_pdbx_struct_oper_list.matrix[2][2] 
_pdbx_struct_oper_list.matrix[2][3] 
_pdbx_struct_oper_list.vector[2] 
_pdbx_struct_oper_list.matrix[3][1] 
_pdbx_struct_oper_list.matrix[3][2] 
_pdbx_struct_oper_list.matrix[3][3] 
_pdbx_struct_oper_list.vector[3] 
1 'identity operation'         1_555 x,y,z         1.0000000000 0.0000000000 0.0000000000  0.0000000000 0.0000000000 1.0000000000  0.0000000000  0.0000000000   0.0000000000  0.0000000000  1.0000000000  0.0000000000   
2 'crystal symmetry operation' 5_555 x-y,-y,-z+2/3 0.6766318973 0.6667291380 -0.3124764506 5.6918183919 0.6667291380 -0.7348686112 -0.1242593290 -24.2978487615 -0.3124764506 -0.1242593290 -0.9417632861 -21.3040037981 
# 
_struct_biol.id        1 
_struct_biol.details   'dimer, the second molecule is generated by the two fold axis: X-Y, -Y, Z+2/3.' 
# 
loop_
_struct_conf.conf_type_id 
_struct_conf.id 
_struct_conf.pdbx_PDB_helix_id 
_struct_conf.beg_label_comp_id 
_struct_conf.beg_label_asym_id 
_struct_conf.beg_label_seq_id 
_struct_conf.pdbx_beg_PDB_ins_code 
_struct_conf.end_label_comp_id 
_struct_conf.end_label_asym_id 
_struct_conf.end_label_seq_id 
_struct_conf.pdbx_end_PDB_ins_code 
_struct_conf.beg_auth_comp_id 
_struct_conf.beg_auth_asym_id 
_struct_conf.beg_auth_seq_id 
_struct_conf.end_auth_comp_id 
_struct_conf.end_auth_asym_id 
_struct_conf.end_auth_seq_id 
_struct_conf.pdbx_PDB_helix_class 
_struct_conf.details 
_struct_conf.pdbx_PDB_helix_length 
HELX_P HELX_P1 1 ALA A 37  ? ARG A 40  ? ALA A 55  ARG A 58  5 ? 4  
HELX_P HELX_P2 2 CYS A 53  ? PHE A 70  ? CYS A 71  PHE A 88  1 ? 18 
HELX_P HELX_P3 3 PRO A 87  ? ALA A 93  ? PRO A 105 ALA A 111 5 ? 7  
HELX_P HELX_P4 4 GLY A 105 ? TYR A 111 ? GLY A 123 TYR A 129 1 ? 7  
HELX_P HELX_P5 5 ALA A 140 ? SER A 149 ? ALA A 158 SER A 167 1 ? 10 
# 
_struct_conf_type.id          HELX_P 
_struct_conf_type.criteria    ? 
_struct_conf_type.reference   ? 
# 
loop_
_struct_conn.id 
_struct_conn.conn_type_id 
_struct_conn.pdbx_leaving_atom_flag 
_struct_conn.pdbx_PDB_id 
_struct_conn.ptnr1_label_asym_id 
_struct_conn.ptnr1_label_comp_id 
_struct_conn.ptnr1_label_seq_id 
_struct_conn.ptnr1_label_atom_id 
_struct_conn.pdbx_ptnr1_label_alt_id 
_struct_conn.pdbx_ptnr1_PDB_ins_code 
_struct_conn.pdbx_ptnr1_standard_comp_id 
_struct_conn.ptnr1_symmetry 
_struct_conn.ptnr2_label_asym_id 
_struct_conn.ptnr2_label_comp_id 
_struct_conn.ptnr2_label_seq_id 
_struct_conn.ptnr2_label_atom_id 
_struct_conn.pdbx_ptnr2_label_alt_id 
_struct_conn.pdbx_ptnr2_PDB_ins_code 
_struct_conn.ptnr1_auth_asym_id 
_struct_conn.ptnr1_auth_comp_id 
_struct_conn.ptnr1_auth_seq_id 
_struct_conn.ptnr2_auth_asym_id 
_struct_conn.ptnr2_auth_comp_id 
_struct_conn.ptnr2_auth_seq_id 
_struct_conn.ptnr2_symmetry 
_struct_conn.pdbx_ptnr3_label_atom_id 
_struct_conn.pdbx_ptnr3_label_seq_id 
_struct_conn.pdbx_ptnr3_label_comp_id 
_struct_conn.pdbx_ptnr3_label_asym_id 
_struct_conn.pdbx_ptnr3_label_alt_id 
_struct_conn.pdbx_ptnr3_PDB_ins_code 
_struct_conn.details 
_struct_conn.pdbx_dist_value 
_struct_conn.pdbx_value_order 
_struct_conn.pdbx_role 
covale1 covale both ? A GLU 59 C ? ? ? 1_555 A MSE 60 N ? ? A GLU 77 A MSE 78 1_555 ? ? ? ? ? ? ? 1.334 ? ? 
covale2 covale both ? A MSE 60 C ? ? ? 1_555 A PRO 61 N ? ? A MSE 78 A PRO 79 1_555 ? ? ? ? ? ? ? 1.340 ? ? 
covale3 covale both ? A SER 62 C ? ? ? 1_555 A MSE 63 N ? ? A SER 80 A MSE 81 1_555 ? ? ? ? ? ? ? 1.335 ? ? 
covale4 covale both ? A MSE 63 C ? ? ? 1_555 A ASP 64 N ? ? A MSE 81 A ASP 82 1_555 ? ? ? ? ? ? ? 1.333 ? ? 
# 
_struct_conn_type.id          covale 
_struct_conn_type.criteria    ? 
_struct_conn_type.reference   ? 
# 
loop_
_pdbx_modification_feature.ordinal 
_pdbx_modification_feature.label_comp_id 
_pdbx_modification_feature.label_asym_id 
_pdbx_modification_feature.label_seq_id 
_pdbx_modification_feature.label_alt_id 
_pdbx_modification_feature.modified_residue_label_comp_id 
_pdbx_modification_feature.modified_residue_label_asym_id 
_pdbx_modification_feature.modified_residue_label_seq_id 
_pdbx_modification_feature.modified_residue_label_alt_id 
_pdbx_modification_feature.auth_comp_id 
_pdbx_modification_feature.auth_asym_id 
_pdbx_modification_feature.auth_seq_id 
_pdbx_modification_feature.PDB_ins_code 
_pdbx_modification_feature.symmetry 
_pdbx_modification_feature.modified_residue_auth_comp_id 
_pdbx_modification_feature.modified_residue_auth_asym_id 
_pdbx_modification_feature.modified_residue_auth_seq_id 
_pdbx_modification_feature.modified_residue_PDB_ins_code 
_pdbx_modification_feature.modified_residue_symmetry 
_pdbx_modification_feature.comp_id_linking_atom 
_pdbx_modification_feature.modified_residue_id_linking_atom 
_pdbx_modification_feature.modified_residue_id 
_pdbx_modification_feature.ref_pcm_id 
_pdbx_modification_feature.ref_comp_id 
_pdbx_modification_feature.type 
_pdbx_modification_feature.category 
1 MSE A 60 ? . . . . MSE A 78 ? 1_555 . . . . . . . MET 1 MSE Selenomethionine 'Named protein modification' 
2 MSE A 63 ? . . . . MSE A 81 ? 1_555 . . . . . . . MET 1 MSE Selenomethionine 'Named protein modification' 
# 
_struct_mon_prot_cis.pdbx_id                1 
_struct_mon_prot_cis.label_comp_id          LEU 
_struct_mon_prot_cis.label_seq_id           116 
_struct_mon_prot_cis.label_asym_id          A 
_struct_mon_prot_cis.label_alt_id           . 
_struct_mon_prot_cis.pdbx_PDB_ins_code      ? 
_struct_mon_prot_cis.auth_comp_id           LEU 
_struct_mon_prot_cis.auth_seq_id            134 
_struct_mon_prot_cis.auth_asym_id           A 
_struct_mon_prot_cis.pdbx_label_comp_id_2   PRO 
_struct_mon_prot_cis.pdbx_label_seq_id_2    117 
_struct_mon_prot_cis.pdbx_label_asym_id_2   A 
_struct_mon_prot_cis.pdbx_PDB_ins_code_2    ? 
_struct_mon_prot_cis.pdbx_auth_comp_id_2    PRO 
_struct_mon_prot_cis.pdbx_auth_seq_id_2     135 
_struct_mon_prot_cis.pdbx_auth_asym_id_2    A 
_struct_mon_prot_cis.pdbx_PDB_model_num     1 
_struct_mon_prot_cis.pdbx_omega_angle       -5.91 
# 
loop_
_struct_sheet.id 
_struct_sheet.type 
_struct_sheet.number_strands 
_struct_sheet.details 
A ? 2 ? 
B ? 5 ? 
# 
loop_
_struct_sheet_order.sheet_id 
_struct_sheet_order.range_id_1 
_struct_sheet_order.range_id_2 
_struct_sheet_order.offset 
_struct_sheet_order.sense 
A 1 2 ? anti-parallel 
B 1 2 ? parallel      
B 2 3 ? parallel      
B 3 4 ? anti-parallel 
B 4 5 ? anti-parallel 
# 
loop_
_struct_sheet_range.sheet_id 
_struct_sheet_range.id 
_struct_sheet_range.beg_label_comp_id 
_struct_sheet_range.beg_label_asym_id 
_struct_sheet_range.beg_label_seq_id 
_struct_sheet_range.pdbx_beg_PDB_ins_code 
_struct_sheet_range.end_label_comp_id 
_struct_sheet_range.end_label_asym_id 
_struct_sheet_range.end_label_seq_id 
_struct_sheet_range.pdbx_end_PDB_ins_code 
_struct_sheet_range.beg_auth_comp_id 
_struct_sheet_range.beg_auth_asym_id 
_struct_sheet_range.beg_auth_seq_id 
_struct_sheet_range.end_auth_comp_id 
_struct_sheet_range.end_auth_asym_id 
_struct_sheet_range.end_auth_seq_id 
A 1 LYS A 25  ? PRO A 27  ? LYS A 43  PRO A 45  
A 2 ASN A 33  ? SER A 35  ? ASN A 51  SER A 53  
B 1 ASN A 98  ? SER A 101 ? ASN A 116 SER A 119 
B 2 LEU A 75  ? ASN A 81  ? LEU A 93  ASN A 99  
B 3 ILE A 43  ? TRP A 49  ? ILE A 61  TRP A 67  
B 4 ASP A 118 ? VAL A 122 ? ASP A 136 VAL A 140 
B 5 ILE A 128 ? THR A 133 ? ILE A 146 THR A 151 
# 
loop_
_pdbx_struct_sheet_hbond.sheet_id 
_pdbx_struct_sheet_hbond.range_id_1 
_pdbx_struct_sheet_hbond.range_id_2 
_pdbx_struct_sheet_hbond.range_1_label_atom_id 
_pdbx_struct_sheet_hbond.range_1_label_comp_id 
_pdbx_struct_sheet_hbond.range_1_label_asym_id 
_pdbx_struct_sheet_hbond.range_1_label_seq_id 
_pdbx_struct_sheet_hbond.range_1_PDB_ins_code 
_pdbx_struct_sheet_hbond.range_1_auth_atom_id 
_pdbx_struct_sheet_hbond.range_1_auth_comp_id 
_pdbx_struct_sheet_hbond.range_1_auth_asym_id 
_pdbx_struct_sheet_hbond.range_1_auth_seq_id 
_pdbx_struct_sheet_hbond.range_2_label_atom_id 
_pdbx_struct_sheet_hbond.range_2_label_comp_id 
_pdbx_struct_sheet_hbond.range_2_label_asym_id 
_pdbx_struct_sheet_hbond.range_2_label_seq_id 
_pdbx_struct_sheet_hbond.range_2_PDB_ins_code 
_pdbx_struct_sheet_hbond.range_2_auth_atom_id 
_pdbx_struct_sheet_hbond.range_2_auth_comp_id 
_pdbx_struct_sheet_hbond.range_2_auth_asym_id 
_pdbx_struct_sheet_hbond.range_2_auth_seq_id 
A 1 2 N LEU A 26  ? N LEU A 44  O LYS A 34  ? O LYS A 52  
B 1 2 O LEU A 100 ? O LEU A 118 N ASN A 81  ? N ASN A 99  
B 2 3 O VAL A 76  ? O VAL A 94  N LEU A 45  ? N LEU A 63  
B 3 4 N VAL A 44  ? N VAL A 62  O VAL A 122 ? O VAL A 140 
B 4 5 N THR A 119 ? N THR A 137 O VAL A 132 ? O VAL A 150 
# 
_pdbx_entry_details.entry_id                   3HDC 
_pdbx_entry_details.compound_details           ? 
_pdbx_entry_details.source_details             ? 
_pdbx_entry_details.nonpolymer_details         ? 
_pdbx_entry_details.sequence_details           ? 
_pdbx_entry_details.has_ligand_of_interest     ? 
_pdbx_entry_details.has_protein_modification   Y 
# 
_pdbx_validate_torsion.id              1 
_pdbx_validate_torsion.PDB_model_num   1 
_pdbx_validate_torsion.auth_comp_id    SER 
_pdbx_validate_torsion.auth_asym_id    A 
_pdbx_validate_torsion.auth_seq_id     114 
_pdbx_validate_torsion.PDB_ins_code    ? 
_pdbx_validate_torsion.label_alt_id    ? 
_pdbx_validate_torsion.phi             -92.93 
_pdbx_validate_torsion.psi             55.77 
# 
_pdbx_SG_project.id                    1 
_pdbx_SG_project.project_name          'PSI, Protein Structure Initiative' 
_pdbx_SG_project.full_name_of_center   'New York SGX Research Center for Structural Genomics' 
_pdbx_SG_project.initial_of_center     NYSGXRC 
# 
loop_
_pdbx_struct_mod_residue.id 
_pdbx_struct_mod_residue.label_asym_id 
_pdbx_struct_mod_residue.label_comp_id 
_pdbx_struct_mod_residue.label_seq_id 
_pdbx_struct_mod_residue.auth_asym_id 
_pdbx_struct_mod_residue.auth_comp_id 
_pdbx_struct_mod_residue.auth_seq_id 
_pdbx_struct_mod_residue.PDB_ins_code 
_pdbx_struct_mod_residue.parent_comp_id 
_pdbx_struct_mod_residue.details 
1 A MSE 60 A MSE 78 ? MET SELENOMETHIONINE 
2 A MSE 63 A MSE 81 ? MET SELENOMETHIONINE 
# 
loop_
_pdbx_unobs_or_zero_occ_residues.id 
_pdbx_unobs_or_zero_occ_residues.PDB_model_num 
_pdbx_unobs_or_zero_occ_residues.polymer_flag 
_pdbx_unobs_or_zero_occ_residues.occupancy_flag 
_pdbx_unobs_or_zero_occ_residues.auth_asym_id 
_pdbx_unobs_or_zero_occ_residues.auth_comp_id 
_pdbx_unobs_or_zero_occ_residues.auth_seq_id 
_pdbx_unobs_or_zero_occ_residues.PDB_ins_code 
_pdbx_unobs_or_zero_occ_residues.label_asym_id 
_pdbx_unobs_or_zero_occ_residues.label_comp_id 
_pdbx_unobs_or_zero_occ_residues.label_seq_id 
1 1 Y 1 A MSE 19  ? A MSE 1   
2 1 Y 1 A GLY 170 ? A GLY 152 
3 1 Y 1 A HIS 171 ? A HIS 153 
4 1 Y 1 A HIS 172 ? A HIS 154 
5 1 Y 1 A HIS 173 ? A HIS 155 
6 1 Y 1 A HIS 174 ? A HIS 156 
7 1 Y 1 A HIS 175 ? A HIS 157 
8 1 Y 1 A HIS 176 ? A HIS 158 
# 
loop_
_chem_comp_atom.comp_id 
_chem_comp_atom.atom_id 
_chem_comp_atom.type_symbol 
_chem_comp_atom.pdbx_aromatic_flag 
_chem_comp_atom.pdbx_stereo_config 
_chem_comp_atom.pdbx_ordinal 
ALA N    N  N N 1   
ALA CA   C  N S 2   
ALA C    C  N N 3   
ALA O    O  N N 4   
ALA CB   C  N N 5   
ALA OXT  O  N N 6   
ALA H    H  N N 7   
ALA H2   H  N N 8   
ALA HA   H  N N 9   
ALA HB1  H  N N 10  
ALA HB2  H  N N 11  
ALA HB3  H  N N 12  
ALA HXT  H  N N 13  
ARG N    N  N N 14  
ARG CA   C  N S 15  
ARG C    C  N N 16  
ARG O    O  N N 17  
ARG CB   C  N N 18  
ARG CG   C  N N 19  
ARG CD   C  N N 20  
ARG NE   N  N N 21  
ARG CZ   C  N N 22  
ARG NH1  N  N N 23  
ARG NH2  N  N N 24  
ARG OXT  O  N N 25  
ARG H    H  N N 26  
ARG H2   H  N N 27  
ARG HA   H  N N 28  
ARG HB2  H  N N 29  
ARG HB3  H  N N 30  
ARG HG2  H  N N 31  
ARG HG3  H  N N 32  
ARG HD2  H  N N 33  
ARG HD3  H  N N 34  
ARG HE   H  N N 35  
ARG HH11 H  N N 36  
ARG HH12 H  N N 37  
ARG HH21 H  N N 38  
ARG HH22 H  N N 39  
ARG HXT  H  N N 40  
ASN N    N  N N 41  
ASN CA   C  N S 42  
ASN C    C  N N 43  
ASN O    O  N N 44  
ASN CB   C  N N 45  
ASN CG   C  N N 46  
ASN OD1  O  N N 47  
ASN ND2  N  N N 48  
ASN OXT  O  N N 49  
ASN H    H  N N 50  
ASN H2   H  N N 51  
ASN HA   H  N N 52  
ASN HB2  H  N N 53  
ASN HB3  H  N N 54  
ASN HD21 H  N N 55  
ASN HD22 H  N N 56  
ASN HXT  H  N N 57  
ASP N    N  N N 58  
ASP CA   C  N S 59  
ASP C    C  N N 60  
ASP O    O  N N 61  
ASP CB   C  N N 62  
ASP CG   C  N N 63  
ASP OD1  O  N N 64  
ASP OD2  O  N N 65  
ASP OXT  O  N N 66  
ASP H    H  N N 67  
ASP H2   H  N N 68  
ASP HA   H  N N 69  
ASP HB2  H  N N 70  
ASP HB3  H  N N 71  
ASP HD2  H  N N 72  
ASP HXT  H  N N 73  
CYS N    N  N N 74  
CYS CA   C  N R 75  
CYS C    C  N N 76  
CYS O    O  N N 77  
CYS CB   C  N N 78  
CYS SG   S  N N 79  
CYS OXT  O  N N 80  
CYS H    H  N N 81  
CYS H2   H  N N 82  
CYS HA   H  N N 83  
CYS HB2  H  N N 84  
CYS HB3  H  N N 85  
CYS HG   H  N N 86  
CYS HXT  H  N N 87  
GLN N    N  N N 88  
GLN CA   C  N S 89  
GLN C    C  N N 90  
GLN O    O  N N 91  
GLN CB   C  N N 92  
GLN CG   C  N N 93  
GLN CD   C  N N 94  
GLN OE1  O  N N 95  
GLN NE2  N  N N 96  
GLN OXT  O  N N 97  
GLN H    H  N N 98  
GLN H2   H  N N 99  
GLN HA   H  N N 100 
GLN HB2  H  N N 101 
GLN HB3  H  N N 102 
GLN HG2  H  N N 103 
GLN HG3  H  N N 104 
GLN HE21 H  N N 105 
GLN HE22 H  N N 106 
GLN HXT  H  N N 107 
GLU N    N  N N 108 
GLU CA   C  N S 109 
GLU C    C  N N 110 
GLU O    O  N N 111 
GLU CB   C  N N 112 
GLU CG   C  N N 113 
GLU CD   C  N N 114 
GLU OE1  O  N N 115 
GLU OE2  O  N N 116 
GLU OXT  O  N N 117 
GLU H    H  N N 118 
GLU H2   H  N N 119 
GLU HA   H  N N 120 
GLU HB2  H  N N 121 
GLU HB3  H  N N 122 
GLU HG2  H  N N 123 
GLU HG3  H  N N 124 
GLU HE2  H  N N 125 
GLU HXT  H  N N 126 
GLY N    N  N N 127 
GLY CA   C  N N 128 
GLY C    C  N N 129 
GLY O    O  N N 130 
GLY OXT  O  N N 131 
GLY H    H  N N 132 
GLY H2   H  N N 133 
GLY HA2  H  N N 134 
GLY HA3  H  N N 135 
GLY HXT  H  N N 136 
HIS N    N  N N 137 
HIS CA   C  N S 138 
HIS C    C  N N 139 
HIS O    O  N N 140 
HIS CB   C  N N 141 
HIS CG   C  Y N 142 
HIS ND1  N  Y N 143 
HIS CD2  C  Y N 144 
HIS CE1  C  Y N 145 
HIS NE2  N  Y N 146 
HIS OXT  O  N N 147 
HIS H    H  N N 148 
HIS H2   H  N N 149 
HIS HA   H  N N 150 
HIS HB2  H  N N 151 
HIS HB3  H  N N 152 
HIS HD1  H  N N 153 
HIS HD2  H  N N 154 
HIS HE1  H  N N 155 
HIS HE2  H  N N 156 
HIS HXT  H  N N 157 
HOH O    O  N N 158 
HOH H1   H  N N 159 
HOH H2   H  N N 160 
ILE N    N  N N 161 
ILE CA   C  N S 162 
ILE C    C  N N 163 
ILE O    O  N N 164 
ILE CB   C  N S 165 
ILE CG1  C  N N 166 
ILE CG2  C  N N 167 
ILE CD1  C  N N 168 
ILE OXT  O  N N 169 
ILE H    H  N N 170 
ILE H2   H  N N 171 
ILE HA   H  N N 172 
ILE HB   H  N N 173 
ILE HG12 H  N N 174 
ILE HG13 H  N N 175 
ILE HG21 H  N N 176 
ILE HG22 H  N N 177 
ILE HG23 H  N N 178 
ILE HD11 H  N N 179 
ILE HD12 H  N N 180 
ILE HD13 H  N N 181 
ILE HXT  H  N N 182 
LEU N    N  N N 183 
LEU CA   C  N S 184 
LEU C    C  N N 185 
LEU O    O  N N 186 
LEU CB   C  N N 187 
LEU CG   C  N N 188 
LEU CD1  C  N N 189 
LEU CD2  C  N N 190 
LEU OXT  O  N N 191 
LEU H    H  N N 192 
LEU H2   H  N N 193 
LEU HA   H  N N 194 
LEU HB2  H  N N 195 
LEU HB3  H  N N 196 
LEU HG   H  N N 197 
LEU HD11 H  N N 198 
LEU HD12 H  N N 199 
LEU HD13 H  N N 200 
LEU HD21 H  N N 201 
LEU HD22 H  N N 202 
LEU HD23 H  N N 203 
LEU HXT  H  N N 204 
LYS N    N  N N 205 
LYS CA   C  N S 206 
LYS C    C  N N 207 
LYS O    O  N N 208 
LYS CB   C  N N 209 
LYS CG   C  N N 210 
LYS CD   C  N N 211 
LYS CE   C  N N 212 
LYS NZ   N  N N 213 
LYS OXT  O  N N 214 
LYS H    H  N N 215 
LYS H2   H  N N 216 
LYS HA   H  N N 217 
LYS HB2  H  N N 218 
LYS HB3  H  N N 219 
LYS HG2  H  N N 220 
LYS HG3  H  N N 221 
LYS HD2  H  N N 222 
LYS HD3  H  N N 223 
LYS HE2  H  N N 224 
LYS HE3  H  N N 225 
LYS HZ1  H  N N 226 
LYS HZ2  H  N N 227 
LYS HZ3  H  N N 228 
LYS HXT  H  N N 229 
MSE N    N  N N 230 
MSE CA   C  N S 231 
MSE C    C  N N 232 
MSE O    O  N N 233 
MSE OXT  O  N N 234 
MSE CB   C  N N 235 
MSE CG   C  N N 236 
MSE SE   SE N N 237 
MSE CE   C  N N 238 
MSE H    H  N N 239 
MSE H2   H  N N 240 
MSE HA   H  N N 241 
MSE HXT  H  N N 242 
MSE HB2  H  N N 243 
MSE HB3  H  N N 244 
MSE HG2  H  N N 245 
MSE HG3  H  N N 246 
MSE HE1  H  N N 247 
MSE HE2  H  N N 248 
MSE HE3  H  N N 249 
PHE N    N  N N 250 
PHE CA   C  N S 251 
PHE C    C  N N 252 
PHE O    O  N N 253 
PHE CB   C  N N 254 
PHE CG   C  Y N 255 
PHE CD1  C  Y N 256 
PHE CD2  C  Y N 257 
PHE CE1  C  Y N 258 
PHE CE2  C  Y N 259 
PHE CZ   C  Y N 260 
PHE OXT  O  N N 261 
PHE H    H  N N 262 
PHE H2   H  N N 263 
PHE HA   H  N N 264 
PHE HB2  H  N N 265 
PHE HB3  H  N N 266 
PHE HD1  H  N N 267 
PHE HD2  H  N N 268 
PHE HE1  H  N N 269 
PHE HE2  H  N N 270 
PHE HZ   H  N N 271 
PHE HXT  H  N N 272 
PRO N    N  N N 273 
PRO CA   C  N S 274 
PRO C    C  N N 275 
PRO O    O  N N 276 
PRO CB   C  N N 277 
PRO CG   C  N N 278 
PRO CD   C  N N 279 
PRO OXT  O  N N 280 
PRO H    H  N N 281 
PRO HA   H  N N 282 
PRO HB2  H  N N 283 
PRO HB3  H  N N 284 
PRO HG2  H  N N 285 
PRO HG3  H  N N 286 
PRO HD2  H  N N 287 
PRO HD3  H  N N 288 
PRO HXT  H  N N 289 
SER N    N  N N 290 
SER CA   C  N S 291 
SER C    C  N N 292 
SER O    O  N N 293 
SER CB   C  N N 294 
SER OG   O  N N 295 
SER OXT  O  N N 296 
SER H    H  N N 297 
SER H2   H  N N 298 
SER HA   H  N N 299 
SER HB2  H  N N 300 
SER HB3  H  N N 301 
SER HG   H  N N 302 
SER HXT  H  N N 303 
THR N    N  N N 304 
THR CA   C  N S 305 
THR C    C  N N 306 
THR O    O  N N 307 
THR CB   C  N R 308 
THR OG1  O  N N 309 
THR CG2  C  N N 310 
THR OXT  O  N N 311 
THR H    H  N N 312 
THR H2   H  N N 313 
THR HA   H  N N 314 
THR HB   H  N N 315 
THR HG1  H  N N 316 
THR HG21 H  N N 317 
THR HG22 H  N N 318 
THR HG23 H  N N 319 
THR HXT  H  N N 320 
TRP N    N  N N 321 
TRP CA   C  N S 322 
TRP C    C  N N 323 
TRP O    O  N N 324 
TRP CB   C  N N 325 
TRP CG   C  Y N 326 
TRP CD1  C  Y N 327 
TRP CD2  C  Y N 328 
TRP NE1  N  Y N 329 
TRP CE2  C  Y N 330 
TRP CE3  C  Y N 331 
TRP CZ2  C  Y N 332 
TRP CZ3  C  Y N 333 
TRP CH2  C  Y N 334 
TRP OXT  O  N N 335 
TRP H    H  N N 336 
TRP H2   H  N N 337 
TRP HA   H  N N 338 
TRP HB2  H  N N 339 
TRP HB3  H  N N 340 
TRP HD1  H  N N 341 
TRP HE1  H  N N 342 
TRP HE3  H  N N 343 
TRP HZ2  H  N N 344 
TRP HZ3  H  N N 345 
TRP HH2  H  N N 346 
TRP HXT  H  N N 347 
TYR N    N  N N 348 
TYR CA   C  N S 349 
TYR C    C  N N 350 
TYR O    O  N N 351 
TYR CB   C  N N 352 
TYR CG   C  Y N 353 
TYR CD1  C  Y N 354 
TYR CD2  C  Y N 355 
TYR CE1  C  Y N 356 
TYR CE2  C  Y N 357 
TYR CZ   C  Y N 358 
TYR OH   O  N N 359 
TYR OXT  O  N N 360 
TYR H    H  N N 361 
TYR H2   H  N N 362 
TYR HA   H  N N 363 
TYR HB2  H  N N 364 
TYR HB3  H  N N 365 
TYR HD1  H  N N 366 
TYR HD2  H  N N 367 
TYR HE1  H  N N 368 
TYR HE2  H  N N 369 
TYR HH   H  N N 370 
TYR HXT  H  N N 371 
VAL N    N  N N 372 
VAL CA   C  N S 373 
VAL C    C  N N 374 
VAL O    O  N N 375 
VAL CB   C  N N 376 
VAL CG1  C  N N 377 
VAL CG2  C  N N 378 
VAL OXT  O  N N 379 
VAL H    H  N N 380 
VAL H2   H  N N 381 
VAL HA   H  N N 382 
VAL HB   H  N N 383 
VAL HG11 H  N N 384 
VAL HG12 H  N N 385 
VAL HG13 H  N N 386 
VAL HG21 H  N N 387 
VAL HG22 H  N N 388 
VAL HG23 H  N N 389 
VAL HXT  H  N N 390 
# 
loop_
_chem_comp_bond.comp_id 
_chem_comp_bond.atom_id_1 
_chem_comp_bond.atom_id_2 
_chem_comp_bond.value_order 
_chem_comp_bond.pdbx_aromatic_flag 
_chem_comp_bond.pdbx_stereo_config 
_chem_comp_bond.pdbx_ordinal 
ALA N   CA   sing N N 1   
ALA N   H    sing N N 2   
ALA N   H2   sing N N 3   
ALA CA  C    sing N N 4   
ALA CA  CB   sing N N 5   
ALA CA  HA   sing N N 6   
ALA C   O    doub N N 7   
ALA C   OXT  sing N N 8   
ALA CB  HB1  sing N N 9   
ALA CB  HB2  sing N N 10  
ALA CB  HB3  sing N N 11  
ALA OXT HXT  sing N N 12  
ARG N   CA   sing N N 13  
ARG N   H    sing N N 14  
ARG N   H2   sing N N 15  
ARG CA  C    sing N N 16  
ARG CA  CB   sing N N 17  
ARG CA  HA   sing N N 18  
ARG C   O    doub N N 19  
ARG C   OXT  sing N N 20  
ARG CB  CG   sing N N 21  
ARG CB  HB2  sing N N 22  
ARG CB  HB3  sing N N 23  
ARG CG  CD   sing N N 24  
ARG CG  HG2  sing N N 25  
ARG CG  HG3  sing N N 26  
ARG CD  NE   sing N N 27  
ARG CD  HD2  sing N N 28  
ARG CD  HD3  sing N N 29  
ARG NE  CZ   sing N N 30  
ARG NE  HE   sing N N 31  
ARG CZ  NH1  sing N N 32  
ARG CZ  NH2  doub N N 33  
ARG NH1 HH11 sing N N 34  
ARG NH1 HH12 sing N N 35  
ARG NH2 HH21 sing N N 36  
ARG NH2 HH22 sing N N 37  
ARG OXT HXT  sing N N 38  
ASN N   CA   sing N N 39  
ASN N   H    sing N N 40  
ASN N   H2   sing N N 41  
ASN CA  C    sing N N 42  
ASN CA  CB   sing N N 43  
ASN CA  HA   sing N N 44  
ASN C   O    doub N N 45  
ASN C   OXT  sing N N 46  
ASN CB  CG   sing N N 47  
ASN CB  HB2  sing N N 48  
ASN CB  HB3  sing N N 49  
ASN CG  OD1  doub N N 50  
ASN CG  ND2  sing N N 51  
ASN ND2 HD21 sing N N 52  
ASN ND2 HD22 sing N N 53  
ASN OXT HXT  sing N N 54  
ASP N   CA   sing N N 55  
ASP N   H    sing N N 56  
ASP N   H2   sing N N 57  
ASP CA  C    sing N N 58  
ASP CA  CB   sing N N 59  
ASP CA  HA   sing N N 60  
ASP C   O    doub N N 61  
ASP C   OXT  sing N N 62  
ASP CB  CG   sing N N 63  
ASP CB  HB2  sing N N 64  
ASP CB  HB3  sing N N 65  
ASP CG  OD1  doub N N 66  
ASP CG  OD2  sing N N 67  
ASP OD2 HD2  sing N N 68  
ASP OXT HXT  sing N N 69  
CYS N   CA   sing N N 70  
CYS N   H    sing N N 71  
CYS N   H2   sing N N 72  
CYS CA  C    sing N N 73  
CYS CA  CB   sing N N 74  
CYS CA  HA   sing N N 75  
CYS C   O    doub N N 76  
CYS C   OXT  sing N N 77  
CYS CB  SG   sing N N 78  
CYS CB  HB2  sing N N 79  
CYS CB  HB3  sing N N 80  
CYS SG  HG   sing N N 81  
CYS OXT HXT  sing N N 82  
GLN N   CA   sing N N 83  
GLN N   H    sing N N 84  
GLN N   H2   sing N N 85  
GLN CA  C    sing N N 86  
GLN CA  CB   sing N N 87  
GLN CA  HA   sing N N 88  
GLN C   O    doub N N 89  
GLN C   OXT  sing N N 90  
GLN CB  CG   sing N N 91  
GLN CB  HB2  sing N N 92  
GLN CB  HB3  sing N N 93  
GLN CG  CD   sing N N 94  
GLN CG  HG2  sing N N 95  
GLN CG  HG3  sing N N 96  
GLN CD  OE1  doub N N 97  
GLN CD  NE2  sing N N 98  
GLN NE2 HE21 sing N N 99  
GLN NE2 HE22 sing N N 100 
GLN OXT HXT  sing N N 101 
GLU N   CA   sing N N 102 
GLU N   H    sing N N 103 
GLU N   H2   sing N N 104 
GLU CA  C    sing N N 105 
GLU CA  CB   sing N N 106 
GLU CA  HA   sing N N 107 
GLU C   O    doub N N 108 
GLU C   OXT  sing N N 109 
GLU CB  CG   sing N N 110 
GLU CB  HB2  sing N N 111 
GLU CB  HB3  sing N N 112 
GLU CG  CD   sing N N 113 
GLU CG  HG2  sing N N 114 
GLU CG  HG3  sing N N 115 
GLU CD  OE1  doub N N 116 
GLU CD  OE2  sing N N 117 
GLU OE2 HE2  sing N N 118 
GLU OXT HXT  sing N N 119 
GLY N   CA   sing N N 120 
GLY N   H    sing N N 121 
GLY N   H2   sing N N 122 
GLY CA  C    sing N N 123 
GLY CA  HA2  sing N N 124 
GLY CA  HA3  sing N N 125 
GLY C   O    doub N N 126 
GLY C   OXT  sing N N 127 
GLY OXT HXT  sing N N 128 
HIS N   CA   sing N N 129 
HIS N   H    sing N N 130 
HIS N   H2   sing N N 131 
HIS CA  C    sing N N 132 
HIS CA  CB   sing N N 133 
HIS CA  HA   sing N N 134 
HIS C   O    doub N N 135 
HIS C   OXT  sing N N 136 
HIS CB  CG   sing N N 137 
HIS CB  HB2  sing N N 138 
HIS CB  HB3  sing N N 139 
HIS CG  ND1  sing Y N 140 
HIS CG  CD2  doub Y N 141 
HIS ND1 CE1  doub Y N 142 
HIS ND1 HD1  sing N N 143 
HIS CD2 NE2  sing Y N 144 
HIS CD2 HD2  sing N N 145 
HIS CE1 NE2  sing Y N 146 
HIS CE1 HE1  sing N N 147 
HIS NE2 HE2  sing N N 148 
HIS OXT HXT  sing N N 149 
HOH O   H1   sing N N 150 
HOH O   H2   sing N N 151 
ILE N   CA   sing N N 152 
ILE N   H    sing N N 153 
ILE N   H2   sing N N 154 
ILE CA  C    sing N N 155 
ILE CA  CB   sing N N 156 
ILE CA  HA   sing N N 157 
ILE C   O    doub N N 158 
ILE C   OXT  sing N N 159 
ILE CB  CG1  sing N N 160 
ILE CB  CG2  sing N N 161 
ILE CB  HB   sing N N 162 
ILE CG1 CD1  sing N N 163 
ILE CG1 HG12 sing N N 164 
ILE CG1 HG13 sing N N 165 
ILE CG2 HG21 sing N N 166 
ILE CG2 HG22 sing N N 167 
ILE CG2 HG23 sing N N 168 
ILE CD1 HD11 sing N N 169 
ILE CD1 HD12 sing N N 170 
ILE CD1 HD13 sing N N 171 
ILE OXT HXT  sing N N 172 
LEU N   CA   sing N N 173 
LEU N   H    sing N N 174 
LEU N   H2   sing N N 175 
LEU CA  C    sing N N 176 
LEU CA  CB   sing N N 177 
LEU CA  HA   sing N N 178 
LEU C   O    doub N N 179 
LEU C   OXT  sing N N 180 
LEU CB  CG   sing N N 181 
LEU CB  HB2  sing N N 182 
LEU CB  HB3  sing N N 183 
LEU CG  CD1  sing N N 184 
LEU CG  CD2  sing N N 185 
LEU CG  HG   sing N N 186 
LEU CD1 HD11 sing N N 187 
LEU CD1 HD12 sing N N 188 
LEU CD1 HD13 sing N N 189 
LEU CD2 HD21 sing N N 190 
LEU CD2 HD22 sing N N 191 
LEU CD2 HD23 sing N N 192 
LEU OXT HXT  sing N N 193 
LYS N   CA   sing N N 194 
LYS N   H    sing N N 195 
LYS N   H2   sing N N 196 
LYS CA  C    sing N N 197 
LYS CA  CB   sing N N 198 
LYS CA  HA   sing N N 199 
LYS C   O    doub N N 200 
LYS C   OXT  sing N N 201 
LYS CB  CG   sing N N 202 
LYS CB  HB2  sing N N 203 
LYS CB  HB3  sing N N 204 
LYS CG  CD   sing N N 205 
LYS CG  HG2  sing N N 206 
LYS CG  HG3  sing N N 207 
LYS CD  CE   sing N N 208 
LYS CD  HD2  sing N N 209 
LYS CD  HD3  sing N N 210 
LYS CE  NZ   sing N N 211 
LYS CE  HE2  sing N N 212 
LYS CE  HE3  sing N N 213 
LYS NZ  HZ1  sing N N 214 
LYS NZ  HZ2  sing N N 215 
LYS NZ  HZ3  sing N N 216 
LYS OXT HXT  sing N N 217 
MSE N   CA   sing N N 218 
MSE N   H    sing N N 219 
MSE N   H2   sing N N 220 
MSE CA  C    sing N N 221 
MSE CA  CB   sing N N 222 
MSE CA  HA   sing N N 223 
MSE C   O    doub N N 224 
MSE C   OXT  sing N N 225 
MSE OXT HXT  sing N N 226 
MSE CB  CG   sing N N 227 
MSE CB  HB2  sing N N 228 
MSE CB  HB3  sing N N 229 
MSE CG  SE   sing N N 230 
MSE CG  HG2  sing N N 231 
MSE CG  HG3  sing N N 232 
MSE SE  CE   sing N N 233 
MSE CE  HE1  sing N N 234 
MSE CE  HE2  sing N N 235 
MSE CE  HE3  sing N N 236 
PHE N   CA   sing N N 237 
PHE N   H    sing N N 238 
PHE N   H2   sing N N 239 
PHE CA  C    sing N N 240 
PHE CA  CB   sing N N 241 
PHE CA  HA   sing N N 242 
PHE C   O    doub N N 243 
PHE C   OXT  sing N N 244 
PHE CB  CG   sing N N 245 
PHE CB  HB2  sing N N 246 
PHE CB  HB3  sing N N 247 
PHE CG  CD1  doub Y N 248 
PHE CG  CD2  sing Y N 249 
PHE CD1 CE1  sing Y N 250 
PHE CD1 HD1  sing N N 251 
PHE CD2 CE2  doub Y N 252 
PHE CD2 HD2  sing N N 253 
PHE CE1 CZ   doub Y N 254 
PHE CE1 HE1  sing N N 255 
PHE CE2 CZ   sing Y N 256 
PHE CE2 HE2  sing N N 257 
PHE CZ  HZ   sing N N 258 
PHE OXT HXT  sing N N 259 
PRO N   CA   sing N N 260 
PRO N   CD   sing N N 261 
PRO N   H    sing N N 262 
PRO CA  C    sing N N 263 
PRO CA  CB   sing N N 264 
PRO CA  HA   sing N N 265 
PRO C   O    doub N N 266 
PRO C   OXT  sing N N 267 
PRO CB  CG   sing N N 268 
PRO CB  HB2  sing N N 269 
PRO CB  HB3  sing N N 270 
PRO CG  CD   sing N N 271 
PRO CG  HG2  sing N N 272 
PRO CG  HG3  sing N N 273 
PRO CD  HD2  sing N N 274 
PRO CD  HD3  sing N N 275 
PRO OXT HXT  sing N N 276 
SER N   CA   sing N N 277 
SER N   H    sing N N 278 
SER N   H2   sing N N 279 
SER CA  C    sing N N 280 
SER CA  CB   sing N N 281 
SER CA  HA   sing N N 282 
SER C   O    doub N N 283 
SER C   OXT  sing N N 284 
SER CB  OG   sing N N 285 
SER CB  HB2  sing N N 286 
SER CB  HB3  sing N N 287 
SER OG  HG   sing N N 288 
SER OXT HXT  sing N N 289 
THR N   CA   sing N N 290 
THR N   H    sing N N 291 
THR N   H2   sing N N 292 
THR CA  C    sing N N 293 
THR CA  CB   sing N N 294 
THR CA  HA   sing N N 295 
THR C   O    doub N N 296 
THR C   OXT  sing N N 297 
THR CB  OG1  sing N N 298 
THR CB  CG2  sing N N 299 
THR CB  HB   sing N N 300 
THR OG1 HG1  sing N N 301 
THR CG2 HG21 sing N N 302 
THR CG2 HG22 sing N N 303 
THR CG2 HG23 sing N N 304 
THR OXT HXT  sing N N 305 
TRP N   CA   sing N N 306 
TRP N   H    sing N N 307 
TRP N   H2   sing N N 308 
TRP CA  C    sing N N 309 
TRP CA  CB   sing N N 310 
TRP CA  HA   sing N N 311 
TRP C   O    doub N N 312 
TRP C   OXT  sing N N 313 
TRP CB  CG   sing N N 314 
TRP CB  HB2  sing N N 315 
TRP CB  HB3  sing N N 316 
TRP CG  CD1  doub Y N 317 
TRP CG  CD2  sing Y N 318 
TRP CD1 NE1  sing Y N 319 
TRP CD1 HD1  sing N N 320 
TRP CD2 CE2  doub Y N 321 
TRP CD2 CE3  sing Y N 322 
TRP NE1 CE2  sing Y N 323 
TRP NE1 HE1  sing N N 324 
TRP CE2 CZ2  sing Y N 325 
TRP CE3 CZ3  doub Y N 326 
TRP CE3 HE3  sing N N 327 
TRP CZ2 CH2  doub Y N 328 
TRP CZ2 HZ2  sing N N 329 
TRP CZ3 CH2  sing Y N 330 
TRP CZ3 HZ3  sing N N 331 
TRP CH2 HH2  sing N N 332 
TRP OXT HXT  sing N N 333 
TYR N   CA   sing N N 334 
TYR N   H    sing N N 335 
TYR N   H2   sing N N 336 
TYR CA  C    sing N N 337 
TYR CA  CB   sing N N 338 
TYR CA  HA   sing N N 339 
TYR C   O    doub N N 340 
TYR C   OXT  sing N N 341 
TYR CB  CG   sing N N 342 
TYR CB  HB2  sing N N 343 
TYR CB  HB3  sing N N 344 
TYR CG  CD1  doub Y N 345 
TYR CG  CD2  sing Y N 346 
TYR CD1 CE1  sing Y N 347 
TYR CD1 HD1  sing N N 348 
TYR CD2 CE2  doub Y N 349 
TYR CD2 HD2  sing N N 350 
TYR CE1 CZ   doub Y N 351 
TYR CE1 HE1  sing N N 352 
TYR CE2 CZ   sing Y N 353 
TYR CE2 HE2  sing N N 354 
TYR CZ  OH   sing N N 355 
TYR OH  HH   sing N N 356 
TYR OXT HXT  sing N N 357 
VAL N   CA   sing N N 358 
VAL N   H    sing N N 359 
VAL N   H2   sing N N 360 
VAL CA  C    sing N N 361 
VAL CA  CB   sing N N 362 
VAL CA  HA   sing N N 363 
VAL C   O    doub N N 364 
VAL C   OXT  sing N N 365 
VAL CB  CG1  sing N N 366 
VAL CB  CG2  sing N N 367 
VAL CB  HB   sing N N 368 
VAL CG1 HG11 sing N N 369 
VAL CG1 HG12 sing N N 370 
VAL CG1 HG13 sing N N 371 
VAL CG2 HG21 sing N N 372 
VAL CG2 HG22 sing N N 373 
VAL CG2 HG23 sing N N 374 
VAL OXT HXT  sing N N 375 
# 
_atom_sites.entry_id                    3HDC 
_atom_sites.fract_transf_matrix[1][1]   0.01133253 
_atom_sites.fract_transf_matrix[1][2]   0.01411257 
_atom_sites.fract_transf_matrix[1][3]   -0.00111144 
_atom_sites.fract_transf_matrix[2][1]   -0.00609165 
_atom_sites.fract_transf_matrix[2][2]   0.01678869 
_atom_sites.fract_transf_matrix[2][3]   0.00313644 
_atom_sites.fract_transf_matrix[3][1]   0.00233607 
_atom_sites.fract_transf_matrix[3][2]   -0.00106824 
_atom_sites.fract_transf_matrix[3][3]   0.01025519 
_atom_sites.fract_transf_vector[1]      0.604903 
_atom_sites.fract_transf_vector[2]      0.254710 
_atom_sites.fract_transf_vector[3]      0.422937 
# 
loop_
_atom_type.symbol 
C  
N  
O  
S  
SE 
# 
loop_
_atom_site.group_PDB 
_atom_site.id 
_atom_site.type_symbol 
_atom_site.label_atom_id 
_atom_site.label_alt_id 
_atom_site.label_comp_id 
_atom_site.label_asym_id 
_atom_site.label_entity_id 
_atom_site.label_seq_id 
_atom_site.pdbx_PDB_ins_code 
_atom_site.Cartn_x 
_atom_site.Cartn_y 
_atom_site.Cartn_z 
_atom_site.occupancy 
_atom_site.B_iso_or_equiv 
_atom_site.pdbx_formal_charge 
_atom_site.auth_seq_id 
_atom_site.auth_comp_id 
_atom_site.auth_asym_id 
_atom_site.auth_atom_id 
_atom_site.pdbx_PDB_model_num 
ATOM   1    N  N   . SER A 1 2   ? 23.009  -23.838 -24.221 1.00 41.46 ? 20  SER A N   1 
ATOM   2    C  CA  . SER A 1 2   ? 22.514  -22.488 -23.951 1.00 38.08 ? 20  SER A CA  1 
ATOM   3    C  C   . SER A 1 2   ? 21.840  -21.884 -25.186 1.00 33.66 ? 20  SER A C   1 
ATOM   4    O  O   . SER A 1 2   ? 22.502  -21.521 -26.164 1.00 32.43 ? 20  SER A O   1 
ATOM   5    C  CB  . SER A 1 2   ? 23.648  -21.583 -23.478 1.00 41.56 ? 20  SER A CB  1 
ATOM   6    O  OG  . SER A 1 2   ? 23.131  -20.512 -22.707 1.00 47.43 ? 20  SER A OG  1 
ATOM   7    N  N   . LEU A 1 3   ? 20.517  -21.779 -25.130 1.00 29.78 ? 21  LEU A N   1 
ATOM   8    C  CA  . LEU A 1 3   ? 19.735  -21.307 -26.258 1.00 27.16 ? 21  LEU A CA  1 
ATOM   9    C  C   . LEU A 1 3   ? 19.456  -19.815 -26.136 1.00 29.71 ? 21  LEU A C   1 
ATOM   10   O  O   . LEU A 1 3   ? 19.131  -19.318 -25.057 1.00 29.02 ? 21  LEU A O   1 
ATOM   11   C  CB  . LEU A 1 3   ? 18.417  -22.084 -26.347 1.00 24.43 ? 21  LEU A CB  1 
ATOM   12   C  CG  . LEU A 1 3   ? 18.587  -23.601 -26.317 1.00 24.07 ? 21  LEU A CG  1 
ATOM   13   C  CD1 . LEU A 1 3   ? 17.241  -24.304 -26.425 1.00 20.70 ? 21  LEU A CD1 1 
ATOM   14   C  CD2 . LEU A 1 3   ? 19.524  -24.035 -27.450 1.00 22.68 ? 21  LEU A CD2 1 
ATOM   15   N  N   . ALA A 1 4   ? 19.595  -19.106 -27.245 1.00 25.49 ? 22  ALA A N   1 
ATOM   16   C  CA  . ALA A 1 4   ? 19.364  -17.671 -27.253 1.00 30.82 ? 22  ALA A CA  1 
ATOM   17   C  C   . ALA A 1 4   ? 17.870  -17.364 -27.135 1.00 28.50 ? 22  ALA A C   1 
ATOM   18   O  O   . ALA A 1 4   ? 17.043  -18.096 -27.673 1.00 28.46 ? 22  ALA A O   1 
ATOM   19   C  CB  . ALA A 1 4   ? 19.932  -17.056 -28.521 1.00 29.05 ? 22  ALA A CB  1 
ATOM   20   N  N   . PRO A 1 5   ? 17.530  -16.269 -26.439 1.00 29.30 ? 23  PRO A N   1 
ATOM   21   C  CA  . PRO A 1 5   ? 16.127  -15.870 -26.293 1.00 26.89 ? 23  PRO A CA  1 
ATOM   22   C  C   . PRO A 1 5   ? 15.644  -15.267 -27.599 1.00 26.85 ? 23  PRO A C   1 
ATOM   23   O  O   . PRO A 1 5   ? 16.458  -14.896 -28.450 1.00 29.49 ? 23  PRO A O   1 
ATOM   24   C  CB  . PRO A 1 5   ? 16.173  -14.767 -25.221 1.00 27.63 ? 23  PRO A CB  1 
ATOM   25   C  CG  . PRO A 1 5   ? 17.635  -14.630 -24.807 1.00 36.11 ? 23  PRO A CG  1 
ATOM   26   C  CD  . PRO A 1 5   ? 18.449  -15.257 -25.896 1.00 31.08 ? 23  PRO A CD  1 
ATOM   27   N  N   . GLY A 1 6   ? 14.332  -15.179 -27.772 1.00 24.10 ? 24  GLY A N   1 
ATOM   28   C  CA  . GLY A 1 6   ? 13.778  -14.509 -28.929 1.00 21.51 ? 24  GLY A CA  1 
ATOM   29   C  C   . GLY A 1 6   ? 12.995  -13.283 -28.487 1.00 23.45 ? 24  GLY A C   1 
ATOM   30   O  O   . GLY A 1 6   ? 13.154  -12.818 -27.358 1.00 23.07 ? 24  GLY A O   1 
ATOM   31   N  N   . LYS A 1 7   ? 12.161  -12.745 -29.381 1.00 24.06 ? 25  LYS A N   1 
ATOM   32   C  CA  . LYS A 1 7   ? 11.304  -11.613 -29.030 1.00 20.65 ? 25  LYS A CA  1 
ATOM   33   C  C   . LYS A 1 7   ? 10.120  -12.076 -28.184 1.00 18.10 ? 25  LYS A C   1 
ATOM   34   O  O   . LYS A 1 7   ? 9.549   -13.143 -28.426 1.00 16.89 ? 25  LYS A O   1 
ATOM   35   C  CB  . LYS A 1 7   ? 10.803  -10.911 -30.300 1.00 23.68 ? 25  LYS A CB  1 
ATOM   36   C  CG  . LYS A 1 7   ? 11.917  -10.268 -31.105 1.00 30.52 ? 25  LYS A CG  1 
ATOM   37   C  CD  . LYS A 1 7   ? 11.360  -9.630  -32.373 1.00 35.55 ? 25  LYS A CD  1 
ATOM   38   C  CE  . LYS A 1 7   ? 12.460  -8.944  -33.176 1.00 51.84 ? 25  LYS A CE  1 
ATOM   39   N  NZ  . LYS A 1 7   ? 11.943  -8.370  -34.456 1.00 54.68 ? 25  LYS A NZ  1 
ATOM   40   N  N   . ALA A 1 8   ? 9.760   -11.266 -27.192 1.00 18.48 ? 26  ALA A N   1 
ATOM   41   C  CA  . ALA A 1 8   ? 8.674   -11.584 -26.277 1.00 15.62 ? 26  ALA A CA  1 
ATOM   42   C  C   . ALA A 1 8   ? 7.889   -10.307 -26.013 1.00 18.68 ? 26  ALA A C   1 
ATOM   43   O  O   . ALA A 1 8   ? 8.407   -9.211  -26.233 1.00 20.64 ? 26  ALA A O   1 
ATOM   44   C  CB  . ALA A 1 8   ? 9.232   -12.128 -24.960 1.00 18.71 ? 26  ALA A CB  1 
ATOM   45   N  N   . GLU A 1 9   ? 6.649   -10.447 -25.552 1.00 16.99 ? 27  GLU A N   1 
ATOM   46   C  CA  . GLU A 1 9   ? 5.882   -9.288  -25.087 1.00 16.59 ? 27  GLU A CA  1 
ATOM   47   C  C   . GLU A 1 9   ? 5.470   -9.448  -23.627 1.00 16.90 ? 27  GLU A C   1 
ATOM   48   O  O   . GLU A 1 9   ? 5.256   -10.549 -23.148 1.00 15.87 ? 27  GLU A O   1 
ATOM   49   C  CB  . GLU A 1 9   ? 4.651   -9.061  -25.958 1.00 18.81 ? 27  GLU A CB  1 
ATOM   50   C  CG  . GLU A 1 9   ? 5.023   -8.772  -27.415 1.00 21.75 ? 27  GLU A CG  1 
ATOM   51   C  CD  . GLU A 1 9   ? 3.850   -8.313  -28.265 1.00 24.40 ? 27  GLU A CD  1 
ATOM   52   O  OE1 . GLU A 1 9   ? 2.712   -8.759  -28.045 1.00 22.38 ? 27  GLU A OE1 1 
ATOM   53   O  OE2 . GLU A 1 9   ? 4.091   -7.516  -29.186 1.00 26.89 ? 27  GLU A OE2 1 
ATOM   54   N  N   . SER A 1 10  ? 5.345   -8.332  -22.922 1.00 16.58 ? 28  SER A N   1 
ATOM   55   C  CA  . SER A 1 10  ? 4.913   -8.390  -21.522 1.00 16.86 ? 28  SER A CA  1 
ATOM   56   C  C   . SER A 1 10  ? 3.495   -8.907  -21.377 1.00 16.02 ? 28  SER A C   1 
ATOM   57   O  O   . SER A 1 10  ? 2.623   -8.545  -22.168 1.00 17.21 ? 28  SER A O   1 
ATOM   58   C  CB  . SER A 1 10  ? 4.993   -6.989  -20.902 1.00 19.92 ? 28  SER A CB  1 
ATOM   59   O  OG  . SER A 1 10  ? 4.581   -7.008  -19.547 1.00 18.30 ? 28  SER A OG  1 
ATOM   60   N  N   . ASP A 1 11  ? 3.248   -9.723  -20.345 1.00 15.05 ? 29  ASP A N   1 
ATOM   61   C  CA  . ASP A 1 11  ? 1.891   -10.087 -19.984 1.00 13.37 ? 29  ASP A CA  1 
ATOM   62   C  C   . ASP A 1 11  ? 1.472   -9.494  -18.643 1.00 17.22 ? 29  ASP A C   1 
ATOM   63   O  O   . ASP A 1 11  ? 0.648   -10.062 -17.942 1.00 18.68 ? 29  ASP A O   1 
ATOM   64   C  CB  . ASP A 1 11  ? 1.686   -11.593 -19.985 1.00 16.57 ? 29  ASP A CB  1 
ATOM   65   C  CG  . ASP A 1 11  ? 0.228   -11.981 -19.958 1.00 19.92 ? 29  ASP A CG  1 
ATOM   66   O  OD1 . ASP A 1 11  ? -0.587  -11.311 -20.640 1.00 19.38 ? 29  ASP A OD1 1 
ATOM   67   O  OD2 . ASP A 1 11  ? -0.118  -12.967 -19.277 1.00 19.32 ? 29  ASP A OD2 1 
ATOM   68   N  N   . ALA A 1 12  ? 2.042   -8.346  -18.304 1.00 17.46 ? 30  ALA A N   1 
ATOM   69   C  CA  . ALA A 1 12  ? 1.662   -7.656  -17.068 1.00 19.45 ? 30  ALA A CA  1 
ATOM   70   C  C   . ALA A 1 12  ? 1.033   -6.312  -17.402 1.00 18.26 ? 30  ALA A C   1 
ATOM   71   O  O   . ALA A 1 12  ? 1.487   -5.647  -18.314 1.00 17.47 ? 30  ALA A O   1 
ATOM   72   C  CB  . ALA A 1 12  ? 2.885   -7.434  -16.226 1.00 19.60 ? 30  ALA A CB  1 
ATOM   73   N  N   . PRO A 1 13  ? -0.007  -5.913  -16.652 1.00 17.57 ? 31  PRO A N   1 
ATOM   74   C  CA  . PRO A 1 13  ? -0.495  -4.538  -16.812 1.00 17.72 ? 31  PRO A CA  1 
ATOM   75   C  C   . PRO A 1 13  ? 0.539   -3.585  -16.232 1.00 17.77 ? 31  PRO A C   1 
ATOM   76   O  O   . PRO A 1 13  ? 1.503   -4.034  -15.606 1.00 19.03 ? 31  PRO A O   1 
ATOM   77   C  CB  . PRO A 1 13  ? -1.788  -4.506  -15.995 1.00 20.01 ? 31  PRO A CB  1 
ATOM   78   C  CG  . PRO A 1 13  ? -1.696  -5.650  -15.024 1.00 20.64 ? 31  PRO A CG  1 
ATOM   79   C  CD  . PRO A 1 13  ? -0.664  -6.641  -15.555 1.00 20.29 ? 31  PRO A CD  1 
ATOM   80   N  N   . LEU A 1 14  ? 0.351   -2.285  -16.422 1.00 16.27 ? 32  LEU A N   1 
ATOM   81   C  CA  . LEU A 1 14  ? 1.397   -1.331  -16.101 1.00 15.58 ? 32  LEU A CA  1 
ATOM   82   C  C   . LEU A 1 14  ? 1.231   -0.729  -14.724 1.00 15.65 ? 32  LEU A C   1 
ATOM   83   O  O   . LEU A 1 14  ? 0.116   -0.492  -14.271 1.00 16.74 ? 32  LEU A O   1 
ATOM   84   C  CB  . LEU A 1 14  ? 1.390   -0.181  -17.118 1.00 17.05 ? 32  LEU A CB  1 
ATOM   85   C  CG  . LEU A 1 14  ? 1.446   -0.616  -18.569 1.00 18.99 ? 32  LEU A CG  1 
ATOM   86   C  CD1 . LEU A 1 14  ? 1.308   0.622   -19.478 1.00 18.00 ? 32  LEU A CD1 1 
ATOM   87   C  CD2 . LEU A 1 14  ? 2.751   -1.383  -18.822 1.00 22.55 ? 32  LEU A CD2 1 
ATOM   88   N  N   . VAL A 1 15  ? 2.352   -0.462  -14.065 1.00 15.26 ? 33  VAL A N   1 
ATOM   89   C  CA  . VAL A 1 15  ? 2.323   0.287   -12.807 1.00 14.86 ? 33  VAL A CA  1 
ATOM   90   C  C   . VAL A 1 15  ? 3.563   1.181   -12.839 1.00 17.43 ? 33  VAL A C   1 
ATOM   91   O  O   . VAL A 1 15  ? 4.689   0.697   -12.969 1.00 19.71 ? 33  VAL A O   1 
ATOM   92   C  CB  . VAL A 1 15  ? 2.248   -0.639  -11.563 1.00 18.31 ? 33  VAL A CB  1 
ATOM   93   C  CG1 . VAL A 1 15  ? 3.272   -1.759  -11.639 1.00 20.17 ? 33  VAL A CG1 1 
ATOM   94   C  CG2 . VAL A 1 15  ? 2.453   0.168   -10.275 1.00 15.95 ? 33  VAL A CG2 1 
ATOM   95   N  N   . ARG A 1 16  ? 3.364   2.492   -12.792 1.00 14.41 ? 34  ARG A N   1 
ATOM   96   C  CA  . ARG A 1 16  ? 4.446   3.420   -13.099 1.00 16.09 ? 34  ARG A CA  1 
ATOM   97   C  C   . ARG A 1 16  ? 4.450   4.600   -12.158 1.00 17.17 ? 34  ARG A C   1 
ATOM   98   O  O   . ARG A 1 16  ? 3.417   5.259   -11.974 1.00 14.92 ? 34  ARG A O   1 
ATOM   99   C  CB  . ARG A 1 16  ? 4.242   4.031   -14.493 1.00 19.84 ? 34  ARG A CB  1 
ATOM   100  C  CG  . ARG A 1 16  ? 4.491   3.158   -15.678 1.00 23.99 ? 34  ARG A CG  1 
ATOM   101  C  CD  . ARG A 1 16  ? 4.338   4.046   -16.948 1.00 19.96 ? 34  ARG A CD  1 
ATOM   102  N  NE  . ARG A 1 16  ? 5.339   5.123   -17.020 1.00 22.27 ? 34  ARG A NE  1 
ATOM   103  C  CZ  . ARG A 1 16  ? 6.555   4.980   -17.538 1.00 21.77 ? 34  ARG A CZ  1 
ATOM   104  N  NH1 . ARG A 1 16  ? 6.933   3.816   -18.056 1.00 23.55 ? 34  ARG A NH1 1 
ATOM   105  N  NH2 . ARG A 1 16  ? 7.392   6.005   -17.573 1.00 25.76 ? 34  ARG A NH2 1 
ATOM   106  N  N   . THR A 1 17  ? 5.609   4.897   -11.581 1.00 14.50 ? 35  THR A N   1 
ATOM   107  C  CA  . THR A 1 17  ? 5.754   6.162   -10.864 1.00 14.19 ? 35  THR A CA  1 
ATOM   108  C  C   . THR A 1 17  ? 5.560   7.298   -11.869 1.00 16.72 ? 35  THR A C   1 
ATOM   109  O  O   . THR A 1 17  ? 6.023   7.210   -13.008 1.00 17.30 ? 35  THR A O   1 
ATOM   110  C  CB  . THR A 1 17  ? 7.130   6.259   -10.205 1.00 19.21 ? 35  THR A CB  1 
ATOM   111  O  OG1 . THR A 1 17  ? 7.223   5.255   -9.178  1.00 21.57 ? 35  THR A OG1 1 
ATOM   112  C  CG2 . THR A 1 17  ? 7.329   7.647   -9.576  1.00 20.61 ? 35  THR A CG2 1 
ATOM   113  N  N   . GLY A 1 18  ? 4.842   8.346   -11.460 1.00 14.95 ? 36  GLY A N   1 
ATOM   114  C  CA  . GLY A 1 18  ? 4.565   9.463   -12.342 1.00 14.51 ? 36  GLY A CA  1 
ATOM   115  C  C   . GLY A 1 18  ? 3.261   9.336   -13.125 1.00 13.62 ? 36  GLY A C   1 
ATOM   116  O  O   . GLY A 1 18  ? 2.887   10.270  -13.855 1.00 15.49 ? 36  GLY A O   1 
ATOM   117  N  N   . ALA A 1 19  ? 2.605   8.184   -13.014 1.00 13.27 ? 37  ALA A N   1 
ATOM   118  C  CA  . ALA A 1 19  ? 1.341   7.937   -13.738 1.00 13.17 ? 37  ALA A CA  1 
ATOM   119  C  C   . ALA A 1 19  ? 0.248   7.600   -12.735 1.00 12.73 ? 37  ALA A C   1 
ATOM   120  O  O   . ALA A 1 19  ? 0.542   7.252   -11.591 1.00 12.77 ? 37  ALA A O   1 
ATOM   121  C  CB  . ALA A 1 19  ? 1.505   6.814   -14.739 1.00 13.90 ? 37  ALA A CB  1 
ATOM   122  N  N   . LEU A 1 20  ? -1.012  7.695   -13.165 1.00 11.98 ? 38  LEU A N   1 
ATOM   123  C  CA  . LEU A 1 20  ? -2.143  7.421   -12.277 1.00 11.11 ? 38  LEU A CA  1 
ATOM   124  C  C   . LEU A 1 20  ? -2.099  5.969   -11.791 1.00 11.79 ? 38  LEU A C   1 
ATOM   125  O  O   . LEU A 1 20  ? -1.796  5.050   -12.561 1.00 12.16 ? 38  LEU A O   1 
ATOM   126  C  CB  . LEU A 1 20  ? -3.464  7.659   -13.017 1.00 11.38 ? 38  LEU A CB  1 
ATOM   127  C  CG  . LEU A 1 20  ? -3.764  9.146   -13.248 1.00 11.97 ? 38  LEU A CG  1 
ATOM   128  C  CD1 . LEU A 1 20  ? -4.997  9.289   -14.179 1.00 14.00 ? 38  LEU A CD1 1 
ATOM   129  C  CD2 . LEU A 1 20  ? -4.011  9.842   -11.927 1.00 14.48 ? 38  LEU A CD2 1 
ATOM   130  N  N   . ALA A 1 21  ? -2.403  5.771   -10.512 1.00 11.37 ? 39  ALA A N   1 
ATOM   131  C  CA  . ALA A 1 21  ? -2.341  4.440   -9.898  1.00 10.36 ? 39  ALA A CA  1 
ATOM   132  C  C   . ALA A 1 21  ? -3.397  3.490   -10.442 1.00 13.28 ? 39  ALA A C   1 
ATOM   133  O  O   . ALA A 1 21  ? -4.496  3.920   -10.769 1.00 12.34 ? 39  ALA A O   1 
ATOM   134  C  CB  . ALA A 1 21  ? -2.540  4.578   -8.392  1.00 12.14 ? 39  ALA A CB  1 
ATOM   135  N  N   . PRO A 1 22  ? -3.087  2.181   -10.498 1.00 13.77 ? 40  PRO A N   1 
ATOM   136  C  CA  . PRO A 1 22  ? -4.114  1.183   -10.831 1.00 14.49 ? 40  PRO A CA  1 
ATOM   137  C  C   . PRO A 1 22  ? -5.275  1.188   -9.844  1.00 13.70 ? 40  PRO A C   1 
ATOM   138  O  O   . PRO A 1 22  ? -5.087  1.103   -8.636  1.00 14.15 ? 40  PRO A O   1 
ATOM   139  C  CB  . PRO A 1 22  ? -3.363  -0.161  -10.738 1.00 14.89 ? 40  PRO A CB  1 
ATOM   140  C  CG  . PRO A 1 22  ? -1.926  0.206   -10.984 1.00 14.60 ? 40  PRO A CG  1 
ATOM   141  C  CD  . PRO A 1 22  ? -1.752  1.576   -10.342 1.00 13.77 ? 40  PRO A CD  1 
ATOM   142  N  N   . ASN A 1 23  ? -6.489  1.280   -10.379 1.00 13.09 ? 41  ASN A N   1 
ATOM   143  C  CA  . ASN A 1 23  ? -7.675  1.231   -9.543  1.00 13.44 ? 41  ASN A CA  1 
ATOM   144  C  C   . ASN A 1 23  ? -7.830  -0.133  -8.917  1.00 14.71 ? 41  ASN A C   1 
ATOM   145  O  O   . ASN A 1 23  ? -7.430  -1.149  -9.491  1.00 15.05 ? 41  ASN A O   1 
ATOM   146  C  CB  . ASN A 1 23  ? -8.922  1.509   -10.394 1.00 14.48 ? 41  ASN A CB  1 
ATOM   147  C  CG  . ASN A 1 23  ? -9.106  2.970   -10.694 1.00 16.04 ? 41  ASN A CG  1 
ATOM   148  O  OD1 . ASN A 1 23  ? -8.869  3.826   -9.841  1.00 18.46 ? 41  ASN A OD1 1 
ATOM   149  N  ND2 . ASN A 1 23  ? -9.588  3.268   -11.894 1.00 17.36 ? 41  ASN A ND2 1 
ATOM   150  N  N   . PHE A 1 24  ? -8.430  -0.156  -7.731  1.00 14.60 ? 42  PHE A N   1 
ATOM   151  C  CA  . PHE A 1 24  ? -8.846  -1.409  -7.118  1.00 15.90 ? 42  PHE A CA  1 
ATOM   152  C  C   . PHE A 1 24  ? -9.908  -1.172  -6.062  1.00 15.39 ? 42  PHE A C   1 
ATOM   153  O  O   . PHE A 1 24  ? -10.038 -0.077  -5.535  1.00 16.34 ? 42  PHE A O   1 
ATOM   154  C  CB  . PHE A 1 24  ? -7.655  -2.174  -6.498  1.00 14.74 ? 42  PHE A CB  1 
ATOM   155  C  CG  . PHE A 1 24  ? -7.001  -1.471  -5.333  1.00 14.66 ? 42  PHE A CG  1 
ATOM   156  C  CD1 . PHE A 1 24  ? -7.410  -1.734  -4.026  1.00 17.31 ? 42  PHE A CD1 1 
ATOM   157  C  CD2 . PHE A 1 24  ? -5.931  -0.607  -5.536  1.00 13.63 ? 42  PHE A CD2 1 
ATOM   158  C  CE1 . PHE A 1 24  ? -6.789  -1.105  -2.938  1.00 18.80 ? 42  PHE A CE1 1 
ATOM   159  C  CE2 . PHE A 1 24  ? -5.304  0.030   -4.455  1.00 15.21 ? 42  PHE A CE2 1 
ATOM   160  C  CZ  . PHE A 1 24  ? -5.732  -0.223  -3.156  1.00 15.21 ? 42  PHE A CZ  1 
ATOM   161  N  N   . LYS A 1 25  ? -10.675 -2.218  -5.783  1.00 17.36 ? 43  LYS A N   1 
ATOM   162  C  CA  . LYS A 1 25  ? -11.715 -2.184  -4.763  1.00 17.05 ? 43  LYS A CA  1 
ATOM   163  C  C   . LYS A 1 25  ? -11.650 -3.535  -4.059  1.00 19.30 ? 43  LYS A C   1 
ATOM   164  O  O   . LYS A 1 25  ? -11.655 -4.588  -4.712  1.00 21.61 ? 43  LYS A O   1 
ATOM   165  C  CB  . LYS A 1 25  ? -13.083 -1.953  -5.411  1.00 24.54 ? 43  LYS A CB  1 
ATOM   166  C  CG  . LYS A 1 25  ? -14.229 -1.781  -4.434  1.00 28.92 ? 43  LYS A CG  1 
ATOM   167  C  CD  . LYS A 1 25  ? -15.571 -1.651  -5.165  1.00 38.01 ? 43  LYS A CD  1 
ATOM   168  C  CE  . LYS A 1 25  ? -15.904 -2.916  -5.953  1.00 43.09 ? 43  LYS A CE  1 
ATOM   169  N  NZ  . LYS A 1 25  ? -17.320 -2.935  -6.444  1.00 52.32 ? 43  LYS A NZ  1 
ATOM   170  N  N   . LEU A 1 26  ? -11.534 -3.510  -2.732  1.00 18.00 ? 44  LEU A N   1 
ATOM   171  C  CA  . LEU A 1 26  ? -11.340 -4.736  -1.961  1.00 19.11 ? 44  LEU A CA  1 
ATOM   172  C  C   . LEU A 1 26  ? -12.159 -4.715  -0.688  1.00 24.52 ? 44  LEU A C   1 
ATOM   173  O  O   . LEU A 1 26  ? -12.509 -3.644  -0.191  1.00 23.80 ? 44  LEU A O   1 
ATOM   174  C  CB  . LEU A 1 26  ? -9.868  -4.903  -1.579  1.00 19.80 ? 44  LEU A CB  1 
ATOM   175  C  CG  . LEU A 1 26  ? -8.858  -5.258  -2.671  1.00 19.49 ? 44  LEU A CG  1 
ATOM   176  C  CD1 . LEU A 1 26  ? -7.445  -5.261  -2.048  1.00 18.55 ? 44  LEU A CD1 1 
ATOM   177  C  CD2 . LEU A 1 26  ? -9.169  -6.635  -3.260  1.00 20.56 ? 44  LEU A CD2 1 
ATOM   178  N  N   . PRO A 1 27  ? -12.438 -5.907  -0.135  1.00 24.79 ? 45  PRO A N   1 
ATOM   179  C  CA  . PRO A 1 27  ? -13.184 -6.030  1.121   1.00 28.27 ? 45  PRO A CA  1 
ATOM   180  C  C   . PRO A 1 27  ? -12.368 -5.620  2.337   1.00 27.09 ? 45  PRO A C   1 
ATOM   181  O  O   . PRO A 1 27  ? -11.187 -5.967  2.452   1.00 25.99 ? 45  PRO A O   1 
ATOM   182  C  CB  . PRO A 1 27  ? -13.516 -7.523  1.198   1.00 30.53 ? 45  PRO A CB  1 
ATOM   183  C  CG  . PRO A 1 27  ? -12.529 -8.200  0.307   1.00 26.23 ? 45  PRO A CG  1 
ATOM   184  C  CD  . PRO A 1 27  ? -12.105 -7.212  -0.739  1.00 25.10 ? 45  PRO A CD  1 
ATOM   185  N  N   . THR A 1 28  ? -13.013 -4.869  3.222   1.00 29.51 ? 46  THR A N   1 
ATOM   186  C  CA  . THR A 1 28  ? -12.482 -4.517  4.532   1.00 31.67 ? 46  THR A CA  1 
ATOM   187  C  C   . THR A 1 28  ? -12.745 -5.643  5.525   1.00 36.54 ? 46  THR A C   1 
ATOM   188  O  O   . THR A 1 28  ? -13.249 -6.702  5.150   1.00 38.08 ? 46  THR A O   1 
ATOM   189  C  CB  . THR A 1 28  ? -13.200 -3.279  5.077   1.00 35.85 ? 46  THR A CB  1 
ATOM   190  O  OG1 . THR A 1 28  ? -14.590 -3.585  5.248   1.00 37.77 ? 46  THR A OG1 1 
ATOM   191  C  CG2 . THR A 1 28  ? -13.069 -2.130  4.108   1.00 33.60 ? 46  THR A CG2 1 
ATOM   192  N  N   . LEU A 1 29  ? -12.421 -5.397  6.796   1.00 34.52 ? 47  LEU A N   1 
ATOM   193  C  CA  . LEU A 1 29  ? -12.638 -6.372  7.867   1.00 38.14 ? 47  LEU A CA  1 
ATOM   194  C  C   . LEU A 1 29  ? -14.117 -6.604  8.154   1.00 42.34 ? 47  LEU A C   1 
ATOM   195  O  O   . LEU A 1 29  ? -14.504 -7.660  8.665   1.00 43.72 ? 47  LEU A O   1 
ATOM   196  C  CB  . LEU A 1 29  ? -11.962 -5.906  9.160   1.00 38.58 ? 47  LEU A CB  1 
ATOM   197  C  CG  . LEU A 1 29  ? -10.457 -5.669  9.074   1.00 36.95 ? 47  LEU A CG  1 
ATOM   198  C  CD1 . LEU A 1 29  ? -9.943  -4.950  10.330  1.00 30.00 ? 47  LEU A CD1 1 
ATOM   199  C  CD2 . LEU A 1 29  ? -9.751  -6.989  8.836   1.00 35.16 ? 47  LEU A CD2 1 
ATOM   200  N  N   . SER A 1 30  ? -14.932 -5.602  7.842   1.00 43.67 ? 48  SER A N   1 
ATOM   201  C  CA  . SER A 1 30  ? -16.357 -5.652  8.138   1.00 46.28 ? 48  SER A CA  1 
ATOM   202  C  C   . SER A 1 30  ? -17.153 -6.137  6.936   1.00 46.23 ? 48  SER A C   1 
ATOM   203  O  O   . SER A 1 30  ? -18.381 -6.169  6.969   1.00 48.56 ? 48  SER A O   1 
ATOM   204  C  CB  . SER A 1 30  ? -16.859 -4.276  8.588   1.00 48.22 ? 48  SER A CB  1 
ATOM   205  O  OG  . SER A 1 30  ? -16.614 -3.282  7.603   1.00 48.78 ? 48  SER A OG  1 
ATOM   206  N  N   . GLY A 1 31  ? -16.449 -6.518  5.875   1.00 47.50 ? 49  GLY A N   1 
ATOM   207  C  CA  . GLY A 1 31  ? -17.108 -6.931  4.647   1.00 47.65 ? 49  GLY A CA  1 
ATOM   208  C  C   . GLY A 1 31  ? -17.746 -5.776  3.892   1.00 47.88 ? 49  GLY A C   1 
ATOM   209  O  O   . GLY A 1 31  ? -18.674 -5.976  3.106   1.00 55.85 ? 49  GLY A O   1 
ATOM   210  N  N   . GLU A 1 32  ? -17.267 -4.562  4.159   1.00 44.72 ? 50  GLU A N   1 
ATOM   211  C  CA  . GLU A 1 32  ? -17.562 -3.390  3.338   1.00 43.95 ? 50  GLU A CA  1 
ATOM   212  C  C   . GLU A 1 32  ? -16.461 -3.332  2.270   1.00 38.64 ? 50  GLU A C   1 
ATOM   213  O  O   . GLU A 1 32  ? -15.390 -3.911  2.469   1.00 39.51 ? 50  GLU A O   1 
ATOM   214  C  CB  . GLU A 1 32  ? -17.546 -2.132  4.221   1.00 46.09 ? 50  GLU A CB  1 
ATOM   215  C  CG  . GLU A 1 32  ? -17.470 -0.792  3.478   1.00 47.78 ? 50  GLU A CG  1 
ATOM   216  C  CD  . GLU A 1 32  ? -17.182 0.390   4.408   1.00 53.13 ? 50  GLU A CD  1 
ATOM   217  O  OE1 . GLU A 1 32  ? -16.985 0.176   5.628   1.00 50.81 ? 50  GLU A OE1 1 
ATOM   218  O  OE2 . GLU A 1 32  ? -17.148 1.538   3.915   1.00 56.50 ? 50  GLU A OE2 1 
ATOM   219  N  N   . ASN A 1 33  ? -16.714 -2.670  1.142   1.00 36.67 ? 51  ASN A N   1 
ATOM   220  C  CA  . ASN A 1 33  ? -15.678 -2.504  0.109   1.00 32.91 ? 51  ASN A CA  1 
ATOM   221  C  C   . ASN A 1 33  ? -15.064 -1.113  0.134   1.00 30.12 ? 51  ASN A C   1 
ATOM   222  O  O   . ASN A 1 33  ? -15.778 -0.128  0.299   1.00 32.51 ? 51  ASN A O   1 
ATOM   223  C  CB  . ASN A 1 33  ? -16.242 -2.755  -1.291  1.00 34.29 ? 51  ASN A CB  1 
ATOM   224  C  CG  . ASN A 1 33  ? -16.147 -4.205  -1.708  1.00 36.26 ? 51  ASN A CG  1 
ATOM   225  O  OD1 . ASN A 1 33  ? -15.644 -5.054  -0.964  1.00 37.36 ? 51  ASN A OD1 1 
ATOM   226  N  ND2 . ASN A 1 33  ? -16.629 -4.499  -2.906  1.00 38.34 ? 51  ASN A ND2 1 
ATOM   227  N  N   . LYS A 1 34  ? -13.747 -1.032  -0.043  1.00 23.97 ? 52  LYS A N   1 
ATOM   228  C  CA  . LYS A 1 34  ? -13.072 0.257   -0.133  1.00 21.77 ? 52  LYS A CA  1 
ATOM   229  C  C   . LYS A 1 34  ? -12.289 0.305   -1.428  1.00 21.23 ? 52  LYS A C   1 
ATOM   230  O  O   . LYS A 1 34  ? -11.743 -0.701  -1.853  1.00 21.50 ? 52  LYS A O   1 
ATOM   231  C  CB  . LYS A 1 34  ? -12.116 0.472   1.044   1.00 23.18 ? 52  LYS A CB  1 
ATOM   232  C  CG  . LYS A 1 34  ? -12.817 0.979   2.293   1.00 28.68 ? 52  LYS A CG  1 
ATOM   233  C  CD  . LYS A 1 34  ? -11.865 1.147   3.454   1.00 24.72 ? 52  LYS A CD  1 
ATOM   234  C  CE  . LYS A 1 34  ? -12.669 1.449   4.705   1.00 33.87 ? 52  LYS A CE  1 
ATOM   235  N  NZ  . LYS A 1 34  ? -11.992 0.973   5.945   1.00 34.16 ? 52  LYS A NZ  1 
ATOM   236  N  N   . SER A 1 35  ? -12.240 1.467   -2.058  1.00 19.35 ? 53  SER A N   1 
ATOM   237  C  CA  . SER A 1 35  ? -11.505 1.597   -3.318  1.00 18.41 ? 53  SER A CA  1 
ATOM   238  C  C   . SER A 1 35  ? -10.405 2.617   -3.152  1.00 19.89 ? 53  SER A C   1 
ATOM   239  O  O   . SER A 1 35  ? -10.447 3.433   -2.227  1.00 20.84 ? 53  SER A O   1 
ATOM   240  C  CB  . SER A 1 35  ? -12.433 2.025   -4.449  1.00 21.13 ? 53  SER A CB  1 
ATOM   241  O  OG  . SER A 1 35  ? -12.873 3.361   -4.258  1.00 22.60 ? 53  SER A OG  1 
ATOM   242  N  N   . LEU A 1 36  ? -9.404  2.568   -4.022  1.00 15.29 ? 54  LEU A N   1 
ATOM   243  C  CA  . LEU A 1 36  ? -8.390  3.613   -4.013  1.00 15.46 ? 54  LEU A CA  1 
ATOM   244  C  C   . LEU A 1 36  ? -9.010  4.959   -4.438  1.00 16.51 ? 54  LEU A C   1 
ATOM   245  O  O   . LEU A 1 36  ? -8.727  6.019   -3.849  1.00 16.02 ? 54  LEU A O   1 
ATOM   246  C  CB  . LEU A 1 36  ? -7.237  3.220   -4.941  1.00 14.03 ? 54  LEU A CB  1 
ATOM   247  C  CG  . LEU A 1 36  ? -6.158  4.293   -5.099  1.00 15.50 ? 54  LEU A CG  1 
ATOM   248  C  CD1 . LEU A 1 36  ? -5.592  4.711   -3.727  1.00 14.49 ? 54  LEU A CD1 1 
ATOM   249  C  CD2 . LEU A 1 36  ? -5.037  3.799   -6.023  1.00 16.15 ? 54  LEU A CD2 1 
ATOM   250  N  N   . ALA A 1 37  ? -9.869  4.906   -5.454  1.00 16.06 ? 55  ALA A N   1 
ATOM   251  C  CA  . ALA A 1 37  ? -10.417 6.117   -6.048  1.00 17.81 ? 55  ALA A CA  1 
ATOM   252  C  C   . ALA A 1 37  ? -11.277 6.905   -5.064  1.00 16.36 ? 55  ALA A C   1 
ATOM   253  O  O   . ALA A 1 37  ? -11.404 8.117   -5.198  1.00 17.54 ? 55  ALA A O   1 
ATOM   254  C  CB  . ALA A 1 37  ? -11.213 5.791   -7.304  1.00 21.35 ? 55  ALA A CB  1 
ATOM   255  N  N   . GLN A 1 38  ? -11.858 6.228   -4.080  1.00 18.45 ? 56  GLN A N   1 
ATOM   256  C  CA  . GLN A 1 38  ? -12.722 6.939   -3.153  1.00 20.98 ? 56  GLN A CA  1 
ATOM   257  C  C   . GLN A 1 38  ? -11.916 7.907   -2.305  1.00 20.56 ? 56  GLN A C   1 
ATOM   258  O  O   . GLN A 1 38  ? -12.472 8.844   -1.724  1.00 19.11 ? 56  GLN A O   1 
ATOM   259  C  CB  . GLN A 1 38  ? -13.537 5.990   -2.280  1.00 20.55 ? 56  GLN A CB  1 
ATOM   260  C  CG  . GLN A 1 38  ? -12.802 5.400   -1.098  1.00 19.84 ? 56  GLN A CG  1 
ATOM   261  C  CD  . GLN A 1 38  ? -13.682 4.439   -0.307  1.00 25.88 ? 56  GLN A CD  1 
ATOM   262  O  OE1 . GLN A 1 38  ? -13.964 3.325   -0.748  1.00 23.38 ? 56  GLN A OE1 1 
ATOM   263  N  NE2 . GLN A 1 38  ? -14.136 4.881   0.861   1.00 28.39 ? 56  GLN A NE2 1 
ATOM   264  N  N   . TYR A 1 39  ? -10.603 7.679   -2.247  1.00 16.28 ? 57  TYR A N   1 
ATOM   265  C  CA  . TYR A 1 39  ? -9.699  8.565   -1.511  1.00 16.60 ? 57  TYR A CA  1 
ATOM   266  C  C   . TYR A 1 39  ? -8.997  9.675   -2.314  1.00 17.97 ? 57  TYR A C   1 
ATOM   267  O  O   . TYR A 1 39  ? -8.118  10.369  -1.782  1.00 17.50 ? 57  TYR A O   1 
ATOM   268  C  CB  . TYR A 1 39  ? -8.687  7.726   -0.733  1.00 16.33 ? 57  TYR A CB  1 
ATOM   269  C  CG  . TYR A 1 39  ? -9.340  6.812   0.269   1.00 17.88 ? 57  TYR A CG  1 
ATOM   270  C  CD1 . TYR A 1 39  ? -9.871  7.314   1.448   1.00 20.35 ? 57  TYR A CD1 1 
ATOM   271  C  CD2 . TYR A 1 39  ? -9.449  5.452   0.032   1.00 19.40 ? 57  TYR A CD2 1 
ATOM   272  C  CE1 . TYR A 1 39  ? -10.469 6.482   2.374   1.00 24.67 ? 57  TYR A CE1 1 
ATOM   273  C  CE2 . TYR A 1 39  ? -10.047 4.614   0.948   1.00 20.69 ? 57  TYR A CE2 1 
ATOM   274  C  CZ  . TYR A 1 39  ? -10.552 5.131   2.116   1.00 23.52 ? 57  TYR A CZ  1 
ATOM   275  O  OH  . TYR A 1 39  ? -11.139 4.292   3.035   1.00 27.63 ? 57  TYR A OH  1 
ATOM   276  N  N   . ARG A 1 40  ? -9.386  9.877   -3.570  1.00 14.82 ? 58  ARG A N   1 
ATOM   277  C  CA  . ARG A 1 40  ? -8.877  11.020  -4.335  1.00 16.90 ? 58  ARG A CA  1 
ATOM   278  C  C   . ARG A 1 40  ? -9.088  12.264  -3.474  1.00 18.97 ? 58  ARG A C   1 
ATOM   279  O  O   . ARG A 1 40  ? -10.135 12.399  -2.832  1.00 20.06 ? 58  ARG A O   1 
ATOM   280  C  CB  . ARG A 1 40  ? -9.613  11.186  -5.671  1.00 18.34 ? 58  ARG A CB  1 
ATOM   281  C  CG  . ARG A 1 40  ? -9.224  10.169  -6.753  1.00 18.68 ? 58  ARG A CG  1 
ATOM   282  C  CD  . ARG A 1 40  ? -7.790  10.373  -7.254  1.00 15.46 ? 58  ARG A CD  1 
ATOM   283  N  NE  . ARG A 1 40  ? -7.622  9.756   -8.566  1.00 17.59 ? 58  ARG A NE  1 
ATOM   284  C  CZ  . ARG A 1 40  ? -7.266  8.487   -8.773  1.00 19.81 ? 58  ARG A CZ  1 
ATOM   285  N  NH1 . ARG A 1 40  ? -7.025  7.673   -7.747  1.00 16.26 ? 58  ARG A NH1 1 
ATOM   286  N  NH2 . ARG A 1 40  ? -7.155  8.037   -10.028 1.00 18.25 ? 58  ARG A NH2 1 
ATOM   287  N  N   . GLY A 1 41  ? -8.094  13.148  -3.452  1.00 17.21 ? 59  GLY A N   1 
ATOM   288  C  CA  . GLY A 1 41  ? -8.128  14.334  -2.611  1.00 20.73 ? 59  GLY A CA  1 
ATOM   289  C  C   . GLY A 1 41  ? -7.303  14.172  -1.341  1.00 21.11 ? 59  GLY A C   1 
ATOM   290  O  O   . GLY A 1 41  ? -7.010  15.148  -0.638  1.00 19.44 ? 59  GLY A O   1 
ATOM   291  N  N   . LYS A 1 42  ? -6.934  12.931  -1.040  1.00 16.65 ? 60  LYS A N   1 
ATOM   292  C  CA  . LYS A 1 42  ? -6.104  12.627  0.114   1.00 15.35 ? 60  LYS A CA  1 
ATOM   293  C  C   . LYS A 1 42  ? -4.847  11.897  -0.336  1.00 15.63 ? 60  LYS A C   1 
ATOM   294  O  O   . LYS A 1 42  ? -4.818  11.332  -1.427  1.00 15.58 ? 60  LYS A O   1 
ATOM   295  C  CB  . LYS A 1 42  ? -6.907  11.764  1.085   1.00 18.81 ? 60  LYS A CB  1 
ATOM   296  C  CG  . LYS A 1 42  ? -8.004  12.599  1.761   1.00 25.45 ? 60  LYS A CG  1 
ATOM   297  C  CD  . LYS A 1 42  ? -9.201  11.793  2.181   1.00 33.33 ? 60  LYS A CD  1 
ATOM   298  C  CE  . LYS A 1 42  ? -10.067 12.636  3.128   1.00 35.30 ? 60  LYS A CE  1 
ATOM   299  N  NZ  . LYS A 1 42  ? -10.076 14.093  2.789   1.00 39.73 ? 60  LYS A NZ  1 
ATOM   300  N  N   . ILE A 1 43  ? -3.804  11.951  0.486   1.00 14.50 ? 61  ILE A N   1 
ATOM   301  C  CA  . ILE A 1 43  ? -2.594  11.177  0.222   1.00 14.49 ? 61  ILE A CA  1 
ATOM   302  C  C   . ILE A 1 43  ? -2.852  9.745   0.679   1.00 14.25 ? 61  ILE A C   1 
ATOM   303  O  O   . ILE A 1 43  ? -3.359  9.528   1.788   1.00 14.88 ? 61  ILE A O   1 
ATOM   304  C  CB  . ILE A 1 43  ? -1.394  11.741  0.982   1.00 15.06 ? 61  ILE A CB  1 
ATOM   305  C  CG1 . ILE A 1 43  ? -1.125  13.177  0.525   1.00 18.24 ? 61  ILE A CG1 1 
ATOM   306  C  CG2 . ILE A 1 43  ? -0.149  10.874  0.749   1.00 14.66 ? 61  ILE A CG2 1 
ATOM   307  C  CD1 . ILE A 1 43  ? -0.074  13.895  1.345   1.00 23.53 ? 61  ILE A CD1 1 
ATOM   308  N  N   . VAL A 1 44  ? -2.518  8.770   -0.167  1.00 13.25 ? 62  VAL A N   1 
ATOM   309  C  CA  . VAL A 1 44  ? -2.790  7.384   0.180   1.00 12.29 ? 62  VAL A CA  1 
ATOM   310  C  C   . VAL A 1 44  ? -1.525  6.546   0.133   1.00 12.75 ? 62  VAL A C   1 
ATOM   311  O  O   . VAL A 1 44  ? -0.787  6.589   -0.844  1.00 13.55 ? 62  VAL A O   1 
ATOM   312  C  CB  . VAL A 1 44  ? -3.819  6.743   -0.785  1.00 13.45 ? 62  VAL A CB  1 
ATOM   313  C  CG1 . VAL A 1 44  ? -4.150  5.322   -0.333  1.00 13.84 ? 62  VAL A CG1 1 
ATOM   314  C  CG2 . VAL A 1 44  ? -5.077  7.592   -0.864  1.00 14.55 ? 62  VAL A CG2 1 
ATOM   315  N  N   . LEU A 1 45  ? -1.289  5.773   1.187   1.00 11.36 ? 63  LEU A N   1 
ATOM   316  C  CA  . LEU A 1 45  ? -0.226  4.782   1.169   1.00 10.25 ? 63  LEU A CA  1 
ATOM   317  C  C   . LEU A 1 45  ? -0.880  3.435   0.884   1.00 11.27 ? 63  LEU A C   1 
ATOM   318  O  O   . LEU A 1 45  ? -1.594  2.907   1.732   1.00 14.56 ? 63  LEU A O   1 
ATOM   319  C  CB  . LEU A 1 45  ? 0.504   4.734   2.534   1.00 11.71 ? 63  LEU A CB  1 
ATOM   320  C  CG  . LEU A 1 45  ? 1.132   6.039   3.041   1.00 13.38 ? 63  LEU A CG  1 
ATOM   321  C  CD1 . LEU A 1 45  ? 2.001   5.783   4.298   1.00 15.91 ? 63  LEU A CD1 1 
ATOM   322  C  CD2 . LEU A 1 45  ? 1.928   6.763   1.961   1.00 17.45 ? 63  LEU A CD2 1 
ATOM   323  N  N   . VAL A 1 46  ? -0.640  2.886   -0.307  1.00 11.90 ? 64  VAL A N   1 
ATOM   324  C  CA  . VAL A 1 46  ? -1.102  1.536   -0.644  1.00 11.93 ? 64  VAL A CA  1 
ATOM   325  C  C   . VAL A 1 46  ? -0.014  0.556   -0.259  1.00 13.44 ? 64  VAL A C   1 
ATOM   326  O  O   . VAL A 1 46  ? 1.032   0.487   -0.907  1.00 13.70 ? 64  VAL A O   1 
ATOM   327  C  CB  . VAL A 1 46  ? -1.403  1.390   -2.145  1.00 12.15 ? 64  VAL A CB  1 
ATOM   328  C  CG1 . VAL A 1 46  ? -1.933  -0.013  -2.429  1.00 14.93 ? 64  VAL A CG1 1 
ATOM   329  C  CG2 . VAL A 1 46  ? -2.425  2.463   -2.606  1.00 12.66 ? 64  VAL A CG2 1 
ATOM   330  N  N   . ASN A 1 47  ? -0.245  -0.171  0.829   1.00 13.61 ? 65  ASN A N   1 
ATOM   331  C  CA  . ASN A 1 47  ? 0.805   -0.964  1.427   1.00 13.00 ? 65  ASN A CA  1 
ATOM   332  C  C   . ASN A 1 47  ? 0.459   -2.446  1.308   1.00 15.94 ? 65  ASN A C   1 
ATOM   333  O  O   . ASN A 1 47  ? -0.620  -2.855  1.737   1.00 20.96 ? 65  ASN A O   1 
ATOM   334  C  CB  . ASN A 1 47  ? 0.917   -0.551  2.896   1.00 14.69 ? 65  ASN A CB  1 
ATOM   335  C  CG  . ASN A 1 47  ? 1.804   -1.471  3.688   1.00 19.23 ? 65  ASN A CG  1 
ATOM   336  O  OD1 . ASN A 1 47  ? 3.015   -1.469  3.525   1.00 20.57 ? 65  ASN A OD1 1 
ATOM   337  N  ND2 . ASN A 1 47  ? 1.202   -2.262  4.557   1.00 22.18 ? 65  ASN A ND2 1 
ATOM   338  N  N   . PHE A 1 48  ? 1.357   -3.260  0.746   1.00 12.97 ? 66  PHE A N   1 
ATOM   339  C  CA  . PHE A 1 48  ? 1.117   -4.709  0.705   1.00 13.08 ? 66  PHE A CA  1 
ATOM   340  C  C   . PHE A 1 48  ? 1.964   -5.369  1.775   1.00 12.26 ? 66  PHE A C   1 
ATOM   341  O  O   . PHE A 1 48  ? 3.134   -5.065  1.884   1.00 11.56 ? 66  PHE A O   1 
ATOM   342  C  CB  . PHE A 1 48  ? 1.509   -5.251  -0.672  1.00 12.51 ? 66  PHE A CB  1 
ATOM   343  C  CG  . PHE A 1 48  ? 0.632   -4.729  -1.769  1.00 12.78 ? 66  PHE A CG  1 
ATOM   344  C  CD1 . PHE A 1 48  ? 0.983   -3.584  -2.476  1.00 13.31 ? 66  PHE A CD1 1 
ATOM   345  C  CD2 . PHE A 1 48  ? -0.570  -5.362  -2.061  1.00 12.71 ? 66  PHE A CD2 1 
ATOM   346  C  CE1 . PHE A 1 48  ? 0.165   -3.087  -3.482  1.00 13.17 ? 66  PHE A CE1 1 
ATOM   347  C  CE2 . PHE A 1 48  ? -1.409  -4.871  -3.070  1.00 12.64 ? 66  PHE A CE2 1 
ATOM   348  C  CZ  . PHE A 1 48  ? -1.032  -3.732  -3.786  1.00 13.64 ? 66  PHE A CZ  1 
ATOM   349  N  N   . TRP A 1 49  ? 1.380   -6.280  2.546   1.00 11.72 ? 67  TRP A N   1 
ATOM   350  C  CA  . TRP A 1 49  ? 2.073   -6.819  3.718   1.00 11.88 ? 67  TRP A CA  1 
ATOM   351  C  C   . TRP A 1 49  ? 1.598   -8.223  4.049   1.00 14.42 ? 67  TRP A C   1 
ATOM   352  O  O   . TRP A 1 49  ? 0.540   -8.658  3.578   1.00 15.20 ? 67  TRP A O   1 
ATOM   353  C  CB  . TRP A 1 49  ? 1.859   -5.882  4.950   1.00 11.85 ? 67  TRP A CB  1 
ATOM   354  C  CG  . TRP A 1 49  ? 0.415   -5.895  5.442   1.00 13.52 ? 67  TRP A CG  1 
ATOM   355  C  CD1 . TRP A 1 49  ? -0.662  -5.266  4.867   1.00 12.55 ? 67  TRP A CD1 1 
ATOM   356  C  CD2 . TRP A 1 49  ? -0.094  -6.579  6.601   1.00 13.77 ? 67  TRP A CD2 1 
ATOM   357  N  NE1 . TRP A 1 49  ? -1.812  -5.529  5.601   1.00 14.38 ? 67  TRP A NE1 1 
ATOM   358  C  CE2 . TRP A 1 49  ? -1.483  -6.328  6.666   1.00 13.95 ? 67  TRP A CE2 1 
ATOM   359  C  CE3 . TRP A 1 49  ? 0.497   -7.390  7.583   1.00 15.39 ? 67  TRP A CE3 1 
ATOM   360  C  CZ2 . TRP A 1 49  ? -2.300  -6.859  7.679   1.00 16.65 ? 67  TRP A CZ2 1 
ATOM   361  C  CZ3 . TRP A 1 49  ? -0.313  -7.908  8.595   1.00 17.86 ? 67  TRP A CZ3 1 
ATOM   362  C  CH2 . TRP A 1 49  ? -1.693  -7.637  8.634   1.00 18.43 ? 67  TRP A CH2 1 
ATOM   363  N  N   . ALA A 1 50  ? 2.410   -8.938  4.825   1.00 13.67 ? 68  ALA A N   1 
ATOM   364  C  CA  . ALA A 1 50  ? 2.034   -10.248 5.372   1.00 15.35 ? 68  ALA A CA  1 
ATOM   365  C  C   . ALA A 1 50  ? 2.463   -10.323 6.828   1.00 16.23 ? 68  ALA A C   1 
ATOM   366  O  O   . ALA A 1 50  ? 3.507   -9.809  7.187   1.00 16.28 ? 68  ALA A O   1 
ATOM   367  C  CB  . ALA A 1 50  ? 2.696   -11.360 4.587   1.00 15.49 ? 68  ALA A CB  1 
ATOM   368  N  N   . SER A 1 51  ? 1.670   -11.004 7.650   1.00 15.31 ? 69  SER A N   1 
ATOM   369  C  CA  . SER A 1 51  ? 1.940   -11.070 9.084   1.00 16.57 ? 69  SER A CA  1 
ATOM   370  C  C   . SER A 1 51  ? 3.229   -11.819 9.400   1.00 18.68 ? 69  SER A C   1 
ATOM   371  O  O   . SER A 1 51  ? 3.830   -11.605 10.451  1.00 18.69 ? 69  SER A O   1 
ATOM   372  C  CB  . SER A 1 51  ? 0.763   -11.710 9.820   1.00 20.46 ? 69  SER A CB  1 
ATOM   373  O  OG  . SER A 1 51  ? 0.548   -13.032 9.367   1.00 20.59 ? 69  SER A OG  1 
ATOM   374  N  N   . TRP A 1 52  ? 3.652   -12.694 8.492   1.00 17.56 ? 70  TRP A N   1 
ATOM   375  C  CA  . TRP A 1 52  ? 4.822   -13.524 8.748   1.00 17.92 ? 70  TRP A CA  1 
ATOM   376  C  C   . TRP A 1 52  ? 6.116   -12.826 8.422   1.00 17.54 ? 70  TRP A C   1 
ATOM   377  O  O   . TRP A 1 52  ? 7.187   -13.334 8.741   1.00 17.97 ? 70  TRP A O   1 
ATOM   378  C  CB  . TRP A 1 52  ? 4.742   -14.866 7.989   1.00 17.43 ? 70  TRP A CB  1 
ATOM   379  C  CG  . TRP A 1 52  ? 4.401   -14.748 6.520   1.00 16.49 ? 70  TRP A CG  1 
ATOM   380  C  CD1 . TRP A 1 52  ? 3.193   -14.994 5.945   1.00 16.92 ? 70  TRP A CD1 1 
ATOM   381  C  CD2 . TRP A 1 52  ? 5.283   -14.371 5.457   1.00 16.36 ? 70  TRP A CD2 1 
ATOM   382  N  NE1 . TRP A 1 52  ? 3.263   -14.793 4.586   1.00 18.93 ? 70  TRP A NE1 1 
ATOM   383  C  CE2 . TRP A 1 52  ? 4.532   -14.409 4.258   1.00 17.05 ? 70  TRP A CE2 1 
ATOM   384  C  CE3 . TRP A 1 52  ? 6.631   -13.999 5.394   1.00 15.68 ? 70  TRP A CE3 1 
ATOM   385  C  CZ2 . TRP A 1 52  ? 5.086   -14.087 3.022   1.00 17.59 ? 70  TRP A CZ2 1 
ATOM   386  C  CZ3 . TRP A 1 52  ? 7.184   -13.678 4.163   1.00 18.07 ? 70  TRP A CZ3 1 
ATOM   387  C  CH2 . TRP A 1 52  ? 6.412   -13.729 2.986   1.00 16.79 ? 70  TRP A CH2 1 
ATOM   388  N  N   . CYS A 1 53  ? 6.035   -11.657 7.783   1.00 14.69 ? 71  CYS A N   1 
ATOM   389  C  CA  . CYS A 1 53  ? 7.237   -10.973 7.343   1.00 15.80 ? 71  CYS A CA  1 
ATOM   390  C  C   . CYS A 1 53  ? 7.667   -9.998  8.426   1.00 18.42 ? 71  CYS A C   1 
ATOM   391  O  O   . CYS A 1 53  ? 6.915   -9.076  8.768   1.00 15.52 ? 71  CYS A O   1 
ATOM   392  C  CB  . CYS A 1 53  ? 6.960   -10.186 6.068   1.00 15.84 ? 71  CYS A CB  1 
ATOM   393  S  SG  . CYS A 1 53  ? 8.396   -9.214  5.554   1.00 21.75 ? 71  CYS A SG  1 
ATOM   394  N  N   . PRO A 1 54  ? 8.875   -10.191 8.963   1.00 16.95 ? 72  PRO A N   1 
ATOM   395  C  CA  . PRO A 1 54  ? 9.314   -9.378  10.103  1.00 19.00 ? 72  PRO A CA  1 
ATOM   396  C  C   . PRO A 1 54  ? 9.385   -7.895  9.748   1.00 16.93 ? 72  PRO A C   1 
ATOM   397  O  O   . PRO A 1 54  ? 9.143   -7.045  10.621  1.00 17.28 ? 72  PRO A O   1 
ATOM   398  C  CB  . PRO A 1 54  ? 10.725  -9.903  10.394  1.00 20.70 ? 72  PRO A CB  1 
ATOM   399  C  CG  . PRO A 1 54  ? 11.140  -10.652 9.148   1.00 20.97 ? 72  PRO A CG  1 
ATOM   400  C  CD  . PRO A 1 54  ? 9.889   -11.179 8.546   1.00 20.73 ? 72  PRO A CD  1 
ATOM   401  N  N   . TYR A 1 55  ? 9.764   -7.593  8.513   1.00 15.75 ? 73  TYR A N   1 
ATOM   402  C  CA  . TYR A 1 55  ? 9.889   -6.186  8.104   1.00 17.09 ? 73  TYR A CA  1 
ATOM   403  C  C   . TYR A 1 55  ? 8.538   -5.498  7.977   1.00 15.91 ? 73  TYR A C   1 
ATOM   404  O  O   . TYR A 1 55  ? 8.427   -4.295  8.213   1.00 16.56 ? 73  TYR A O   1 
ATOM   405  C  CB  . TYR A 1 55  ? 10.700  -6.062  6.832   1.00 15.75 ? 73  TYR A CB  1 
ATOM   406  C  CG  . TYR A 1 55  ? 11.958  -6.897  6.905   1.00 16.38 ? 73  TYR A CG  1 
ATOM   407  C  CD1 . TYR A 1 55  ? 12.839  -6.735  7.963   1.00 21.06 ? 73  TYR A CD1 1 
ATOM   408  C  CD2 . TYR A 1 55  ? 12.248  -7.855  5.949   1.00 20.09 ? 73  TYR A CD2 1 
ATOM   409  C  CE1 . TYR A 1 55  ? 13.986  -7.489  8.063   1.00 21.98 ? 73  TYR A CE1 1 
ATOM   410  C  CE2 . TYR A 1 55  ? 13.427  -8.623  6.038   1.00 22.76 ? 73  TYR A CE2 1 
ATOM   411  C  CZ  . TYR A 1 55  ? 14.275  -8.430  7.111   1.00 25.45 ? 73  TYR A CZ  1 
ATOM   412  O  OH  . TYR A 1 55  ? 15.434  -9.160  7.245   1.00 29.72 ? 73  TYR A OH  1 
ATOM   413  N  N   . CYS A 1 56  ? 7.511   -6.261  7.611   1.00 13.47 ? 74  CYS A N   1 
ATOM   414  C  CA  . CYS A 1 56  ? 6.137   -5.757  7.642   1.00 15.24 ? 74  CYS A CA  1 
ATOM   415  C  C   . CYS A 1 56  ? 5.723   -5.419  9.071   1.00 16.55 ? 74  CYS A C   1 
ATOM   416  O  O   . CYS A 1 56  ? 5.147   -4.362  9.326   1.00 17.90 ? 74  CYS A O   1 
ATOM   417  C  CB  . CYS A 1 56  ? 5.165   -6.795  7.079   1.00 14.20 ? 74  CYS A CB  1 
ATOM   418  S  SG  . CYS A 1 56  ? 5.394   -7.068  5.298   1.00 18.19 ? 74  CYS A SG  1 
ATOM   419  N  N   . ARG A 1 57  ? 5.994   -6.326  10.008  1.00 15.34 ? 75  ARG A N   1 
ATOM   420  C  CA  . ARG A 1 57  ? 5.599   -6.103  11.381  1.00 16.16 ? 75  ARG A CA  1 
ATOM   421  C  C   . ARG A 1 57  ? 6.378   -4.926  11.947  1.00 17.89 ? 75  ARG A C   1 
ATOM   422  O  O   . ARG A 1 57  ? 5.800   -4.074  12.628  1.00 18.29 ? 75  ARG A O   1 
ATOM   423  C  CB  . ARG A 1 57  ? 5.832   -7.359  12.243  1.00 17.65 ? 75  ARG A CB  1 
ATOM   424  C  CG  . ARG A 1 57  ? 5.019   -8.576  11.786  1.00 19.07 ? 75  ARG A CG  1 
ATOM   425  C  CD  . ARG A 1 57  ? 5.083   -9.713  12.830  1.00 18.94 ? 75  ARG A CD  1 
ATOM   426  N  NE  . ARG A 1 57  ? 6.460   -10.098 13.143  1.00 21.72 ? 75  ARG A NE  1 
ATOM   427  C  CZ  . ARG A 1 57  ? 7.087   -11.132 12.589  1.00 24.65 ? 75  ARG A CZ  1 
ATOM   428  N  NH1 . ARG A 1 57  ? 6.464   -11.866 11.679  1.00 19.58 ? 75  ARG A NH1 1 
ATOM   429  N  NH2 . ARG A 1 57  ? 8.339   -11.419 12.927  1.00 23.83 ? 75  ARG A NH2 1 
ATOM   430  N  N   . ASP A 1 58  ? 7.674   -4.869  11.641  1.00 16.36 ? 76  ASP A N   1 
ATOM   431  C  CA  . ASP A 1 58  ? 8.585   -3.865  12.224  1.00 17.86 ? 76  ASP A CA  1 
ATOM   432  C  C   . ASP A 1 58  ? 8.207   -2.424  11.839  1.00 16.24 ? 76  ASP A C   1 
ATOM   433  O  O   . ASP A 1 58  ? 8.411   -1.493  12.639  1.00 15.86 ? 76  ASP A O   1 
ATOM   434  C  CB  . ASP A 1 58  ? 10.039  -4.093  11.771  1.00 19.77 ? 76  ASP A CB  1 
ATOM   435  C  CG  . ASP A 1 58  ? 10.662  -5.360  12.346  1.00 26.38 ? 76  ASP A CG  1 
ATOM   436  O  OD1 . ASP A 1 58  ? 10.114  -5.947  13.303  1.00 25.90 ? 76  ASP A OD1 1 
ATOM   437  O  OD2 . ASP A 1 58  ? 11.714  -5.772  11.806  1.00 31.02 ? 76  ASP A OD2 1 
ATOM   438  N  N   . GLU A 1 59  ? 7.662   -2.229  10.637  1.00 13.32 ? 77  GLU A N   1 
ATOM   439  C  CA  . GLU A 1 59  ? 7.386   -0.855  10.185  1.00 15.33 ? 77  GLU A CA  1 
ATOM   440  C  C   . GLU A 1 59  ? 6.054   -0.330  10.681  1.00 13.02 ? 77  GLU A C   1 
ATOM   441  O  O   . GLU A 1 59  ? 5.791   0.860   10.552  1.00 13.09 ? 77  GLU A O   1 
ATOM   442  C  CB  . GLU A 1 59  ? 7.462   -0.721  8.637   1.00 16.47 ? 77  GLU A CB  1 
ATOM   443  C  CG  . GLU A 1 59  ? 6.354   -1.438  7.899   1.00 16.23 ? 77  GLU A CG  1 
ATOM   444  C  CD  . GLU A 1 59  ? 6.310   -1.093  6.406   1.00 17.71 ? 77  GLU A CD  1 
ATOM   445  O  OE1 . GLU A 1 59  ? 7.192   -0.355  5.934   1.00 19.04 ? 77  GLU A OE1 1 
ATOM   446  O  OE2 . GLU A 1 59  ? 5.388   -1.589  5.735   1.00 20.72 ? 77  GLU A OE2 1 
HETATM 447  N  N   . MSE A 1 60  ? 5.200   -1.191  11.236  1.00 12.64 ? 78  MSE A N   1 
HETATM 448  C  CA  . MSE A 1 60  ? 3.857   -0.737  11.589  1.00 13.77 ? 78  MSE A CA  1 
HETATM 449  C  C   . MSE A 1 60  ? 3.784   0.389   12.627  1.00 13.23 ? 78  MSE A C   1 
HETATM 450  O  O   . MSE A 1 60  ? 2.994   1.328   12.466  1.00 13.08 ? 78  MSE A O   1 
HETATM 451  C  CB  . MSE A 1 60  ? 2.944   -1.912  11.955  1.00 14.32 ? 78  MSE A CB  1 
HETATM 452  C  CG  . MSE A 1 60  ? 2.587   -2.685  10.711  1.00 18.16 ? 78  MSE A CG  1 
HETATM 453  SE SE  . MSE A 1 60  ? 1.331   -4.071  11.288  1.00 37.82 ? 78  MSE A SE  1 
HETATM 454  C  CE  . MSE A 1 60  ? 0.569   -4.620  9.583   1.00 25.26 ? 78  MSE A CE  1 
ATOM   455  N  N   . PRO A 1 61  ? 4.604   0.315   13.684  1.00 12.73 ? 79  PRO A N   1 
ATOM   456  C  CA  . PRO A 1 61  ? 4.483   1.399   14.667  1.00 12.24 ? 79  PRO A CA  1 
ATOM   457  C  C   . PRO A 1 61  ? 4.780   2.782   14.058  1.00 12.67 ? 79  PRO A C   1 
ATOM   458  O  O   . PRO A 1 61  ? 4.082   3.752   14.369  1.00 11.23 ? 79  PRO A O   1 
ATOM   459  C  CB  . PRO A 1 61  ? 5.528   1.027   15.721  1.00 11.47 ? 79  PRO A CB  1 
ATOM   460  C  CG  . PRO A 1 61  ? 5.521   -0.507  15.683  1.00 13.80 ? 79  PRO A CG  1 
ATOM   461  C  CD  . PRO A 1 61  ? 5.444   -0.796  14.174  1.00 11.94 ? 79  PRO A CD  1 
ATOM   462  N  N   . SER A 1 62  ? 5.809   2.883   13.221  1.00 12.30 ? 80  SER A N   1 
ATOM   463  C  CA  . SER A 1 62  ? 6.147   4.180   12.637  1.00 12.84 ? 80  SER A CA  1 
ATOM   464  C  C   . SER A 1 62  ? 5.044   4.659   11.701  1.00 13.30 ? 80  SER A C   1 
ATOM   465  O  O   . SER A 1 62  ? 4.754   5.856   11.649  1.00 13.00 ? 80  SER A O   1 
ATOM   466  C  CB  . SER A 1 62  ? 7.504   4.139   11.921  1.00 12.75 ? 80  SER A CB  1 
ATOM   467  O  OG  . SER A 1 62  ? 7.447   3.364   10.727  1.00 13.14 ? 80  SER A OG  1 
HETATM 468  N  N   . MSE A 1 63  ? 4.411   3.733   10.976  1.00 11.45 ? 81  MSE A N   1 
HETATM 469  C  CA  . MSE A 1 63  ? 3.318   4.128   10.082  1.00 12.22 ? 81  MSE A CA  1 
HETATM 470  C  C   . MSE A 1 63  ? 2.089   4.590   10.886  1.00 13.47 ? 81  MSE A C   1 
HETATM 471  O  O   . MSE A 1 63  ? 1.373   5.513   10.487  1.00 12.60 ? 81  MSE A O   1 
HETATM 472  C  CB  . MSE A 1 63  ? 2.969   2.988   9.093   1.00 14.55 ? 81  MSE A CB  1 
HETATM 473  C  CG  . MSE A 1 63  ? 2.115   3.448   7.961   1.00 17.54 ? 81  MSE A CG  1 
HETATM 474  SE SE  . MSE A 1 63  ? 1.813   1.942   6.720   1.00 34.40 ? 81  MSE A SE  1 
HETATM 475  C  CE  . MSE A 1 63  ? 3.237   0.785   7.393   1.00 19.10 ? 81  MSE A CE  1 
ATOM   476  N  N   . ASP A 1 64  ? 1.845   3.957   12.033  1.00 11.48 ? 82  ASP A N   1 
ATOM   477  C  CA  . ASP A 1 64  ? 0.727   4.352   12.858  1.00 12.53 ? 82  ASP A CA  1 
ATOM   478  C  C   . ASP A 1 64  ? 0.940   5.771   13.402  1.00 12.42 ? 82  ASP A C   1 
ATOM   479  O  O   . ASP A 1 64  ? 0.017   6.595   13.400  1.00 12.40 ? 82  ASP A O   1 
ATOM   480  C  CB  . ASP A 1 64  ? 0.545   3.379   14.029  1.00 12.61 ? 82  ASP A CB  1 
ATOM   481  C  CG  . ASP A 1 64  ? -0.711  3.678   14.834  1.00 15.04 ? 82  ASP A CG  1 
ATOM   482  O  OD1 . ASP A 1 64  ? -1.811  3.794   14.235  1.00 16.14 ? 82  ASP A OD1 1 
ATOM   483  O  OD2 . ASP A 1 64  ? -0.608  3.806   16.076  1.00 14.69 ? 82  ASP A OD2 1 
ATOM   484  N  N   . ARG A 1 65  ? 2.155   6.048   13.865  1.00 11.47 ? 83  ARG A N   1 
ATOM   485  C  CA  . ARG A 1 65  ? 2.468   7.376   14.388  1.00 13.04 ? 83  ARG A CA  1 
ATOM   486  C  C   . ARG A 1 65  ? 2.329   8.409   13.273  1.00 13.84 ? 83  ARG A C   1 
ATOM   487  O  O   . ARG A 1 65  ? 1.800   9.506   13.474  1.00 14.65 ? 83  ARG A O   1 
ATOM   488  C  CB  . ARG A 1 65  ? 3.889   7.400   14.952  1.00 12.83 ? 83  ARG A CB  1 
ATOM   489  C  CG  . ARG A 1 65  ? 4.035   6.573   16.225  1.00 10.33 ? 83  ARG A CG  1 
ATOM   490  C  CD  . ARG A 1 65  ? 5.331   6.909   16.973  1.00 12.22 ? 83  ARG A CD  1 
ATOM   491  N  NE  . ARG A 1 65  ? 6.555   6.638   16.215  1.00 14.29 ? 83  ARG A NE  1 
ATOM   492  C  CZ  . ARG A 1 65  ? 7.110   5.433   16.068  1.00 13.33 ? 83  ARG A CZ  1 
ATOM   493  N  NH1 . ARG A 1 65  ? 6.542   4.343   16.574  1.00 11.86 ? 83  ARG A NH1 1 
ATOM   494  N  NH2 . ARG A 1 65  ? 8.229   5.314   15.392  1.00 14.37 ? 83  ARG A NH2 1 
ATOM   495  N  N   . LEU A 1 66  ? 2.821   8.069   12.085  1.00 12.61 ? 84  LEU A N   1 
ATOM   496  C  CA  . LEU A 1 66  ? 2.694   8.981   10.952  1.00 13.01 ? 84  LEU A CA  1 
ATOM   497  C  C   . LEU A 1 66  ? 1.244   9.338   10.679  1.00 13.89 ? 84  LEU A C   1 
ATOM   498  O  O   . LEU A 1 66  ? 0.906   10.516  10.576  1.00 14.64 ? 84  LEU A O   1 
ATOM   499  C  CB  . LEU A 1 66  ? 3.298   8.338   9.697   1.00 12.64 ? 84  LEU A CB  1 
ATOM   500  C  CG  . LEU A 1 66  ? 3.139   9.124   8.392   1.00 12.67 ? 84  LEU A CG  1 
ATOM   501  C  CD1 . LEU A 1 66  ? 3.950   10.384  8.411   1.00 15.10 ? 84  LEU A CD1 1 
ATOM   502  C  CD2 . LEU A 1 66  ? 3.587   8.203   7.267   1.00 12.07 ? 84  LEU A CD2 1 
ATOM   503  N  N   . VAL A 1 67  ? 0.380   8.335   10.553  1.00 12.43 ? 85  VAL A N   1 
ATOM   504  C  CA  . VAL A 1 67  ? -1.018  8.600   10.210  1.00 12.48 ? 85  VAL A CA  1 
ATOM   505  C  C   . VAL A 1 67  ? -1.701  9.433   11.303  1.00 16.04 ? 85  VAL A C   1 
ATOM   506  O  O   . VAL A 1 67  ? -2.440  10.382  11.014  1.00 16.81 ? 85  VAL A O   1 
ATOM   507  C  CB  . VAL A 1 67  ? -1.802  7.302   10.010  1.00 16.11 ? 85  VAL A CB  1 
ATOM   508  C  CG1 . VAL A 1 67  ? -3.312  7.600   9.874   1.00 19.05 ? 85  VAL A CG1 1 
ATOM   509  C  CG2 . VAL A 1 67  ? -1.314  6.584   8.756   1.00 14.35 ? 85  VAL A CG2 1 
ATOM   510  N  N   . LYS A 1 68  ? -1.454  9.078   12.558  1.00 14.00 ? 86  LYS A N   1 
ATOM   511  C  CA  . LYS A 1 68  ? -2.110  9.767   13.660  1.00 15.38 ? 86  LYS A CA  1 
ATOM   512  C  C   . LYS A 1 68  ? -1.621  11.204  13.848  1.00 19.66 ? 86  LYS A C   1 
ATOM   513  O  O   . LYS A 1 68  ? -2.308  12.037  14.463  1.00 20.30 ? 86  LYS A O   1 
ATOM   514  C  CB  . LYS A 1 68  ? -1.983  8.930   14.949  1.00 15.19 ? 86  LYS A CB  1 
ATOM   515  C  CG  . LYS A 1 68  ? -2.897  7.720   14.933  1.00 15.67 ? 86  LYS A CG  1 
ATOM   516  C  CD  . LYS A 1 68  ? -2.526  6.715   16.025  1.00 15.36 ? 86  LYS A CD  1 
ATOM   517  C  CE  . LYS A 1 68  ? -3.535  5.555   16.083  1.00 17.28 ? 86  LYS A CE  1 
ATOM   518  N  NZ  . LYS A 1 68  ? -3.066  4.492   17.012  1.00 15.91 ? 86  LYS A NZ  1 
ATOM   519  N  N   . SER A 1 69  ? -0.453  11.508  13.298  1.00 14.80 ? 87  SER A N   1 
ATOM   520  C  CA  . SER A 1 69  ? 0.126   12.846  13.410  1.00 18.66 ? 87  SER A CA  1 
ATOM   521  C  C   . SER A 1 69  ? -0.424  13.815  12.378  1.00 21.19 ? 87  SER A C   1 
ATOM   522  O  O   . SER A 1 69  ? -0.314  15.022  12.544  1.00 19.38 ? 87  SER A O   1 
ATOM   523  C  CB  . SER A 1 69  ? 1.648   12.799  13.271  1.00 17.64 ? 87  SER A CB  1 
ATOM   524  O  OG  . SER A 1 69  ? 2.023   12.659  11.901  1.00 20.14 ? 87  SER A OG  1 
ATOM   525  N  N   . PHE A 1 70  ? -0.987  13.291  11.292  1.00 19.50 ? 88  PHE A N   1 
ATOM   526  C  CA  . PHE A 1 70  ? -1.590  14.149  10.271  1.00 24.08 ? 88  PHE A CA  1 
ATOM   527  C  C   . PHE A 1 70  ? -3.019  14.485  10.691  1.00 24.51 ? 88  PHE A C   1 
ATOM   528  O  O   . PHE A 1 70  ? -3.633  13.747  11.480  1.00 28.10 ? 88  PHE A O   1 
ATOM   529  C  CB  . PHE A 1 70  ? -1.613  13.410  8.930   1.00 24.36 ? 88  PHE A CB  1 
ATOM   530  C  CG  . PHE A 1 70  ? -0.400  13.639  8.073   1.00 26.10 ? 88  PHE A CG  1 
ATOM   531  C  CD1 . PHE A 1 70  ? 0.843   13.147  8.436   1.00 27.25 ? 88  PHE A CD1 1 
ATOM   532  C  CD2 . PHE A 1 70  ? -0.519  14.316  6.870   1.00 27.71 ? 88  PHE A CD2 1 
ATOM   533  C  CE1 . PHE A 1 70  ? 1.947   13.358  7.623   1.00 25.71 ? 88  PHE A CE1 1 
ATOM   534  C  CE2 . PHE A 1 70  ? 0.582   14.524  6.056   1.00 31.61 ? 88  PHE A CE2 1 
ATOM   535  C  CZ  . PHE A 1 70  ? 1.812   14.046  6.433   1.00 26.52 ? 88  PHE A CZ  1 
ATOM   536  N  N   . PRO A 1 71  ? -3.570  15.592  10.178  1.00 30.98 ? 89  PRO A N   1 
ATOM   537  C  CA  . PRO A 1 71  ? -4.996  15.870  10.411  1.00 32.90 ? 89  PRO A CA  1 
ATOM   538  C  C   . PRO A 1 71  ? -5.872  14.683  10.007  1.00 35.32 ? 89  PRO A C   1 
ATOM   539  O  O   . PRO A 1 71  ? -5.601  14.024  8.992   1.00 30.85 ? 89  PRO A O   1 
ATOM   540  C  CB  . PRO A 1 71  ? -5.276  17.061  9.489   1.00 30.71 ? 89  PRO A CB  1 
ATOM   541  C  CG  . PRO A 1 71  ? -3.977  17.742  9.365   1.00 33.54 ? 89  PRO A CG  1 
ATOM   542  C  CD  . PRO A 1 71  ? -2.905  16.678  9.440   1.00 33.32 ? 89  PRO A CD  1 
ATOM   543  N  N   . LYS A 1 72  ? -6.911  14.408  10.789  1.00 36.10 ? 90  LYS A N   1 
ATOM   544  C  CA  . LYS A 1 72  ? -7.700  13.197  10.589  1.00 35.97 ? 90  LYS A CA  1 
ATOM   545  C  C   . LYS A 1 72  ? -8.123  13.004  9.132   1.00 36.17 ? 90  LYS A C   1 
ATOM   546  O  O   . LYS A 1 72  ? -8.706  13.898  8.513   1.00 35.35 ? 90  LYS A O   1 
ATOM   547  C  CB  . LYS A 1 72  ? -8.916  13.150  11.515  1.00 38.55 ? 90  LYS A CB  1 
ATOM   548  C  CG  . LYS A 1 72  ? -9.704  11.856  11.398  1.00 43.86 ? 90  LYS A CG  1 
ATOM   549  C  CD  . LYS A 1 72  ? -10.340 11.451  12.718  1.00 50.00 ? 90  LYS A CD  1 
ATOM   550  C  CE  . LYS A 1 72  ? -11.016 10.095  12.591  1.00 51.65 ? 90  LYS A CE  1 
ATOM   551  N  NZ  . LYS A 1 72  ? -11.373 9.529   13.918  1.00 58.96 ? 90  LYS A NZ  1 
ATOM   552  N  N   . GLY A 1 73  ? -7.792  11.834  8.596   1.00 33.26 ? 91  GLY A N   1 
ATOM   553  C  CA  . GLY A 1 73  ? -8.158  11.477  7.236   1.00 33.96 ? 91  GLY A CA  1 
ATOM   554  C  C   . GLY A 1 73  ? -7.325  12.082  6.117   1.00 32.74 ? 91  GLY A C   1 
ATOM   555  O  O   . GLY A 1 73  ? -7.554  11.734  4.953   1.00 34.97 ? 91  GLY A O   1 
ATOM   556  N  N   . ASP A 1 74  ? -6.374  12.965  6.428   1.00 25.94 ? 92  ASP A N   1 
ATOM   557  C  CA  . ASP A 1 74  ? -5.550  13.585  5.371   1.00 29.62 ? 92  ASP A CA  1 
ATOM   558  C  C   . ASP A 1 74  ? -4.561  12.605  4.744   1.00 23.59 ? 92  ASP A C   1 
ATOM   559  O  O   . ASP A 1 74  ? -4.173  12.747  3.572   1.00 20.26 ? 92  ASP A O   1 
ATOM   560  C  CB  . ASP A 1 74  ? -4.750  14.755  5.925   1.00 31.85 ? 92  ASP A CB  1 
ATOM   561  C  CG  . ASP A 1 74  ? -5.514  16.058  5.892   1.00 39.19 ? 92  ASP A CG  1 
ATOM   562  O  OD1 . ASP A 1 74  ? -6.733  16.036  5.597   1.00 40.63 ? 92  ASP A OD1 1 
ATOM   563  O  OD2 . ASP A 1 74  ? -4.883  17.104  6.162   1.00 38.50 ? 92  ASP A OD2 1 
ATOM   564  N  N   . LEU A 1 75  ? -4.108  11.659  5.558   1.00 22.36 ? 93  LEU A N   1 
ATOM   565  C  CA  . LEU A 1 75  ? -3.255  10.567  5.078   1.00 20.03 ? 93  LEU A CA  1 
ATOM   566  C  C   . LEU A 1 75  ? -3.982  9.270   5.357   1.00 18.52 ? 93  LEU A C   1 
ATOM   567  O  O   . LEU A 1 75  ? -4.376  9.009   6.487   1.00 21.97 ? 93  LEU A O   1 
ATOM   568  C  CB  . LEU A 1 75  ? -1.907  10.590  5.800   1.00 18.73 ? 93  LEU A CB  1 
ATOM   569  C  CG  . LEU A 1 75  ? -0.909  9.481   5.483   1.00 19.73 ? 93  LEU A CG  1 
ATOM   570  C  CD1 . LEU A 1 75  ? -0.473  9.552   4.039   1.00 19.79 ? 93  LEU A CD1 1 
ATOM   571  C  CD2 . LEU A 1 75  ? 0.303   9.648   6.419   1.00 23.75 ? 93  LEU A CD2 1 
ATOM   572  N  N   . VAL A 1 76  ? -4.141  8.444   4.332   1.00 15.46 ? 94  VAL A N   1 
ATOM   573  C  CA  . VAL A 1 76  ? -4.913  7.226   4.422   1.00 16.18 ? 94  VAL A CA  1 
ATOM   574  C  C   . VAL A 1 76  ? -3.976  6.066   4.129   1.00 17.26 ? 94  VAL A C   1 
ATOM   575  O  O   . VAL A 1 76  ? -3.245  6.105   3.133   1.00 16.24 ? 94  VAL A O   1 
ATOM   576  C  CB  . VAL A 1 76  ? -6.007  7.226   3.329   1.00 16.57 ? 94  VAL A CB  1 
ATOM   577  C  CG1 . VAL A 1 76  ? -6.776  5.879   3.306   1.00 19.22 ? 94  VAL A CG1 1 
ATOM   578  C  CG2 . VAL A 1 76  ? -6.960  8.397   3.539   1.00 22.97 ? 94  VAL A CG2 1 
ATOM   579  N  N   . VAL A 1 77  ? -3.985  5.048   4.982   1.00 14.92 ? 95  VAL A N   1 
ATOM   580  C  CA  . VAL A 1 77  ? -3.256  3.813   4.695   1.00 12.77 ? 95  VAL A CA  1 
ATOM   581  C  C   . VAL A 1 77  ? -4.228  2.725   4.267   1.00 16.35 ? 95  VAL A C   1 
ATOM   582  O  O   . VAL A 1 77  ? -5.169  2.408   4.994   1.00 17.28 ? 95  VAL A O   1 
ATOM   583  C  CB  . VAL A 1 77  ? -2.442  3.317   5.918   1.00 16.42 ? 95  VAL A CB  1 
ATOM   584  C  CG1 . VAL A 1 77  ? -1.839  1.914   5.634   1.00 16.33 ? 95  VAL A CG1 1 
ATOM   585  C  CG2 . VAL A 1 77  ? -1.336  4.293   6.227   1.00 14.53 ? 95  VAL A CG2 1 
ATOM   586  N  N   . LEU A 1 78  ? -3.997  2.149   3.085   1.00 12.63 ? 96  LEU A N   1 
ATOM   587  C  CA  . LEU A 1 78  ? -4.752  0.977   2.659   1.00 13.08 ? 96  LEU A CA  1 
ATOM   588  C  C   . LEU A 1 78  ? -3.779  -0.182  2.800   1.00 14.64 ? 96  LEU A C   1 
ATOM   589  O  O   . LEU A 1 78  ? -2.904  -0.360  1.958   1.00 15.79 ? 96  LEU A O   1 
ATOM   590  C  CB  . LEU A 1 78  ? -5.265  1.133   1.208   1.00 14.06 ? 96  LEU A CB  1 
ATOM   591  C  CG  . LEU A 1 78  ? -6.212  2.305   0.941   1.00 13.34 ? 96  LEU A CG  1 
ATOM   592  C  CD1 . LEU A 1 78  ? -6.727  2.292   -0.521  1.00 16.02 ? 96  LEU A CD1 1 
ATOM   593  C  CD2 . LEU A 1 78  ? -7.391  2.322   1.942   1.00 16.97 ? 96  LEU A CD2 1 
ATOM   594  N  N   . ALA A 1 79  ? -3.924  -0.932  3.894   1.00 12.99 ? 97  ALA A N   1 
ATOM   595  C  CA  . ALA A 1 79  ? -3.000  -1.991  4.273   1.00 14.89 ? 97  ALA A CA  1 
ATOM   596  C  C   . ALA A 1 79  ? -3.518  -3.317  3.748   1.00 14.81 ? 97  ALA A C   1 
ATOM   597  O  O   . ALA A 1 79  ? -4.261  -4.020  4.445   1.00 15.03 ? 97  ALA A O   1 
ATOM   598  C  CB  . ALA A 1 79  ? -2.865  -2.040  5.783   1.00 14.21 ? 97  ALA A CB  1 
ATOM   599  N  N   . VAL A 1 80  ? -3.109  -3.651  2.524   1.00 13.89 ? 98  VAL A N   1 
ATOM   600  C  CA  . VAL A 1 80  ? -3.614  -4.822  1.795   1.00 13.75 ? 98  VAL A CA  1 
ATOM   601  C  C   . VAL A 1 80  ? -2.835  -6.049  2.240   1.00 14.67 ? 98  VAL A C   1 
ATOM   602  O  O   . VAL A 1 80  ? -1.667  -6.215  1.892   1.00 13.99 ? 98  VAL A O   1 
ATOM   603  C  CB  . VAL A 1 80  ? -3.449  -4.641  0.260   1.00 14.43 ? 98  VAL A CB  1 
ATOM   604  C  CG1 . VAL A 1 80  ? -3.980  -5.852  -0.495  1.00 17.43 ? 98  VAL A CG1 1 
ATOM   605  C  CG2 . VAL A 1 80  ? -4.159  -3.375  -0.226  1.00 15.75 ? 98  VAL A CG2 1 
ATOM   606  N  N   . ASN A 1 81  ? -3.473  -6.910  3.023   1.00 14.43 ? 99  ASN A N   1 
ATOM   607  C  CA  . ASN A 1 81  ? -2.841  -8.143  3.450   1.00 15.31 ? 99  ASN A CA  1 
ATOM   608  C  C   . ASN A 1 81  ? -2.927  -9.177  2.330   1.00 17.06 ? 99  ASN A C   1 
ATOM   609  O  O   . ASN A 1 81  ? -3.985  -9.342  1.730   1.00 18.88 ? 99  ASN A O   1 
ATOM   610  C  CB  . ASN A 1 81  ? -3.518  -8.669  4.717   1.00 16.02 ? 99  ASN A CB  1 
ATOM   611  C  CG  . ASN A 1 81  ? -2.887  -9.950  5.213   1.00 18.72 ? 99  ASN A CG  1 
ATOM   612  O  OD1 . ASN A 1 81  ? -1.922  -9.940  6.004   1.00 20.60 ? 99  ASN A OD1 1 
ATOM   613  N  ND2 . ASN A 1 81  ? -3.402  -11.071 4.726   1.00 18.67 ? 99  ASN A ND2 1 
ATOM   614  N  N   . VAL A 1 82  ? -1.812  -9.846  2.042   1.00 14.75 ? 100 VAL A N   1 
ATOM   615  C  CA  . VAL A 1 82  ? -1.709  -10.680 0.842   1.00 17.42 ? 100 VAL A CA  1 
ATOM   616  C  C   . VAL A 1 82  ? -1.927  -12.162 1.134   1.00 21.02 ? 100 VAL A C   1 
ATOM   617  O  O   . VAL A 1 82  ? -1.846  -12.993 0.232   1.00 20.52 ? 100 VAL A O   1 
ATOM   618  C  CB  . VAL A 1 82  ? -0.333  -10.516 0.139   1.00 17.29 ? 100 VAL A CB  1 
ATOM   619  C  CG1 . VAL A 1 82  ? -0.116  -9.059  -0.303  1.00 18.43 ? 100 VAL A CG1 1 
ATOM   620  C  CG2 . VAL A 1 82  ? 0.810   -10.986 1.056   1.00 19.34 ? 100 VAL A CG2 1 
ATOM   621  N  N   . GLU A 1 83  ? -2.189  -12.488 2.392   1.00 22.04 ? 101 GLU A N   1 
ATOM   622  C  CA  . GLU A 1 83  ? -2.306  -13.887 2.811   1.00 23.11 ? 101 GLU A CA  1 
ATOM   623  C  C   . GLU A 1 83  ? -3.664  -14.491 2.440   1.00 21.90 ? 101 GLU A C   1 
ATOM   624  O  O   . GLU A 1 83  ? -4.672  -13.786 2.334   1.00 23.81 ? 101 GLU A O   1 
ATOM   625  C  CB  . GLU A 1 83  ? -2.053  -14.030 4.318   1.00 21.35 ? 101 GLU A CB  1 
ATOM   626  C  CG  . GLU A 1 83  ? -0.719  -13.493 4.779   1.00 21.46 ? 101 GLU A CG  1 
ATOM   627  C  CD  . GLU A 1 83  ? -0.611  -13.464 6.283   1.00 23.09 ? 101 GLU A CD  1 
ATOM   628  O  OE1 . GLU A 1 83  ? -0.712  -12.358 6.864   1.00 20.37 ? 101 GLU A OE1 1 
ATOM   629  O  OE2 . GLU A 1 83  ? -0.447  -14.550 6.890   1.00 22.61 ? 101 GLU A OE2 1 
ATOM   630  N  N   . LYS A 1 84  ? -3.673  -15.811 2.249   1.00 25.15 ? 102 LYS A N   1 
ATOM   631  C  CA  . LYS A 1 84  ? -4.896  -16.520 1.870   1.00 27.43 ? 102 LYS A CA  1 
ATOM   632  C  C   . LYS A 1 84  ? -6.019  -16.244 2.863   1.00 25.95 ? 102 LYS A C   1 
ATOM   633  O  O   . LYS A 1 84  ? -7.151  -15.956 2.475   1.00 28.17 ? 102 LYS A O   1 
ATOM   634  C  CB  . LYS A 1 84  ? -4.639  -18.022 1.762   1.00 28.97 ? 102 LYS A CB  1 
ATOM   635  C  CG  . LYS A 1 84  ? -5.915  -18.817 1.467   1.00 36.12 ? 102 LYS A CG  1 
ATOM   636  C  CD  . LYS A 1 84  ? -5.648  -20.095 0.681   1.00 41.38 ? 102 LYS A CD  1 
ATOM   637  C  CE  . LYS A 1 84  ? -6.919  -20.550 -0.046  1.00 48.63 ? 102 LYS A CE  1 
ATOM   638  N  NZ  . LYS A 1 84  ? -6.643  -21.441 -1.213  1.00 53.00 ? 102 LYS A NZ  1 
ATOM   639  N  N   . ARG A 1 85  ? -5.691  -16.307 4.148   1.00 25.89 ? 103 ARG A N   1 
ATOM   640  C  CA  . ARG A 1 85  ? -6.624  -15.929 5.196   1.00 29.10 ? 103 ARG A CA  1 
ATOM   641  C  C   . ARG A 1 85  ? -6.077  -14.720 5.958   1.00 26.77 ? 103 ARG A C   1 
ATOM   642  O  O   . ARG A 1 85  ? -4.901  -14.694 6.293   1.00 26.03 ? 103 ARG A O   1 
ATOM   643  C  CB  . ARG A 1 85  ? -6.815  -17.098 6.162   1.00 35.31 ? 103 ARG A CB  1 
ATOM   644  C  CG  . ARG A 1 85  ? -7.374  -16.703 7.518   1.00 43.10 ? 103 ARG A CG  1 
ATOM   645  C  CD  . ARG A 1 85  ? -7.873  -17.923 8.302   1.00 52.11 ? 103 ARG A CD  1 
ATOM   646  N  NE  . ARG A 1 85  ? -9.015  -18.555 7.638   1.00 62.78 ? 103 ARG A NE  1 
ATOM   647  C  CZ  . ARG A 1 85  ? -9.738  -19.544 8.157   1.00 63.46 ? 103 ARG A CZ  1 
ATOM   648  N  NH1 . ARG A 1 85  ? -9.444  -20.030 9.358   1.00 61.75 ? 103 ARG A NH1 1 
ATOM   649  N  NH2 . ARG A 1 85  ? -10.758 -20.048 7.471   1.00 62.38 ? 103 ARG A NH2 1 
ATOM   650  N  N   . PHE A 1 86  ? -6.926  -13.733 6.231   1.00 24.71 ? 104 PHE A N   1 
ATOM   651  C  CA  . PHE A 1 86  ? -6.481  -12.562 6.983   1.00 24.49 ? 104 PHE A CA  1 
ATOM   652  C  C   . PHE A 1 86  ? -6.108  -12.952 8.403   1.00 27.77 ? 104 PHE A C   1 
ATOM   653  O  O   . PHE A 1 86  ? -6.866  -13.666 9.060   1.00 25.92 ? 104 PHE A O   1 
ATOM   654  C  CB  . PHE A 1 86  ? -7.552  -11.470 7.010   1.00 25.27 ? 104 PHE A CB  1 
ATOM   655  C  CG  . PHE A 1 86  ? -7.065  -10.180 7.616   1.00 26.60 ? 104 PHE A CG  1 
ATOM   656  C  CD1 . PHE A 1 86  ? -7.124  -9.971  8.987   1.00 25.47 ? 104 PHE A CD1 1 
ATOM   657  C  CD2 . PHE A 1 86  ? -6.509  -9.198  6.814   1.00 25.90 ? 104 PHE A CD2 1 
ATOM   658  C  CE1 . PHE A 1 86  ? -6.651  -8.803  9.549   1.00 24.79 ? 104 PHE A CE1 1 
ATOM   659  C  CE2 . PHE A 1 86  ? -6.036  -8.024  7.365   1.00 21.57 ? 104 PHE A CE2 1 
ATOM   660  C  CZ  . PHE A 1 86  ? -6.100  -7.826  8.747   1.00 20.93 ? 104 PHE A CZ  1 
ATOM   661  N  N   . PRO A 1 87  ? -4.945  -12.476 8.891   1.00 21.88 ? 105 PRO A N   1 
ATOM   662  C  CA  . PRO A 1 87  ? -4.474  -12.825 10.234  1.00 24.57 ? 105 PRO A CA  1 
ATOM   663  C  C   . PRO A 1 87  ? -5.383  -12.239 11.330  1.00 29.12 ? 105 PRO A C   1 
ATOM   664  O  O   . PRO A 1 87  ? -5.363  -11.039 11.588  1.00 23.64 ? 105 PRO A O   1 
ATOM   665  C  CB  . PRO A 1 87  ? -3.073  -12.198 10.318  1.00 25.39 ? 105 PRO A CB  1 
ATOM   666  C  CG  . PRO A 1 87  ? -2.947  -11.268 9.184   1.00 22.23 ? 105 PRO A CG  1 
ATOM   667  C  CD  . PRO A 1 87  ? -4.084  -11.486 8.209   1.00 22.80 ? 105 PRO A CD  1 
ATOM   668  N  N   . GLU A 1 88  ? -6.161  -13.105 11.972  1.00 31.54 ? 106 GLU A N   1 
ATOM   669  C  CA  . GLU A 1 88  ? -7.213  -12.693 12.912  1.00 35.12 ? 106 GLU A CA  1 
ATOM   670  C  C   . GLU A 1 88  ? -6.787  -11.677 13.972  1.00 32.44 ? 106 GLU A C   1 
ATOM   671  O  O   . GLU A 1 88  ? -7.555  -10.789 14.332  1.00 35.38 ? 106 GLU A O   1 
ATOM   672  C  CB  . GLU A 1 88  ? -7.820  -13.936 13.589  1.00 39.03 ? 106 GLU A CB  1 
ATOM   673  C  CG  . GLU A 1 88  ? -8.917  -13.643 14.606  1.00 45.66 ? 106 GLU A CG  1 
ATOM   674  C  CD  . GLU A 1 88  ? -8.377  -13.372 16.006  1.00 49.40 ? 106 GLU A CD  1 
ATOM   675  O  OE1 . GLU A 1 88  ? -7.278  -13.874 16.338  1.00 51.01 ? 106 GLU A OE1 1 
ATOM   676  O  OE2 . GLU A 1 88  ? -9.058  -12.662 16.780  1.00 52.78 ? 106 GLU A OE2 1 
ATOM   677  N  N   . LYS A 1 89  ? -5.577  -11.827 14.488  1.00 30.15 ? 107 LYS A N   1 
ATOM   678  C  CA  . LYS A 1 89  ? -5.086  -10.958 15.554  1.00 33.57 ? 107 LYS A CA  1 
ATOM   679  C  C   . LYS A 1 89  ? -5.072  -9.479  15.169  1.00 31.85 ? 107 LYS A C   1 
ATOM   680  O  O   . LYS A 1 89  ? -5.263  -8.615  16.016  1.00 29.94 ? 107 LYS A O   1 
ATOM   681  C  CB  . LYS A 1 89  ? -3.687  -11.396 15.993  1.00 39.14 ? 107 LYS A CB  1 
ATOM   682  C  CG  . LYS A 1 89  ? -3.670  -12.681 16.826  1.00 46.51 ? 107 LYS A CG  1 
ATOM   683  C  CD  . LYS A 1 89  ? -2.250  -13.065 17.233  1.00 56.85 ? 107 LYS A CD  1 
ATOM   684  C  CE  . LYS A 1 89  ? -2.243  -14.068 18.388  1.00 60.66 ? 107 LYS A CE  1 
ATOM   685  N  NZ  . LYS A 1 89  ? -2.908  -15.347 18.022  1.00 61.99 ? 107 LYS A NZ  1 
ATOM   686  N  N   . TYR A 1 90  ? -4.843  -9.190  13.893  1.00 26.86 ? 108 TYR A N   1 
ATOM   687  C  CA  . TYR A 1 90  ? -4.767  -7.807  13.436  1.00 25.44 ? 108 TYR A CA  1 
ATOM   688  C  C   . TYR A 1 90  ? -6.142  -7.152  13.348  1.00 27.74 ? 108 TYR A C   1 
ATOM   689  O  O   . TYR A 1 90  ? -6.243  -5.944  13.153  1.00 27.27 ? 108 TYR A O   1 
ATOM   690  C  CB  . TYR A 1 90  ? -4.037  -7.727  12.077  1.00 23.52 ? 108 TYR A CB  1 
ATOM   691  C  CG  . TYR A 1 90  ? -2.572  -8.017  12.194  1.00 22.91 ? 108 TYR A CG  1 
ATOM   692  C  CD1 . TYR A 1 90  ? -2.111  -9.319  12.218  1.00 23.63 ? 108 TYR A CD1 1 
ATOM   693  C  CD2 . TYR A 1 90  ? -1.647  -6.989  12.332  1.00 24.46 ? 108 TYR A CD2 1 
ATOM   694  C  CE1 . TYR A 1 90  ? -0.784  -9.602  12.356  1.00 23.98 ? 108 TYR A CE1 1 
ATOM   695  C  CE2 . TYR A 1 90  ? -0.302  -7.260  12.470  1.00 26.73 ? 108 TYR A CE2 1 
ATOM   696  C  CZ  . TYR A 1 90  ? 0.128   -8.573  12.473  1.00 25.96 ? 108 TYR A CZ  1 
ATOM   697  O  OH  . TYR A 1 90  ? 1.457   -8.871  12.607  1.00 27.15 ? 108 TYR A OH  1 
ATOM   698  N  N   . ARG A 1 91  ? -7.208  -7.931  13.509  1.00 25.29 ? 109 ARG A N   1 
ATOM   699  C  CA  . ARG A 1 91  ? -8.541  -7.341  13.465  1.00 29.04 ? 109 ARG A CA  1 
ATOM   700  C  C   . ARG A 1 91  ? -8.763  -6.403  14.647  1.00 30.35 ? 109 ARG A C   1 
ATOM   701  O  O   . ARG A 1 91  ? -9.572  -5.478  14.584  1.00 34.81 ? 109 ARG A O   1 
ATOM   702  C  CB  . ARG A 1 91  ? -9.614  -8.431  13.454  1.00 33.19 ? 109 ARG A CB  1 
ATOM   703  C  CG  . ARG A 1 91  ? -9.506  -9.376  12.275  1.00 34.38 ? 109 ARG A CG  1 
ATOM   704  C  CD  . ARG A 1 91  ? -10.509 -10.514 12.387  1.00 39.61 ? 109 ARG A CD  1 
ATOM   705  N  NE  . ARG A 1 91  ? -10.112 -11.680 11.600  1.00 40.42 ? 109 ARG A NE  1 
ATOM   706  C  CZ  . ARG A 1 91  ? -10.466 -11.892 10.336  1.00 37.50 ? 109 ARG A CZ  1 
ATOM   707  N  NH1 . ARG A 1 91  ? -11.233 -11.013 9.703   1.00 41.21 ? 109 ARG A NH1 1 
ATOM   708  N  NH2 . ARG A 1 91  ? -10.052 -12.988 9.706   1.00 39.39 ? 109 ARG A NH2 1 
ATOM   709  N  N   . ARG A 1 92  ? -8.041  -6.631  15.730  1.00 27.09 ? 110 ARG A N   1 
ATOM   710  C  CA  . ARG A 1 92  ? -8.246  -5.802  16.904  1.00 35.85 ? 110 ARG A CA  1 
ATOM   711  C  C   . ARG A 1 92  ? -7.055  -4.910  17.198  1.00 34.23 ? 110 ARG A C   1 
ATOM   712  O  O   . ARG A 1 92  ? -6.905  -4.421  18.306  1.00 32.81 ? 110 ARG A O   1 
ATOM   713  C  CB  . ARG A 1 92  ? -8.590  -6.664  18.114  1.00 38.93 ? 110 ARG A CB  1 
ATOM   714  C  CG  . ARG A 1 92  ? -9.994  -7.244  18.038  1.00 45.33 ? 110 ARG A CG  1 
ATOM   715  C  CD  . ARG A 1 92  ? -10.193 -8.353  19.058  1.00 52.53 ? 110 ARG A CD  1 
ATOM   716  N  NE  . ARG A 1 92  ? -9.355  -9.517  18.777  1.00 57.37 ? 110 ARG A NE  1 
ATOM   717  C  CZ  . ARG A 1 92  ? -8.167  -9.742  19.333  1.00 56.93 ? 110 ARG A CZ  1 
ATOM   718  N  NH1 . ARG A 1 92  ? -7.661  -8.881  20.210  1.00 56.32 ? 110 ARG A NH1 1 
ATOM   719  N  NH2 . ARG A 1 92  ? -7.486  -10.834 19.017  1.00 57.25 ? 110 ARG A NH2 1 
ATOM   720  N  N   . ALA A 1 93  ? -6.212  -4.690  16.194  1.00 31.32 ? 111 ALA A N   1 
ATOM   721  C  CA  . ALA A 1 93  ? -5.084  -3.781  16.355  1.00 27.68 ? 111 ALA A CA  1 
ATOM   722  C  C   . ALA A 1 93  ? -5.577  -2.337  16.395  1.00 25.78 ? 111 ALA A C   1 
ATOM   723  O  O   . ALA A 1 93  ? -6.358  -1.921  15.549  1.00 23.78 ? 111 ALA A O   1 
ATOM   724  C  CB  . ALA A 1 93  ? -4.086  -3.975  15.227  1.00 26.80 ? 111 ALA A CB  1 
ATOM   725  N  N   . PRO A 1 94  ? -5.113  -1.563  17.394  1.00 22.25 ? 112 PRO A N   1 
ATOM   726  C  CA  . PRO A 1 94  ? -5.512  -0.166  17.594  1.00 19.58 ? 112 PRO A CA  1 
ATOM   727  C  C   . PRO A 1 94  ? -4.744  0.772   16.671  1.00 21.44 ? 112 PRO A C   1 
ATOM   728  O  O   . PRO A 1 94  ? -4.182  1.768   17.121  1.00 22.90 ? 112 PRO A O   1 
ATOM   729  C  CB  . PRO A 1 94  ? -5.100  0.106   19.052  1.00 22.04 ? 112 PRO A CB  1 
ATOM   730  C  CG  . PRO A 1 94  ? -3.978  -0.824  19.313  1.00 22.56 ? 112 PRO A CG  1 
ATOM   731  C  CD  . PRO A 1 94  ? -4.229  -2.057  18.464  1.00 24.98 ? 112 PRO A CD  1 
ATOM   732  N  N   . VAL A 1 95  ? -4.729  0.469   15.381  1.00 17.79 ? 113 VAL A N   1 
ATOM   733  C  CA  . VAL A 1 95  ? -3.940  1.259   14.450  1.00 17.84 ? 113 VAL A CA  1 
ATOM   734  C  C   . VAL A 1 95  ? -4.838  1.973   13.465  1.00 20.87 ? 113 VAL A C   1 
ATOM   735  O  O   . VAL A 1 95  ? -5.963  1.557   13.215  1.00 20.89 ? 113 VAL A O   1 
ATOM   736  C  CB  . VAL A 1 95  ? -2.933  0.386   13.679  1.00 19.07 ? 113 VAL A CB  1 
ATOM   737  C  CG1 . VAL A 1 95  ? -1.903  -0.200  14.640  1.00 21.00 ? 113 VAL A CG1 1 
ATOM   738  C  CG2 . VAL A 1 95  ? -3.662  -0.741  12.920  1.00 19.71 ? 113 VAL A CG2 1 
ATOM   739  N  N   . SER A 1 96  ? -4.334  3.063   12.909  1.00 17.57 ? 114 SER A N   1 
ATOM   740  C  CA  . SER A 1 96  ? -5.094  3.849   11.963  1.00 19.53 ? 114 SER A CA  1 
ATOM   741  C  C   . SER A 1 96  ? -4.798  3.397   10.535  1.00 20.67 ? 114 SER A C   1 
ATOM   742  O  O   . SER A 1 96  ? -4.374  4.199   9.702   1.00 21.34 ? 114 SER A O   1 
ATOM   743  C  CB  . SER A 1 96  ? -4.764  5.326   12.133  1.00 20.17 ? 114 SER A CB  1 
ATOM   744  O  OG  . SER A 1 96  ? -5.326  5.832   13.344  1.00 23.02 ? 114 SER A OG  1 
ATOM   745  N  N   . PHE A 1 97  ? -4.998  2.107   10.267  1.00 18.09 ? 115 PHE A N   1 
ATOM   746  C  CA  . PHE A 1 97  ? -4.849  1.580   8.911   1.00 17.01 ? 115 PHE A CA  1 
ATOM   747  C  C   . PHE A 1 97  ? -6.192  1.029   8.509   1.00 19.92 ? 115 PHE A C   1 
ATOM   748  O  O   . PHE A 1 97  ? -6.946  0.545   9.358   1.00 19.74 ? 115 PHE A O   1 
ATOM   749  C  CB  . PHE A 1 97  ? -3.853  0.421   8.856   1.00 17.47 ? 115 PHE A CB  1 
ATOM   750  C  CG  . PHE A 1 97  ? -2.530  0.711   9.485   1.00 17.34 ? 115 PHE A CG  1 
ATOM   751  C  CD1 . PHE A 1 97  ? -2.015  1.993   9.524   1.00 19.17 ? 115 PHE A CD1 1 
ATOM   752  C  CD2 . PHE A 1 97  ? -1.783  -0.321  10.022  1.00 21.25 ? 115 PHE A CD2 1 
ATOM   753  C  CE1 . PHE A 1 97  ? -0.774  2.241   10.121  1.00 16.31 ? 115 PHE A CE1 1 
ATOM   754  C  CE2 . PHE A 1 97  ? -0.546  -0.078  10.621  1.00 21.56 ? 115 PHE A CE2 1 
ATOM   755  C  CZ  . PHE A 1 97  ? -0.048  1.203   10.660  1.00 18.39 ? 115 PHE A CZ  1 
ATOM   756  N  N   . ASN A 1 98  ? -6.486  1.078   7.216   1.00 15.45 ? 116 ASN A N   1 
ATOM   757  C  CA  . ASN A 1 98  ? -7.658  0.397   6.684   1.00 16.55 ? 116 ASN A CA  1 
ATOM   758  C  C   . ASN A 1 98  ? -7.197  -0.950  6.179   1.00 17.80 ? 116 ASN A C   1 
ATOM   759  O  O   . ASN A 1 98  ? -6.583  -1.044  5.113   1.00 18.56 ? 116 ASN A O   1 
ATOM   760  C  CB  . ASN A 1 98  ? -8.251  1.202   5.535   1.00 16.93 ? 116 ASN A CB  1 
ATOM   761  C  CG  . ASN A 1 98  ? -8.753  2.561   5.992   1.00 22.44 ? 116 ASN A CG  1 
ATOM   762  O  OD1 . ASN A 1 98  ? -9.873  2.684   6.472   1.00 28.10 ? 116 ASN A OD1 1 
ATOM   763  N  ND2 . ASN A 1 98  ? -7.909  3.575   5.879   1.00 21.94 ? 116 ASN A ND2 1 
ATOM   764  N  N   . PHE A 1 99  ? -7.462  -2.000  6.941   1.00 16.69 ? 117 PHE A N   1 
ATOM   765  C  CA  . PHE A 1 99  ? -6.996  -3.321  6.539   1.00 14.15 ? 117 PHE A CA  1 
ATOM   766  C  C   . PHE A 1 99  ? -7.890  -3.894  5.447   1.00 20.12 ? 117 PHE A C   1 
ATOM   767  O  O   . PHE A 1 99  ? -9.108  -3.853  5.566   1.00 20.37 ? 117 PHE A O   1 
ATOM   768  C  CB  . PHE A 1 99  ? -6.993  -4.276  7.730   1.00 15.86 ? 117 PHE A CB  1 
ATOM   769  C  CG  . PHE A 1 99  ? -5.844  -4.058  8.674   1.00 17.80 ? 117 PHE A CG  1 
ATOM   770  C  CD1 . PHE A 1 99  ? -4.539  -4.120  8.221   1.00 16.47 ? 117 PHE A CD1 1 
ATOM   771  C  CD2 . PHE A 1 99  ? -6.077  -3.778  10.015  1.00 19.03 ? 117 PHE A CD2 1 
ATOM   772  C  CE1 . PHE A 1 99  ? -3.471  -3.929  9.091   1.00 16.64 ? 117 PHE A CE1 1 
ATOM   773  C  CE2 . PHE A 1 99  ? -5.015  -3.595  10.888  1.00 22.10 ? 117 PHE A CE2 1 
ATOM   774  C  CZ  . PHE A 1 99  ? -3.710  -3.670  10.422  1.00 18.19 ? 117 PHE A CZ  1 
ATOM   775  N  N   . LEU A 1 100 ? -7.272  -4.419  4.391   1.00 17.87 ? 118 LEU A N   1 
ATOM   776  C  CA  . LEU A 1 100 ? -8.005  -5.028  3.290   1.00 18.59 ? 118 LEU A CA  1 
ATOM   777  C  C   . LEU A 1 100 ? -7.432  -6.398  3.040   1.00 19.94 ? 118 LEU A C   1 
ATOM   778  O  O   . LEU A 1 100 ? -6.305  -6.690  3.445   1.00 20.03 ? 118 LEU A O   1 
ATOM   779  C  CB  . LEU A 1 100 ? -7.865  -4.183  2.026   1.00 19.09 ? 118 LEU A CB  1 
ATOM   780  C  CG  . LEU A 1 100 ? -8.353  -2.734  2.117   1.00 18.38 ? 118 LEU A CG  1 
ATOM   781  C  CD1 . LEU A 1 100 ? -8.025  -1.995  0.844   1.00 18.12 ? 118 LEU A CD1 1 
ATOM   782  C  CD2 . LEU A 1 100 ? -9.855  -2.684  2.391   1.00 22.66 ? 118 LEU A CD2 1 
ATOM   783  N  N   . SER A 1 101 ? -8.212  -7.254  2.389   1.00 17.70 ? 119 SER A N   1 
ATOM   784  C  CA  . SER A 1 101 ? -7.708  -8.551  1.977   1.00 18.44 ? 119 SER A CA  1 
ATOM   785  C  C   . SER A 1 101 ? -7.757  -8.643  0.453   1.00 22.45 ? 119 SER A C   1 
ATOM   786  O  O   . SER A 1 101 ? -8.661  -8.096  -0.157  1.00 23.79 ? 119 SER A O   1 
ATOM   787  C  CB  . SER A 1 101 ? -8.576  -9.650  2.601   1.00 26.38 ? 119 SER A CB  1 
ATOM   788  O  OG  . SER A 1 101 ? -8.107  -10.920 2.207   1.00 33.08 ? 119 SER A OG  1 
ATOM   789  N  N   . ASP A 1 102 ? -6.794  -9.336  -0.150  1.00 20.84 ? 120 ASP A N   1 
ATOM   790  C  CA  . ASP A 1 102 ? -6.709  -9.494  -1.603  1.00 21.85 ? 120 ASP A CA  1 
ATOM   791  C  C   . ASP A 1 102 ? -6.745  -10.992 -1.927  1.00 24.69 ? 120 ASP A C   1 
ATOM   792  O  O   . ASP A 1 102 ? -5.767  -11.568 -2.384  1.00 24.08 ? 120 ASP A O   1 
ATOM   793  C  CB  . ASP A 1 102 ? -5.402  -8.863  -2.096  1.00 20.70 ? 120 ASP A CB  1 
ATOM   794  C  CG  . ASP A 1 102 ? -5.197  -8.972  -3.605  1.00 20.90 ? 120 ASP A CG  1 
ATOM   795  O  OD1 . ASP A 1 102 ? -6.174  -8.948  -4.388  1.00 20.50 ? 120 ASP A OD1 1 
ATOM   796  O  OD2 . ASP A 1 102 ? -4.022  -9.060  -4.010  1.00 20.18 ? 120 ASP A OD2 1 
ATOM   797  N  N   . ALA A 1 103 ? -7.890  -11.620 -1.697  1.00 27.87 ? 121 ALA A N   1 
ATOM   798  C  CA  . ALA A 1 103 ? -7.957  -13.079 -1.736  1.00 32.03 ? 121 ALA A CA  1 
ATOM   799  C  C   . ALA A 1 103 ? -7.584  -13.682 -3.094  1.00 31.16 ? 121 ALA A C   1 
ATOM   800  O  O   . ALA A 1 103 ? -6.955  -14.736 -3.153  1.00 35.34 ? 121 ALA A O   1 
ATOM   801  C  CB  . ALA A 1 103 ? -9.331  -13.566 -1.287  1.00 34.05 ? 121 ALA A CB  1 
ATOM   802  N  N   . THR A 1 104 ? -7.973  -13.025 -4.178  1.00 30.04 ? 122 THR A N   1 
ATOM   803  C  CA  . THR A 1 104 ? -7.660  -13.530 -5.514  1.00 28.57 ? 122 THR A CA  1 
ATOM   804  C  C   . THR A 1 104 ? -6.201  -13.317 -5.904  1.00 30.91 ? 122 THR A C   1 
ATOM   805  O  O   . THR A 1 104 ? -5.719  -13.906 -6.871  1.00 30.90 ? 122 THR A O   1 
ATOM   806  C  CB  . THR A 1 104 ? -8.554  -12.889 -6.593  1.00 33.22 ? 122 THR A CB  1 
ATOM   807  O  OG1 . THR A 1 104 ? -8.174  -11.520 -6.790  1.00 32.28 ? 122 THR A OG1 1 
ATOM   808  C  CG2 . THR A 1 104 ? -10.023 -12.953 -6.189  1.00 35.49 ? 122 THR A CG2 1 
ATOM   809  N  N   . GLY A 1 105 ? -5.499  -12.467 -5.160  1.00 25.17 ? 123 GLY A N   1 
ATOM   810  C  CA  . GLY A 1 105 ? -4.114  -12.142 -5.474  1.00 24.14 ? 123 GLY A CA  1 
ATOM   811  C  C   . GLY A 1 105 ? -3.983  -11.087 -6.559  1.00 20.33 ? 123 GLY A C   1 
ATOM   812  O  O   . GLY A 1 105 ? -2.871  -10.653 -6.889  1.00 19.75 ? 123 GLY A O   1 
ATOM   813  N  N   . GLN A 1 106 ? -5.118  -10.667 -7.112  1.00 20.43 ? 124 GLN A N   1 
ATOM   814  C  CA  . GLN A 1 106 ? -5.115  -9.843  -8.309  1.00 20.66 ? 124 GLN A CA  1 
ATOM   815  C  C   . GLN A 1 106 ? -4.543  -8.462  -8.073  1.00 18.32 ? 124 GLN A C   1 
ATOM   816  O  O   . GLN A 1 106 ? -3.847  -7.937  -8.915  1.00 17.63 ? 124 GLN A O   1 
ATOM   817  C  CB  . GLN A 1 106 ? -6.531  -9.700  -8.882  1.00 25.79 ? 124 GLN A CB  1 
ATOM   818  C  CG  . GLN A 1 106 ? -7.124  -11.009 -9.399  1.00 34.27 ? 124 GLN A CG  1 
ATOM   819  C  CD  . GLN A 1 106 ? -6.300  -11.618 -10.501 1.00 39.54 ? 124 GLN A CD  1 
ATOM   820  O  OE1 . GLN A 1 106 ? -5.440  -12.468 -10.252 1.00 46.47 ? 124 GLN A OE1 1 
ATOM   821  N  NE2 . GLN A 1 106 ? -6.551  -11.186 -11.738 1.00 47.95 ? 124 GLN A NE2 1 
ATOM   822  N  N   . VAL A 1 107 ? -4.866  -7.849  -6.943  1.00 16.56 ? 125 VAL A N   1 
ATOM   823  C  CA  . VAL A 1 107 ? -4.426  -6.465  -6.769  1.00 14.44 ? 125 VAL A CA  1 
ATOM   824  C  C   . VAL A 1 107 ? -2.918  -6.432  -6.562  1.00 14.86 ? 125 VAL A C   1 
ATOM   825  O  O   . VAL A 1 107 ? -2.221  -5.578  -7.115  1.00 14.64 ? 125 VAL A O   1 
ATOM   826  C  CB  . VAL A 1 107 ? -5.146  -5.771  -5.620  1.00 16.06 ? 125 VAL A CB  1 
ATOM   827  C  CG1 . VAL A 1 107 ? -4.586  -4.360  -5.449  1.00 14.22 ? 125 VAL A CG1 1 
ATOM   828  C  CG2 . VAL A 1 107 ? -6.644  -5.724  -5.908  1.00 18.28 ? 125 VAL A CG2 1 
ATOM   829  N  N   . GLN A 1 108 ? -2.417  -7.374  -5.771  1.00 13.78 ? 126 GLN A N   1 
ATOM   830  C  CA  . GLN A 1 108 ? -0.982  -7.476  -5.542  1.00 14.06 ? 126 GLN A CA  1 
ATOM   831  C  C   . GLN A 1 108 ? -0.254  -7.689  -6.870  1.00 15.50 ? 126 GLN A C   1 
ATOM   832  O  O   . GLN A 1 108 ? 0.764   -7.058  -7.146  1.00 13.63 ? 126 GLN A O   1 
ATOM   833  C  CB  . GLN A 1 108 ? -0.669  -8.628  -4.570  1.00 15.26 ? 126 GLN A CB  1 
ATOM   834  C  CG  . GLN A 1 108 ? 0.803   -8.760  -4.268  1.00 15.08 ? 126 GLN A CG  1 
ATOM   835  C  CD  . GLN A 1 108 ? 1.134   -10.002 -3.439  1.00 16.72 ? 126 GLN A CD  1 
ATOM   836  O  OE1 . GLN A 1 108 ? 0.293   -10.886 -3.253  1.00 17.00 ? 126 GLN A OE1 1 
ATOM   837  N  NE2 . GLN A 1 108 ? 2.363   -10.071 -2.947  1.00 16.59 ? 126 GLN A NE2 1 
ATOM   838  N  N   . GLN A 1 109 ? -0.807  -8.551  -7.707  1.00 16.27 ? 127 GLN A N   1 
ATOM   839  C  CA  . GLN A 1 109 ? -0.194  -8.823  -9.008  1.00 17.91 ? 127 GLN A CA  1 
ATOM   840  C  C   . GLN A 1 109 ? -0.208  -7.588  -9.915  1.00 16.00 ? 127 GLN A C   1 
ATOM   841  O  O   . GLN A 1 109 ? 0.782   -7.272  -10.573 1.00 16.84 ? 127 GLN A O   1 
ATOM   842  C  CB  . GLN A 1 109 ? -0.903  -10.015 -9.675  1.00 19.63 ? 127 GLN A CB  1 
ATOM   843  C  CG  . GLN A 1 109 ? -0.302  -10.429 -11.012 1.00 25.74 ? 127 GLN A CG  1 
ATOM   844  C  CD  . GLN A 1 109 ? -0.735  -11.824 -11.417 1.00 32.86 ? 127 GLN A CD  1 
ATOM   845  O  OE1 . GLN A 1 109 ? -1.819  -12.284 -11.044 1.00 41.66 ? 127 GLN A OE1 1 
ATOM   846  N  NE2 . GLN A 1 109 ? 0.119   -12.517 -12.153 1.00 33.71 ? 127 GLN A NE2 1 
ATOM   847  N  N   . ARG A 1 110 ? -1.324  -6.864  -9.928  1.00 16.68 ? 128 ARG A N   1 
ATOM   848  C  CA  . ARG A 1 110 ? -1.417  -5.673  -10.754 1.00 16.50 ? 128 ARG A CA  1 
ATOM   849  C  C   . ARG A 1 110 ? -0.445  -4.586  -10.324 1.00 15.91 ? 128 ARG A C   1 
ATOM   850  O  O   . ARG A 1 110 ? 0.017   -3.805  -11.157 1.00 17.19 ? 128 ARG A O   1 
ATOM   851  C  CB  . ARG A 1 110 ? -2.849  -5.146  -10.775 1.00 20.16 ? 128 ARG A CB  1 
ATOM   852  C  CG  . ARG A 1 110 ? -3.809  -6.127  -11.465 1.00 20.79 ? 128 ARG A CG  1 
ATOM   853  C  CD  . ARG A 1 110 ? -5.247  -5.754  -11.174 1.00 25.53 ? 128 ARG A CD  1 
ATOM   854  N  NE  . ARG A 1 110 ? -5.487  -4.412  -11.662 1.00 26.52 ? 128 ARG A NE  1 
ATOM   855  C  CZ  . ARG A 1 110 ? -6.310  -3.537  -11.103 1.00 26.46 ? 128 ARG A CZ  1 
ATOM   856  N  NH1 . ARG A 1 110 ? -7.023  -3.872  -10.018 1.00 22.75 ? 128 ARG A NH1 1 
ATOM   857  N  NH2 . ARG A 1 110 ? -6.423  -2.324  -11.663 1.00 24.41 ? 128 ARG A NH2 1 
ATOM   858  N  N   . TYR A 1 111 ? -0.135  -4.528  -9.027  1.00 13.32 ? 129 TYR A N   1 
ATOM   859  C  CA  . TYR A 1 111 ? 0.880   -3.599  -8.539  1.00 13.65 ? 129 TYR A CA  1 
ATOM   860  C  C   . TYR A 1 111 ? 2.302   -4.136  -8.650  1.00 15.61 ? 129 TYR A C   1 
ATOM   861  O  O   . TYR A 1 111 ? 3.248   -3.419  -8.346  1.00 15.51 ? 129 TYR A O   1 
ATOM   862  C  CB  . TYR A 1 111 ? 0.594   -3.151  -7.066  1.00 11.10 ? 129 TYR A CB  1 
ATOM   863  C  CG  . TYR A 1 111 ? -0.356  -1.980  -7.005  1.00 12.95 ? 129 TYR A CG  1 
ATOM   864  C  CD1 . TYR A 1 111 ? -1.733  -2.161  -7.204  1.00 12.73 ? 129 TYR A CD1 1 
ATOM   865  C  CD2 . TYR A 1 111 ? 0.123   -0.684  -6.804  1.00 12.32 ? 129 TYR A CD2 1 
ATOM   866  C  CE1 . TYR A 1 111 ? -2.610  -1.072  -7.187  1.00 12.56 ? 129 TYR A CE1 1 
ATOM   867  C  CE2 . TYR A 1 111 ? -0.749  0.417   -6.782  1.00 12.39 ? 129 TYR A CE2 1 
ATOM   868  C  CZ  . TYR A 1 111 ? -2.107  0.208   -6.986  1.00 13.49 ? 129 TYR A CZ  1 
ATOM   869  O  OH  . TYR A 1 111 ? -2.977  1.272   -6.979  1.00 14.22 ? 129 TYR A OH  1 
ATOM   870  N  N   . GLY A 1 112 ? 2.459   -5.380  -9.107  1.00 14.50 ? 130 GLY A N   1 
ATOM   871  C  CA  . GLY A 1 112 ? 3.779   -5.993  -9.176  1.00 16.76 ? 130 GLY A CA  1 
ATOM   872  C  C   . GLY A 1 112 ? 4.466   -6.056  -7.817  1.00 16.21 ? 130 GLY A C   1 
ATOM   873  O  O   . GLY A 1 112 ? 5.699   -5.990  -7.715  1.00 16.15 ? 130 GLY A O   1 
ATOM   874  N  N   . ALA A 1 113 ? 3.668   -6.204  -6.769  1.00 14.07 ? 131 ALA A N   1 
ATOM   875  C  CA  . ALA A 1 113 ? 4.186   -6.115  -5.401  1.00 13.38 ? 131 ALA A CA  1 
ATOM   876  C  C   . ALA A 1 113 ? 4.668   -7.484  -4.930  1.00 16.10 ? 131 ALA A C   1 
ATOM   877  O  O   . ALA A 1 113 ? 4.084   -8.061  -4.025  1.00 18.22 ? 131 ALA A O   1 
ATOM   878  C  CB  . ALA A 1 113 ? 3.118   -5.601  -4.484  1.00 14.99 ? 131 ALA A CB  1 
ATOM   879  N  N   . ASN A 1 114 ? 5.760   -7.963  -5.513  1.00 16.66 ? 132 ASN A N   1 
ATOM   880  C  CA  . ASN A 1 114 ? 6.235   -9.321  -5.221  1.00 19.21 ? 132 ASN A CA  1 
ATOM   881  C  C   . ASN A 1 114 ? 7.314   -9.388  -4.152  1.00 18.04 ? 132 ASN A C   1 
ATOM   882  O  O   . ASN A 1 114 ? 7.882   -10.444 -3.938  1.00 17.65 ? 132 ASN A O   1 
ATOM   883  C  CB  . ASN A 1 114 ? 6.732   -10.026 -6.495  1.00 22.20 ? 132 ASN A CB  1 
ATOM   884  C  CG  . ASN A 1 114 ? 7.720   -9.202  -7.278  1.00 23.29 ? 132 ASN A CG  1 
ATOM   885  O  OD1 . ASN A 1 114 ? 8.538   -8.486  -6.719  1.00 27.27 ? 132 ASN A OD1 1 
ATOM   886  N  ND2 . ASN A 1 114 ? 7.647   -9.297  -8.614  1.00 33.35 ? 132 ASN A ND2 1 
ATOM   887  N  N   . ARG A 1 115 ? 7.603   -8.266  -3.491  1.00 17.01 ? 133 ARG A N   1 
ATOM   888  C  CA  . ARG A 1 115 ? 8.465   -8.257  -2.310  1.00 15.33 ? 133 ARG A CA  1 
ATOM   889  C  C   . ARG A 1 115 ? 7.712   -7.449  -1.261  1.00 17.55 ? 133 ARG A C   1 
ATOM   890  O  O   . ARG A 1 115 ? 7.023   -6.489  -1.608  1.00 16.19 ? 133 ARG A O   1 
ATOM   891  C  CB  . ARG A 1 115 ? 9.810   -7.592  -2.616  1.00 19.37 ? 133 ARG A CB  1 
ATOM   892  C  CG  . ARG A 1 115 ? 10.677  -8.398  -3.603  1.00 23.75 ? 133 ARG A CG  1 
ATOM   893  C  CD  . ARG A 1 115 ? 12.051  -7.779  -3.812  1.00 24.10 ? 133 ARG A CD  1 
ATOM   894  N  NE  . ARG A 1 115 ? 12.898  -7.909  -2.629  1.00 29.72 ? 133 ARG A NE  1 
ATOM   895  C  CZ  . ARG A 1 115 ? 13.476  -9.040  -2.224  1.00 29.43 ? 133 ARG A CZ  1 
ATOM   896  N  NH1 . ARG A 1 115 ? 13.317  -10.172 -2.907  1.00 29.74 ? 133 ARG A NH1 1 
ATOM   897  N  NH2 . ARG A 1 115 ? 14.223  -9.038  -1.131  1.00 30.28 ? 133 ARG A NH2 1 
ATOM   898  N  N   . LEU A 1 116 ? 7.834   -7.828  0.005   1.00 14.44 ? 134 LEU A N   1 
ATOM   899  C  CA  . LEU A 1 116 ? 7.026   -7.226  1.066   1.00 12.95 ? 134 LEU A CA  1 
ATOM   900  C  C   . LEU A 1 116 ? 7.920   -6.740  2.196   1.00 12.47 ? 134 LEU A C   1 
ATOM   901  O  O   . LEU A 1 116 ? 8.938   -7.345  2.479   1.00 14.30 ? 134 LEU A O   1 
ATOM   902  C  CB  . LEU A 1 116 ? 6.098   -8.283  1.670   1.00 14.60 ? 134 LEU A CB  1 
ATOM   903  C  CG  . LEU A 1 116 ? 5.189   -9.012  0.680   1.00 17.08 ? 134 LEU A CG  1 
ATOM   904  C  CD1 . LEU A 1 116 ? 4.436   -10.112 1.432   1.00 19.47 ? 134 LEU A CD1 1 
ATOM   905  C  CD2 . LEU A 1 116 ? 4.243   -8.029  0.093   1.00 16.03 ? 134 LEU A CD2 1 
ATOM   906  N  N   . PRO A 1 117 ? 7.535   -5.640  2.852   1.00 12.38 ? 135 PRO A N   1 
ATOM   907  C  CA  . PRO A 1 117 ? 6.387   -4.797  2.489   1.00 11.51 ? 135 PRO A CA  1 
ATOM   908  C  C   . PRO A 1 117 ? 6.695   -4.019  1.223   1.00 12.65 ? 135 PRO A C   1 
ATOM   909  O  O   . PRO A 1 117 ? 7.859   -3.820  0.870   1.00 14.23 ? 135 PRO A O   1 
ATOM   910  C  CB  . PRO A 1 117 ? 6.256   -3.835  3.686   1.00 14.07 ? 135 PRO A CB  1 
ATOM   911  C  CG  . PRO A 1 117 ? 7.682   -3.757  4.240   1.00 13.96 ? 135 PRO A CG  1 
ATOM   912  C  CD  . PRO A 1 117 ? 8.282   -5.129  4.019   1.00 13.09 ? 135 PRO A CD  1 
ATOM   913  N  N   . ASP A 1 118 ? 5.643   -3.600  0.522   1.00 13.37 ? 136 ASP A N   1 
ATOM   914  C  CA  . ASP A 1 118 ? 5.804   -2.783  -0.673  1.00 12.94 ? 136 ASP A CA  1 
ATOM   915  C  C   . ASP A 1 118 ? 4.743   -1.705  -0.549  1.00 13.03 ? 136 ASP A C   1 
ATOM   916  O  O   . ASP A 1 118 ? 3.555   -2.011  -0.403  1.00 14.18 ? 136 ASP A O   1 
ATOM   917  C  CB  . ASP A 1 118 ? 5.561   -3.639  -1.914  1.00 14.93 ? 136 ASP A CB  1 
ATOM   918  C  CG  . ASP A 1 118 ? 6.304   -3.147  -3.125  1.00 20.43 ? 136 ASP A CG  1 
ATOM   919  O  OD1 . ASP A 1 118 ? 7.166   -2.255  -3.007  1.00 19.56 ? 136 ASP A OD1 1 
ATOM   920  O  OD2 . ASP A 1 118 ? 6.025   -3.680  -4.222  1.00 20.44 ? 136 ASP A OD2 1 
ATOM   921  N  N   . THR A 1 119 ? 5.165   -0.448  -0.578  1.00 13.18 ? 137 THR A N   1 
ATOM   922  C  CA  . THR A 1 119 ? 4.227   0.656   -0.371  1.00 12.34 ? 137 THR A CA  1 
ATOM   923  C  C   . THR A 1 119 ? 4.269   1.638   -1.511  1.00 12.91 ? 137 THR A C   1 
ATOM   924  O  O   . THR A 1 119 ? 5.342   2.053   -1.932  1.00 14.57 ? 137 THR A O   1 
ATOM   925  C  CB  . THR A 1 119 ? 4.567   1.396   0.941   1.00 13.43 ? 137 THR A CB  1 
ATOM   926  O  OG1 . THR A 1 119 ? 4.559   0.439   2.006   1.00 15.53 ? 137 THR A OG1 1 
ATOM   927  C  CG2 . THR A 1 119 ? 3.530   2.474   1.237   1.00 14.96 ? 137 THR A CG2 1 
ATOM   928  N  N   . PHE A 1 120 ? 3.093   1.977   -2.041  1.00 10.60 ? 138 PHE A N   1 
ATOM   929  C  CA  . PHE A 1 120 ? 3.002   2.947   -3.121  1.00 11.45 ? 138 PHE A CA  1 
ATOM   930  C  C   . PHE A 1 120 ? 2.392   4.216   -2.585  1.00 12.58 ? 138 PHE A C   1 
ATOM   931  O  O   . PHE A 1 120 ? 1.304   4.189   -2.019  1.00 12.86 ? 138 PHE A O   1 
ATOM   932  C  CB  . PHE A 1 120 ? 2.160   2.380   -4.247  1.00 10.99 ? 138 PHE A CB  1 
ATOM   933  C  CG  . PHE A 1 120 ? 2.774   1.149   -4.852  1.00 10.56 ? 138 PHE A CG  1 
ATOM   934  C  CD1 . PHE A 1 120 ? 2.668   -0.069  -4.201  1.00 11.77 ? 138 PHE A CD1 1 
ATOM   935  C  CD2 . PHE A 1 120 ? 3.507   1.231   -6.035  1.00 13.87 ? 138 PHE A CD2 1 
ATOM   936  C  CE1 . PHE A 1 120 ? 3.245   -1.217  -4.738  1.00 14.96 ? 138 PHE A CE1 1 
ATOM   937  C  CE2 . PHE A 1 120 ? 4.100   0.089   -6.592  1.00 12.61 ? 138 PHE A CE2 1 
ATOM   938  C  CZ  . PHE A 1 120 ? 3.972   -1.135  -5.944  1.00 13.73 ? 138 PHE A CZ  1 
ATOM   939  N  N   . ILE A 1 121 ? 3.121   5.316   -2.742  1.00 11.94 ? 139 ILE A N   1 
ATOM   940  C  CA  . ILE A 1 121 ? 2.666   6.604   -2.234  1.00 11.85 ? 139 ILE A CA  1 
ATOM   941  C  C   . ILE A 1 121 ? 1.870   7.278   -3.358  1.00 12.95 ? 139 ILE A C   1 
ATOM   942  O  O   . ILE A 1 121 ? 2.439   7.639   -4.384  1.00 13.57 ? 139 ILE A O   1 
ATOM   943  C  CB  . ILE A 1 121 ? 3.864   7.488   -1.846  1.00 12.66 ? 139 ILE A CB  1 
ATOM   944  C  CG1 . ILE A 1 121 ? 4.680   6.821   -0.731  1.00 12.96 ? 139 ILE A CG1 1 
ATOM   945  C  CG2 . ILE A 1 121 ? 3.376   8.864   -1.349  1.00 13.60 ? 139 ILE A CG2 1 
ATOM   946  C  CD1 . ILE A 1 121 ? 5.929   7.597   -0.323  1.00 15.59 ? 139 ILE A CD1 1 
ATOM   947  N  N   . VAL A 1 122 ? 0.558   7.406   -3.163  1.00 12.00 ? 140 VAL A N   1 
ATOM   948  C  CA  . VAL A 1 122 ? -0.347  7.969   -4.170  1.00 11.74 ? 140 VAL A CA  1 
ATOM   949  C  C   . VAL A 1 122 ? -0.733  9.383   -3.743  1.00 12.24 ? 140 VAL A C   1 
ATOM   950  O  O   . VAL A 1 122 ? -1.217  9.568   -2.630  1.00 13.78 ? 140 VAL A O   1 
ATOM   951  C  CB  . VAL A 1 122 ? -1.615  7.133   -4.292  1.00 10.74 ? 140 VAL A CB  1 
ATOM   952  C  CG1 . VAL A 1 122 ? -2.508  7.669   -5.443  1.00 12.81 ? 140 VAL A CG1 1 
ATOM   953  C  CG2 . VAL A 1 122 ? -1.243  5.676   -4.584  1.00 13.05 ? 140 VAL A CG2 1 
ATOM   954  N  N   . ASP A 1 123 ? -0.507  10.352  -4.600  1.00 13.17 ? 141 ASP A N   1 
ATOM   955  C  CA  . ASP A 1 123 ? -0.849  11.707  -4.246  1.00 15.58 ? 141 ASP A CA  1 
ATOM   956  C  C   . ASP A 1 123 ? -2.334  11.999  -4.361  1.00 14.63 ? 141 ASP A C   1 
ATOM   957  O  O   . ASP A 1 123 ? -3.101  11.133  -4.624  1.00 13.75 ? 141 ASP A O   1 
ATOM   958  C  CB  . ASP A 1 123 ? 0.039   12.752  -4.941  1.00 15.70 ? 141 ASP A CB  1 
ATOM   959  C  CG  . ASP A 1 123 ? -0.300  12.984  -6.390  1.00 17.12 ? 141 ASP A CG  1 
ATOM   960  O  OD1 . ASP A 1 123 ? -1.359  12.608  -6.828  1.00 16.04 ? 141 ASP A OD1 1 
ATOM   961  O  OD2 . ASP A 1 123 ? 0.542   13.630  -7.022  1.00 19.97 ? 141 ASP A OD2 1 
ATOM   962  N  N   . ARG A 1 124 ? -2.673  13.258  -4.068  1.00 16.59 ? 142 ARG A N   1 
ATOM   963  C  CA  . ARG A 1 124 ? -4.062  13.686  -4.006  1.00 15.19 ? 142 ARG A CA  1 
ATOM   964  C  C   . ARG A 1 124 ? -4.790  13.536  -5.342  1.00 15.88 ? 142 ARG A C   1 
ATOM   965  O  O   . ARG A 1 124 ? -5.978  13.415  -5.378  1.00 16.95 ? 142 ARG A O   1 
ATOM   966  C  CB  . ARG A 1 124 ? -4.178  15.130  -3.493  1.00 19.02 ? 142 ARG A CB  1 
ATOM   967  C  CG  . ARG A 1 124 ? -3.778  15.263  -2.025  1.00 22.20 ? 142 ARG A CG  1 
ATOM   968  C  CD  . ARG A 1 124 ? -3.837  16.672  -1.437  1.00 27.65 ? 142 ARG A CD  1 
ATOM   969  N  NE  . ARG A 1 124 ? -3.876  16.650  0.032   1.00 40.12 ? 142 ARG A NE  1 
ATOM   970  C  CZ  . ARG A 1 124 ? -4.010  17.734  0.841   1.00 47.84 ? 142 ARG A CZ  1 
ATOM   971  N  NH1 . ARG A 1 124 ? -4.102  18.963  0.362   1.00 49.72 ? 142 ARG A NH1 1 
ATOM   972  N  NH2 . ARG A 1 124 ? -4.057  17.607  2.150   1.00 45.58 ? 142 ARG A NH2 1 
ATOM   973  N  N   . LYS A 1 125 ? -4.031  13.606  -6.407  1.00 14.63 ? 143 LYS A N   1 
ATOM   974  C  CA  . LYS A 1 125 ? -4.583  13.473  -7.729  1.00 15.47 ? 143 LYS A CA  1 
ATOM   975  C  C   . LYS A 1 125 ? -4.501  12.079  -8.320  1.00 15.60 ? 143 LYS A C   1 
ATOM   976  O  O   . LYS A 1 125 ? -4.834  11.873  -9.430  1.00 16.39 ? 143 LYS A O   1 
ATOM   977  C  CB  . LYS A 1 125 ? -3.928  14.493  -8.631  1.00 21.26 ? 143 LYS A CB  1 
ATOM   978  C  CG  . LYS A 1 125 ? -4.322  15.876  -8.191  1.00 27.86 ? 143 LYS A CG  1 
ATOM   979  C  CD  . LYS A 1 125 ? -4.079  16.909  -9.217  1.00 31.84 ? 143 LYS A CD  1 
ATOM   980  C  CE  . LYS A 1 125 ? -4.527  18.260  -8.758  1.00 38.88 ? 143 LYS A CE  1 
ATOM   981  N  NZ  . LYS A 1 125 ? -5.999  18.434  -8.694  1.00 42.98 ? 143 LYS A NZ  1 
ATOM   982  N  N   . GLY A 1 126 ? -4.027  11.162  -7.512  1.00 15.53 ? 144 GLY A N   1 
ATOM   983  C  CA  . GLY A 1 126 ? -3.992  9.763   -7.916  1.00 15.15 ? 144 GLY A CA  1 
ATOM   984  C  C   . GLY A 1 126 ? -2.703  9.286   -8.553  1.00 13.24 ? 144 GLY A C   1 
ATOM   985  O  O   . GLY A 1 126 ? -2.630  8.128   -8.972  1.00 13.32 ? 144 GLY A O   1 
ATOM   986  N  N   . ILE A 1 127 ? -1.702  10.151  -8.631  1.00 12.53 ? 145 ILE A N   1 
ATOM   987  C  CA  . ILE A 1 127 ? -0.398  9.788   -9.224  1.00 12.68 ? 145 ILE A CA  1 
ATOM   988  C  C   . ILE A 1 127 ? 0.474   9.001   -8.238  1.00 13.18 ? 145 ILE A C   1 
ATOM   989  O  O   . ILE A 1 127 ? 0.600   9.363   -7.074  1.00 12.34 ? 145 ILE A O   1 
ATOM   990  C  CB  . ILE A 1 127 ? 0.380   11.051  -9.654  1.00 13.28 ? 145 ILE A CB  1 
ATOM   991  C  CG1 . ILE A 1 127 ? -0.373  11.820  -10.752 1.00 15.19 ? 145 ILE A CG1 1 
ATOM   992  C  CG2 . ILE A 1 127 ? 1.807   10.711  -10.114 1.00 14.20 ? 145 ILE A CG2 1 
ATOM   993  C  CD1 . ILE A 1 127 ? -0.385  11.107  -12.118 1.00 16.93 ? 145 ILE A CD1 1 
ATOM   994  N  N   . ILE A 1 128 ? 1.069   7.907   -8.694  1.00 12.51 ? 146 ILE A N   1 
ATOM   995  C  CA  . ILE A 1 128 ? 2.031   7.210   -7.832  1.00 12.37 ? 146 ILE A CA  1 
ATOM   996  C  C   . ILE A 1 128 ? 3.287   8.066   -7.827  1.00 14.03 ? 146 ILE A C   1 
ATOM   997  O  O   . ILE A 1 128 ? 3.936   8.232   -8.839  1.00 15.18 ? 146 ILE A O   1 
ATOM   998  C  CB  . ILE A 1 128 ? 2.351   5.805   -8.365  1.00 12.31 ? 146 ILE A CB  1 
ATOM   999  C  CG1 . ILE A 1 128 ? 1.109   4.914   -8.216  1.00 13.17 ? 146 ILE A CG1 1 
ATOM   1000 C  CG2 . ILE A 1 128 ? 3.493   5.189   -7.535  1.00 14.14 ? 146 ILE A CG2 1 
ATOM   1001 C  CD1 . ILE A 1 128 ? 1.264   3.503   -8.774  1.00 13.58 ? 146 ILE A CD1 1 
ATOM   1002 N  N   . ARG A 1 129 ? 3.611   8.654   -6.683  1.00 12.44 ? 147 ARG A N   1 
ATOM   1003 C  CA  . ARG A 1 129 ? 4.771   9.542   -6.621  1.00 14.21 ? 147 ARG A CA  1 
ATOM   1004 C  C   . ARG A 1 129 ? 6.039   8.797   -6.239  1.00 17.20 ? 147 ARG A C   1 
ATOM   1005 O  O   . ARG A 1 129 ? 7.148   9.196   -6.614  1.00 18.08 ? 147 ARG A O   1 
ATOM   1006 C  CB  . ARG A 1 129 ? 4.493   10.687  -5.652  1.00 16.21 ? 147 ARG A CB  1 
ATOM   1007 C  CG  . ARG A 1 129 ? 3.332   11.563  -6.138  1.00 16.62 ? 147 ARG A CG  1 
ATOM   1008 C  CD  . ARG A 1 129 ? 3.722   12.379  -7.382  1.00 21.79 ? 147 ARG A CD  1 
ATOM   1009 N  NE  . ARG A 1 129 ? 4.676   13.436  -7.038  1.00 28.41 ? 147 ARG A NE  1 
ATOM   1010 C  CZ  . ARG A 1 129 ? 4.328   14.637  -6.574  1.00 29.32 ? 147 ARG A CZ  1 
ATOM   1011 N  NH1 . ARG A 1 129 ? 3.052   14.949  -6.407  1.00 25.90 ? 147 ARG A NH1 1 
ATOM   1012 N  NH2 . ARG A 1 129 ? 5.260   15.535  -6.273  1.00 29.11 ? 147 ARG A NH2 1 
ATOM   1013 N  N   . GLN A 1 130 ? 5.884   7.695   -5.520  1.00 14.38 ? 148 GLN A N   1 
ATOM   1014 C  CA  . GLN A 1 130 ? 7.040   6.856   -5.221  1.00 16.90 ? 148 GLN A CA  1 
ATOM   1015 C  C   . GLN A 1 130 ? 6.646   5.459   -4.823  1.00 14.76 ? 148 GLN A C   1 
ATOM   1016 O  O   . GLN A 1 130 ? 5.588   5.256   -4.237  1.00 16.36 ? 148 GLN A O   1 
ATOM   1017 C  CB  . GLN A 1 130 ? 7.935   7.454   -4.121  1.00 22.40 ? 148 GLN A CB  1 
ATOM   1018 C  CG  . GLN A 1 130 ? 9.287   6.715   -4.164  1.00 29.08 ? 148 GLN A CG  1 
ATOM   1019 C  CD  . GLN A 1 130 ? 10.402  7.295   -3.327  1.00 29.29 ? 148 GLN A CD  1 
ATOM   1020 O  OE1 . GLN A 1 130 ? 10.501  8.495   -3.130  1.00 33.70 ? 148 GLN A OE1 1 
ATOM   1021 N  NE2 . GLN A 1 130 ? 11.278  6.416   -2.845  1.00 35.49 ? 148 GLN A NE2 1 
ATOM   1022 N  N   . ARG A 1 131 ? 7.483   4.492   -5.171  1.00 16.06 ? 149 ARG A N   1 
ATOM   1023 C  CA  . ARG A 1 131 ? 7.365   3.146   -4.626  1.00 15.09 ? 149 ARG A CA  1 
ATOM   1024 C  C   . ARG A 1 131 ? 8.457   2.987   -3.571  1.00 17.52 ? 149 ARG A C   1 
ATOM   1025 O  O   . ARG A 1 131 ? 9.622   3.333   -3.805  1.00 17.34 ? 149 ARG A O   1 
ATOM   1026 C  CB  . ARG A 1 131 ? 7.552   2.083   -5.710  1.00 18.47 ? 149 ARG A CB  1 
ATOM   1027 C  CG  . ARG A 1 131 ? 7.511   0.669   -5.132  1.00 20.31 ? 149 ARG A CG  1 
ATOM   1028 C  CD  . ARG A 1 131 ? 7.829   -0.399  -6.174  1.00 25.31 ? 149 ARG A CD  1 
ATOM   1029 N  NE  . ARG A 1 131 ? 8.899   -0.017  -7.090  1.00 31.02 ? 149 ARG A NE  1 
ATOM   1030 C  CZ  . ARG A 1 131 ? 10.167  -0.399  -6.998  1.00 38.84 ? 149 ARG A CZ  1 
ATOM   1031 N  NH1 . ARG A 1 131 ? 10.572  -1.179  -5.999  1.00 40.46 ? 149 ARG A NH1 1 
ATOM   1032 N  NH2 . ARG A 1 131 ? 11.043  0.009   -7.911  1.00 42.23 ? 149 ARG A NH2 1 
ATOM   1033 N  N   . VAL A 1 132 ? 8.078   2.504   -2.395  1.00 13.85 ? 150 VAL A N   1 
ATOM   1034 C  CA  . VAL A 1 132 ? 9.054   2.216   -1.348  1.00 14.11 ? 150 VAL A CA  1 
ATOM   1035 C  C   . VAL A 1 132 ? 8.986   0.732   -1.086  1.00 16.28 ? 150 VAL A C   1 
ATOM   1036 O  O   . VAL A 1 132 ? 7.995   0.239   -0.532  1.00 15.32 ? 150 VAL A O   1 
ATOM   1037 C  CB  . VAL A 1 132 ? 8.699   2.965   -0.052  1.00 16.99 ? 150 VAL A CB  1 
ATOM   1038 C  CG1 . VAL A 1 132 ? 9.620   2.560   1.099   1.00 18.06 ? 150 VAL A CG1 1 
ATOM   1039 C  CG2 . VAL A 1 132 ? 8.773   4.476   -0.291  1.00 18.87 ? 150 VAL A CG2 1 
ATOM   1040 N  N   . THR A 1 133 ? 10.039  0.022   -1.473  1.00 16.70 ? 151 THR A N   1 
ATOM   1041 C  CA  . THR A 1 133 ? 10.074  -1.413  -1.253  1.00 17.72 ? 151 THR A CA  1 
ATOM   1042 C  C   . THR A 1 133 ? 10.854  -1.664  0.027   1.00 18.22 ? 151 THR A C   1 
ATOM   1043 O  O   . THR A 1 133 ? 11.965  -1.165  0.205   1.00 21.80 ? 151 THR A O   1 
ATOM   1044 C  CB  . THR A 1 133 ? 10.693  -2.149  -2.456  1.00 21.06 ? 151 THR A CB  1 
ATOM   1045 O  OG1 . THR A 1 133 ? 9.933   -1.839  -3.634  1.00 20.59 ? 151 THR A OG1 1 
ATOM   1046 C  CG2 . THR A 1 133 ? 10.676  -3.658  -2.232  1.00 22.63 ? 151 THR A CG2 1 
ATOM   1047 N  N   . GLY A 1 134 ? 10.232  -2.387  0.948   1.00 16.43 ? 152 GLY A N   1 
ATOM   1048 C  CA  . GLY A 1 134 ? 10.877  -2.738  2.198   1.00 15.84 ? 152 GLY A CA  1 
ATOM   1049 C  C   . GLY A 1 134 ? 10.451  -1.863  3.355   1.00 18.96 ? 152 GLY A C   1 
ATOM   1050 O  O   . GLY A 1 134 ? 9.798   -0.828  3.160   1.00 17.82 ? 152 GLY A O   1 
ATOM   1051 N  N   . GLY A 1 135 ? 10.825  -2.279  4.558   1.00 18.47 ? 153 GLY A N   1 
ATOM   1052 C  CA  . GLY A 1 135 ? 10.401  -1.585  5.762   1.00 19.51 ? 153 GLY A CA  1 
ATOM   1053 C  C   . GLY A 1 135 ? 11.233  -0.339  5.947   1.00 21.57 ? 153 GLY A C   1 
ATOM   1054 O  O   . GLY A 1 135 ? 12.462  -0.407  5.918   1.00 24.16 ? 153 GLY A O   1 
ATOM   1055 N  N   . ILE A 1 136 ? 10.575  0.804   6.138   1.00 17.28 ? 154 ILE A N   1 
ATOM   1056 C  CA  . ILE A 1 136 ? 11.289  2.046   6.430   1.00 16.22 ? 154 ILE A CA  1 
ATOM   1057 C  C   . ILE A 1 136 ? 10.691  2.675   7.669   1.00 17.14 ? 154 ILE A C   1 
ATOM   1058 O  O   . ILE A 1 136 ? 9.669   2.222   8.165   1.00 14.86 ? 154 ILE A O   1 
ATOM   1059 C  CB  . ILE A 1 136 ? 11.243  3.040   5.268   1.00 17.95 ? 154 ILE A CB  1 
ATOM   1060 C  CG1 . ILE A 1 136 ? 9.812   3.547   5.025   1.00 15.59 ? 154 ILE A CG1 1 
ATOM   1061 C  CG2 . ILE A 1 136 ? 11.844  2.401   4.012   1.00 17.83 ? 154 ILE A CG2 1 
ATOM   1062 C  CD1 . ILE A 1 136 ? 9.762   4.858   4.261   1.00 17.02 ? 154 ILE A CD1 1 
ATOM   1063 N  N   . GLU A 1 137 ? 11.364  3.703   8.176   1.00 14.91 ? 155 GLU A N   1 
ATOM   1064 C  CA  . GLU A 1 137 ? 10.868  4.450   9.322   1.00 15.62 ? 155 GLU A CA  1 
ATOM   1065 C  C   . GLU A 1 137 ? 9.913   5.524   8.794   1.00 14.35 ? 155 GLU A C   1 
ATOM   1066 O  O   . GLU A 1 137 ? 10.348  6.562   8.303   1.00 15.30 ? 155 GLU A O   1 
ATOM   1067 C  CB  . GLU A 1 137 ? 12.058  5.089   10.060  1.00 19.19 ? 155 GLU A CB  1 
ATOM   1068 C  CG  . GLU A 1 137 ? 11.642  5.909   11.253  1.00 23.03 ? 155 GLU A CG  1 
ATOM   1069 C  CD  . GLU A 1 137 ? 11.459  5.072   12.516  1.00 33.24 ? 155 GLU A CD  1 
ATOM   1070 O  OE1 . GLU A 1 137 ? 11.763  3.853   12.483  1.00 33.54 ? 155 GLU A OE1 1 
ATOM   1071 O  OE2 . GLU A 1 137 ? 11.010  5.652   13.540  1.00 30.84 ? 155 GLU A OE2 1 
ATOM   1072 N  N   . TRP A 1 138 ? 8.607   5.253   8.851   1.00 13.39 ? 156 TRP A N   1 
ATOM   1073 C  CA  . TRP A 1 138 ? 7.612   6.122   8.201   1.00 13.79 ? 156 TRP A CA  1 
ATOM   1074 C  C   . TRP A 1 138 ? 7.419   7.474   8.889   1.00 13.91 ? 156 TRP A C   1 
ATOM   1075 O  O   . TRP A 1 138 ? 6.848   8.401   8.311   1.00 13.10 ? 156 TRP A O   1 
ATOM   1076 C  CB  . TRP A 1 138 ? 6.269   5.380   8.045   1.00 14.40 ? 156 TRP A CB  1 
ATOM   1077 C  CG  . TRP A 1 138 ? 6.352   4.380   6.937   1.00 15.67 ? 156 TRP A CG  1 
ATOM   1078 C  CD1 . TRP A 1 138 ? 6.630   3.037   7.035   1.00 17.23 ? 156 TRP A CD1 1 
ATOM   1079 C  CD2 . TRP A 1 138 ? 6.219   4.663   5.548   1.00 13.33 ? 156 TRP A CD2 1 
ATOM   1080 N  NE1 . TRP A 1 138 ? 6.656   2.472   5.768   1.00 15.51 ? 156 TRP A NE1 1 
ATOM   1081 C  CE2 . TRP A 1 138 ? 6.410   3.456   4.844   1.00 15.75 ? 156 TRP A CE2 1 
ATOM   1082 C  CE3 . TRP A 1 138 ? 5.948   5.832   4.829   1.00 15.08 ? 156 TRP A CE3 1 
ATOM   1083 C  CZ2 . TRP A 1 138 ? 6.348   3.380   3.447   1.00 17.79 ? 156 TRP A CZ2 1 
ATOM   1084 C  CZ3 . TRP A 1 138 ? 5.868   5.760   3.430   1.00 16.64 ? 156 TRP A CZ3 1 
ATOM   1085 C  CH2 . TRP A 1 138 ? 6.072   4.534   2.759   1.00 16.36 ? 156 TRP A CH2 1 
ATOM   1086 N  N   . ASP A 1 139 ? 7.914   7.581   10.111  1.00 13.09 ? 157 ASP A N   1 
ATOM   1087 C  CA  . ASP A 1 139 ? 7.789   8.836   10.852  1.00 15.87 ? 157 ASP A CA  1 
ATOM   1088 C  C   . ASP A 1 139 ? 9.114   9.594   10.883  1.00 16.40 ? 157 ASP A C   1 
ATOM   1089 O  O   . ASP A 1 139 ? 9.268   10.554  11.644  1.00 17.71 ? 157 ASP A O   1 
ATOM   1090 C  CB  . ASP A 1 139 ? 7.328   8.548   12.287  1.00 15.37 ? 157 ASP A CB  1 
ATOM   1091 C  CG  . ASP A 1 139 ? 8.389   7.844   13.101  1.00 17.50 ? 157 ASP A CG  1 
ATOM   1092 O  OD1 . ASP A 1 139 ? 9.157   7.041   12.524  1.00 17.42 ? 157 ASP A OD1 1 
ATOM   1093 O  OD2 . ASP A 1 139 ? 8.460   8.082   14.328  1.00 18.24 ? 157 ASP A OD2 1 
ATOM   1094 N  N   . ALA A 1 140 ? 10.074  9.171   10.064  1.00 15.55 ? 158 ALA A N   1 
ATOM   1095 C  CA  . ALA A 1 140 ? 11.351  9.881   9.991   1.00 16.30 ? 158 ALA A CA  1 
ATOM   1096 C  C   . ALA A 1 140 ? 11.101  11.278  9.440   1.00 17.52 ? 158 ALA A C   1 
ATOM   1097 O  O   . ALA A 1 140 ? 10.233  11.468  8.581   1.00 14.42 ? 158 ALA A O   1 
ATOM   1098 C  CB  . ALA A 1 140 ? 12.318  9.151   9.096   1.00 18.52 ? 158 ALA A CB  1 
ATOM   1099 N  N   . PRO A 1 141 ? 11.860  12.268  9.924   1.00 14.39 ? 159 PRO A N   1 
ATOM   1100 C  CA  . PRO A 1 141 ? 11.631  13.643  9.449   1.00 14.71 ? 159 PRO A CA  1 
ATOM   1101 C  C   . PRO A 1 141 ? 11.635  13.795  7.920   1.00 13.92 ? 159 PRO A C   1 
ATOM   1102 O  O   . PRO A 1 141 ? 10.798  14.522  7.396   1.00 15.54 ? 159 PRO A O   1 
ATOM   1103 C  CB  . PRO A 1 141 ? 12.795  14.424  10.070  1.00 16.48 ? 159 PRO A CB  1 
ATOM   1104 C  CG  . PRO A 1 141 ? 13.112  13.677  11.334  1.00 16.95 ? 159 PRO A CG  1 
ATOM   1105 C  CD  . PRO A 1 141 ? 12.827  12.209  11.039  1.00 15.87 ? 159 PRO A CD  1 
ATOM   1106 N  N   . LYS A 1 142 ? 12.551  13.130  7.227   1.00 13.90 ? 160 LYS A N   1 
ATOM   1107 C  CA  . LYS A 1 142 ? 12.632  13.230  5.765   1.00 13.78 ? 160 LYS A CA  1 
ATOM   1108 C  C   . LYS A 1 142 ? 11.371  12.705  5.090   1.00 15.86 ? 160 LYS A C   1 
ATOM   1109 O  O   . LYS A 1 142 ? 10.914  13.238  4.070   1.00 14.85 ? 160 LYS A O   1 
ATOM   1110 C  CB  . LYS A 1 142 ? 13.834  12.441  5.250   1.00 15.07 ? 160 LYS A CB  1 
ATOM   1111 C  CG  . LYS A 1 142 ? 13.992  12.466  3.722   1.00 19.15 ? 160 LYS A CG  1 
ATOM   1112 C  CD  . LYS A 1 142 ? 15.307  11.817  3.300   1.00 20.83 ? 160 LYS A CD  1 
ATOM   1113 C  CE  . LYS A 1 142 ? 15.387  11.671  1.785   1.00 26.28 ? 160 LYS A CE  1 
ATOM   1114 N  NZ  . LYS A 1 142 ? 16.806  11.463  1.366   1.00 37.29 ? 160 LYS A NZ  1 
ATOM   1115 N  N   . VAL A 1 143 ? 10.800  11.656  5.673   1.00 15.73 ? 161 VAL A N   1 
ATOM   1116 C  CA  . VAL A 1 143 ? 9.588   11.047  5.118   1.00 14.57 ? 161 VAL A CA  1 
ATOM   1117 C  C   . VAL A 1 143 ? 8.387   11.956  5.330   1.00 14.64 ? 161 VAL A C   1 
ATOM   1118 O  O   . VAL A 1 143 ? 7.609   12.206  4.402   1.00 15.12 ? 161 VAL A O   1 
ATOM   1119 C  CB  . VAL A 1 143 ? 9.320   9.651   5.738   1.00 16.20 ? 161 VAL A CB  1 
ATOM   1120 C  CG1 . VAL A 1 143 ? 8.017   9.078   5.183   1.00 15.27 ? 161 VAL A CG1 1 
ATOM   1121 C  CG2 . VAL A 1 143 ? 10.475  8.746   5.458   1.00 17.42 ? 161 VAL A CG2 1 
ATOM   1122 N  N   . VAL A 1 144 ? 8.246   12.477  6.552   1.00 14.75 ? 162 VAL A N   1 
ATOM   1123 C  CA  . VAL A 1 144 ? 7.148   13.364  6.881   1.00 13.12 ? 162 VAL A CA  1 
ATOM   1124 C  C   . VAL A 1 144 ? 7.244   14.602  5.990   1.00 16.68 ? 162 VAL A C   1 
ATOM   1125 O  O   . VAL A 1 144 ? 6.251   15.055  5.417   1.00 15.95 ? 162 VAL A O   1 
ATOM   1126 C  CB  . VAL A 1 144 ? 7.156   13.775  8.369   1.00 13.75 ? 162 VAL A CB  1 
ATOM   1127 C  CG1 . VAL A 1 144 ? 6.075   14.799  8.625   1.00 16.59 ? 162 VAL A CG1 1 
ATOM   1128 C  CG2 . VAL A 1 144 ? 6.936   12.540  9.259   1.00 16.45 ? 162 VAL A CG2 1 
ATOM   1129 N  N   . SER A 1 145 ? 8.457   15.130  5.850   1.00 15.75 ? 163 SER A N   1 
ATOM   1130 C  CA  . SER A 1 145 ? 8.673   16.281  4.957   1.00 15.83 ? 163 SER A CA  1 
ATOM   1131 C  C   . SER A 1 145 ? 8.236   15.971  3.526   1.00 17.27 ? 163 SER A C   1 
ATOM   1132 O  O   . SER A 1 145 ? 7.562   16.777  2.876   1.00 17.79 ? 163 SER A O   1 
ATOM   1133 C  CB  . SER A 1 145 ? 10.138  16.696  4.931   1.00 16.41 ? 163 SER A CB  1 
ATOM   1134 O  OG  . SER A 1 145 ? 10.349  17.768  3.991   1.00 18.20 ? 163 SER A OG  1 
ATOM   1135 N  N   . TYR A 1 146 ? 8.642   14.804  3.041   1.00 13.75 ? 164 TYR A N   1 
ATOM   1136 C  CA  . TYR A 1 146 ? 8.290   14.409  1.675   1.00 15.81 ? 164 TYR A CA  1 
ATOM   1137 C  C   . TYR A 1 146 ? 6.783   14.362  1.481   1.00 17.06 ? 164 TYR A C   1 
ATOM   1138 O  O   . TYR A 1 146 ? 6.267   14.875  0.485   1.00 17.37 ? 164 TYR A O   1 
ATOM   1139 C  CB  . TYR A 1 146 ? 8.891   13.056  1.339   1.00 15.45 ? 164 TYR A CB  1 
ATOM   1140 C  CG  . TYR A 1 146 ? 8.499   12.592  -0.050  1.00 16.59 ? 164 TYR A CG  1 
ATOM   1141 C  CD1 . TYR A 1 146 ? 9.093   13.148  -1.168  1.00 20.91 ? 164 TYR A CD1 1 
ATOM   1142 C  CD2 . TYR A 1 146 ? 7.532   11.612  -0.233  1.00 17.36 ? 164 TYR A CD2 1 
ATOM   1143 C  CE1 . TYR A 1 146 ? 8.737   12.734  -2.451  1.00 24.69 ? 164 TYR A CE1 1 
ATOM   1144 C  CE2 . TYR A 1 146 ? 7.172   11.186  -1.517  1.00 19.38 ? 164 TYR A CE2 1 
ATOM   1145 C  CZ  . TYR A 1 146 ? 7.779   11.759  -2.608  1.00 22.72 ? 164 TYR A CZ  1 
ATOM   1146 O  OH  . TYR A 1 146 ? 7.450   11.348  -3.883  1.00 24.38 ? 164 TYR A OH  1 
ATOM   1147 N  N   . LEU A 1 147 ? 6.077   13.739  2.424   1.00 16.10 ? 165 LEU A N   1 
ATOM   1148 C  CA  . LEU A 1 147 ? 4.620   13.649  2.346   1.00 17.05 ? 165 LEU A CA  1 
ATOM   1149 C  C   . LEU A 1 147 ? 3.956   15.025  2.424   1.00 21.80 ? 165 LEU A C   1 
ATOM   1150 O  O   . LEU A 1 147 ? 3.007   15.316  1.696   1.00 22.70 ? 165 LEU A O   1 
ATOM   1151 C  CB  . LEU A 1 147 ? 4.059   12.692  3.406   1.00 15.24 ? 165 LEU A CB  1 
ATOM   1152 C  CG  . LEU A 1 147 ? 4.547   11.256  3.207   1.00 13.48 ? 165 LEU A CG  1 
ATOM   1153 C  CD1 . LEU A 1 147 ? 4.120   10.418  4.427   1.00 16.77 ? 165 LEU A CD1 1 
ATOM   1154 C  CD2 . LEU A 1 147 ? 3.943   10.671  1.895   1.00 14.53 ? 165 LEU A CD2 1 
ATOM   1155 N  N   . LYS A 1 148 ? 4.473   15.885  3.291   1.00 19.85 ? 166 LYS A N   1 
ATOM   1156 C  CA  . LYS A 1 148 ? 3.934   17.232  3.384   1.00 21.28 ? 166 LYS A CA  1 
ATOM   1157 C  C   . LYS A 1 148 ? 4.125   17.978  2.066   1.00 23.61 ? 166 LYS A C   1 
ATOM   1158 O  O   . LYS A 1 148 ? 3.321   18.847  1.720   1.00 29.63 ? 166 LYS A O   1 
ATOM   1159 C  CB  . LYS A 1 148 ? 4.592   17.987  4.549   1.00 20.89 ? 166 LYS A CB  1 
ATOM   1160 C  CG  . LYS A 1 148 ? 4.092   17.575  5.922   1.00 20.51 ? 166 LYS A CG  1 
ATOM   1161 C  CD  . LYS A 1 148 ? 4.815   18.391  7.008   1.00 22.34 ? 166 LYS A CD  1 
ATOM   1162 C  CE  . LYS A 1 148 ? 4.438   17.953  8.411   1.00 33.48 ? 166 LYS A CE  1 
ATOM   1163 N  NZ  . LYS A 1 148 ? 3.022   18.259  8.719   1.00 44.07 ? 166 LYS A NZ  1 
ATOM   1164 N  N   . SER A 1 149 ? 5.162   17.638  1.313   1.00 20.45 ? 167 SER A N   1 
ATOM   1165 C  CA  . SER A 1 149 ? 5.439   18.338  0.063   1.00 23.68 ? 167 SER A CA  1 
ATOM   1166 C  C   . SER A 1 149 ? 4.407   17.981  -1.004  1.00 29.65 ? 167 SER A C   1 
ATOM   1167 O  O   . SER A 1 149 ? 4.311   18.656  -2.030  1.00 30.94 ? 167 SER A O   1 
ATOM   1168 C  CB  . SER A 1 149 ? 6.864   18.081  -0.435  1.00 24.01 ? 167 SER A CB  1 
ATOM   1169 O  OG  . SER A 1 149 ? 7.002   16.854  -1.140  1.00 22.06 ? 167 SER A OG  1 
ATOM   1170 N  N   . LEU A 1 150 ? 3.571   17.003  -0.687  1.00 25.11 ? 168 LEU A N   1 
ATOM   1171 C  CA  . LEU A 1 150 ? 2.409   16.661  -1.504  1.00 30.86 ? 168 LEU A CA  1 
ATOM   1172 C  C   . LEU A 1 150 ? 1.045   17.217  -0.991  1.00 37.68 ? 168 LEU A C   1 
ATOM   1173 O  O   . LEU A 1 150 ? 0.036   16.994  -1.615  1.00 37.64 ? 168 LEU A O   1 
ATOM   1174 C  CB  . LEU A 1 150 ? 2.291   15.139  -1.675  1.00 25.18 ? 168 LEU A CB  1 
ATOM   1175 C  CG  . LEU A 1 150 ? 3.436   14.207  -1.906  1.00 27.93 ? 168 LEU A CG  1 
ATOM   1176 C  CD1 . LEU A 1 150 ? 3.033   12.760  -1.805  1.00 22.16 ? 168 LEU A CD1 1 
ATOM   1177 C  CD2 . LEU A 1 150 ? 4.165   14.442  -3.115  1.00 32.30 ? 168 LEU A CD2 1 
ATOM   1178 N  N   . GLU A 1 151 ? 1.108   17.845  0.183   1.00 35.04 ? 169 GLU A N   1 
ATOM   1179 C  CA  . GLU A 1 151 ? 0.083   18.582  0.931   1.00 38.39 ? 169 GLU A CA  1 
ATOM   1180 C  C   . GLU A 1 151 ? -0.675  17.875  2.041   1.00 42.94 ? 169 GLU A C   1 
ATOM   1181 O  O   . GLU A 1 151 ? -0.221  17.870  3.187   1.00 42.36 ? 169 GLU A O   1 
ATOM   1182 C  CB  . GLU A 1 151 ? -0.781  19.479  0.073   1.00 39.97 ? 169 GLU A CB  1 
ATOM   1183 C  CG  . GLU A 1 151 ? 0.036   20.326  -0.798  1.00 37.60 ? 169 GLU A CG  1 
ATOM   1184 C  CD  . GLU A 1 151 ? -0.107  19.925  -2.218  1.00 42.90 ? 169 GLU A CD  1 
ATOM   1185 O  OE1 . GLU A 1 151 ? -1.281  19.770  -2.631  1.00 43.18 ? 169 GLU A OE1 1 
ATOM   1186 O  OE2 . GLU A 1 151 ? 0.917   19.755  -2.920  1.00 44.95 ? 169 GLU A OE2 1 
HETATM 1187 O  O   . HOH B 2 .   ? -6.723  1.273   -13.523 1.00 4.30  ? 1   HOH A O   1 
HETATM 1188 O  O   . HOH B 2 .   ? 0.872   4.017   -12.263 1.00 13.15 ? 2   HOH A O   1 
HETATM 1189 O  O   . HOH B 2 .   ? -9.880  2.618   -7.317  1.00 14.80 ? 3   HOH A O   1 
HETATM 1190 O  O   . HOH B 2 .   ? -5.583  10.110  -3.842  1.00 15.09 ? 4   HOH A O   1 
HETATM 1191 O  O   . HOH B 2 .   ? -1.485  -2.509  -13.183 1.00 15.83 ? 5   HOH A O   1 
HETATM 1192 O  O   . HOH B 2 .   ? 8.210   1.155   12.860  1.00 13.97 ? 6   HOH A O   1 
HETATM 1193 O  O   . HOH B 2 .   ? 9.982   16.777  8.946   1.00 17.43 ? 7   HOH A O   1 
HETATM 1194 O  O   . HOH B 2 .   ? 5.629   0.998   -17.705 1.00 22.36 ? 8   HOH A O   1 
HETATM 1195 O  O   . HOH B 2 .   ? 15.143  11.727  8.396   1.00 16.35 ? 9   HOH A O   1 
HETATM 1196 O  O   . HOH B 2 .   ? -5.527  5.160   7.454   1.00 18.28 ? 10  HOH A O   1 
HETATM 1197 O  O   . HOH B 2 .   ? -6.799  7.883   -4.962  1.00 15.98 ? 11  HOH A O   1 
HETATM 1198 O  O   . HOH B 2 .   ? 0.608   -4.214  -20.424 1.00 16.80 ? 12  HOH A O   1 
HETATM 1199 O  O   . HOH B 2 .   ? 7.019   -0.315  2.658   1.00 23.75 ? 13  HOH A O   1 
HETATM 1200 O  O   . HOH B 2 .   ? -6.008  -11.509 3.748   1.00 25.50 ? 14  HOH A O   1 
HETATM 1201 O  O   . HOH B 2 .   ? 8.921   -15.191 8.951   1.00 20.62 ? 15  HOH A O   1 
HETATM 1202 O  O   . HOH B 2 .   ? 2.519   -6.537  -31.004 1.00 23.11 ? 16  HOH A O   1 
HETATM 1203 O  O   . HOH B 2 .   ? 5.727   -2.526  -8.946  1.00 20.29 ? 17  HOH A O   1 
HETATM 1204 O  O   . HOH B 2 .   ? 4.870   -1.309  -15.524 1.00 21.65 ? 18  HOH A O   1 
HETATM 1205 O  O   . HOH B 2 .   ? 5.071   7.687   -15.682 1.00 19.92 ? 177 HOH A O   1 
HETATM 1206 O  O   . HOH B 2 .   ? -5.969  8.741   12.808  1.00 22.97 ? 178 HOH A O   1 
HETATM 1207 O  O   . HOH B 2 .   ? 11.865  14.896  2.036   1.00 20.52 ? 179 HOH A O   1 
HETATM 1208 O  O   . HOH B 2 .   ? -4.237  -2.611  -13.679 1.00 19.51 ? 180 HOH A O   1 
HETATM 1209 O  O   . HOH B 2 .   ? 0.047   15.050  -9.136  1.00 24.45 ? 181 HOH A O   1 
HETATM 1210 O  O   . HOH B 2 .   ? -0.968  15.738  -3.725  1.00 22.32 ? 182 HOH A O   1 
HETATM 1211 O  O   . HOH B 2 .   ? -1.165  -17.257 2.404   1.00 30.06 ? 183 HOH A O   1 
HETATM 1212 O  O   . HOH B 2 .   ? -9.392  -1.919  9.247   1.00 22.99 ? 184 HOH A O   1 
HETATM 1213 O  O   . HOH B 2 .   ? -10.258 -10.378 -0.955  1.00 29.58 ? 185 HOH A O   1 
HETATM 1214 O  O   . HOH B 2 .   ? -10.696 6.027   -11.907 1.00 22.98 ? 186 HOH A O   1 
HETATM 1215 O  O   . HOH B 2 .   ? -4.964  -11.550 0.590   1.00 23.45 ? 187 HOH A O   1 
HETATM 1216 O  O   . HOH B 2 .   ? -12.222 1.222   -8.307  1.00 23.56 ? 188 HOH A O   1 
HETATM 1217 O  O   . HOH B 2 .   ? 1.919   -4.943  -13.178 1.00 20.61 ? 189 HOH A O   1 
HETATM 1218 O  O   . HOH B 2 .   ? -5.021  -11.875 -22.349 1.00 25.87 ? 190 HOH A O   1 
HETATM 1219 O  O   . HOH B 2 .   ? -6.543  7.877   7.736   1.00 23.62 ? 191 HOH A O   1 
HETATM 1220 O  O   . HOH B 2 .   ? 6.175   11.822  -10.130 1.00 28.38 ? 192 HOH A O   1 
HETATM 1221 O  O   . HOH B 2 .   ? 7.172   -3.386  -6.460  1.00 24.72 ? 193 HOH A O   1 
HETATM 1222 O  O   . HOH B 2 .   ? -6.945  4.201   15.276  1.00 30.78 ? 194 HOH A O   1 
HETATM 1223 O  O   . HOH B 2 .   ? 11.255  -2.842  8.888   1.00 26.16 ? 195 HOH A O   1 
HETATM 1224 O  O   . HOH B 2 .   ? 12.143  1.258   -3.107  1.00 26.16 ? 196 HOH A O   1 
HETATM 1225 O  O   . HOH B 2 .   ? 7.639   11.394  -8.085  1.00 30.16 ? 197 HOH A O   1 
HETATM 1226 O  O   . HOH B 2 .   ? 1.038   -13.186 -2.870  1.00 24.82 ? 198 HOH A O   1 
HETATM 1227 O  O   . HOH B 2 .   ? 6.556   0.269   -9.769  1.00 29.00 ? 199 HOH A O   1 
HETATM 1228 O  O   . HOH B 2 .   ? -10.718 0.904   -13.411 1.00 21.67 ? 200 HOH A O   1 
HETATM 1229 O  O   . HOH B 2 .   ? 3.820   -3.179  6.815   1.00 23.57 ? 201 HOH A O   1 
HETATM 1230 O  O   . HOH B 2 .   ? -2.762  -14.032 -2.938  1.00 28.82 ? 202 HOH A O   1 
HETATM 1231 O  O   . HOH B 2 .   ? 0.104   -14.287 -1.108  1.00 28.90 ? 203 HOH A O   1 
HETATM 1232 O  O   . HOH B 2 .   ? -7.545  -3.192  13.369  1.00 30.61 ? 204 HOH A O   1 
HETATM 1233 O  O   . HOH B 2 .   ? -6.559  9.541   9.981   1.00 29.55 ? 205 HOH A O   1 
HETATM 1234 O  O   . HOH B 2 .   ? 4.538   -5.259  -12.693 1.00 27.84 ? 206 HOH A O   1 
HETATM 1235 O  O   . HOH B 2 .   ? -0.512  -14.034 -4.485  1.00 31.23 ? 207 HOH A O   1 
HETATM 1236 O  O   . HOH B 2 .   ? -8.122  -6.477  -9.402  1.00 28.76 ? 208 HOH A O   1 
HETATM 1237 O  O   . HOH B 2 .   ? -4.270  11.243  8.803   1.00 25.37 ? 209 HOH A O   1 
HETATM 1238 O  O   . HOH B 2 .   ? 6.498   -0.832  -13.723 1.00 27.82 ? 210 HOH A O   1 
HETATM 1239 O  O   . HOH B 2 .   ? -2.513  -10.744 -2.557  1.00 21.06 ? 211 HOH A O   1 
HETATM 1240 O  O   . HOH B 2 .   ? 4.249   -3.863  -16.419 1.00 25.99 ? 212 HOH A O   1 
HETATM 1241 O  O   . HOH B 2 .   ? -2.145  -10.487 -17.316 1.00 30.12 ? 213 HOH A O   1 
HETATM 1242 O  O   . HOH B 2 .   ? -4.841  9.361   17.960  1.00 31.65 ? 214 HOH A O   1 
HETATM 1243 O  O   . HOH B 2 .   ? 6.506   -5.755  -24.287 1.00 30.61 ? 215 HOH A O   1 
HETATM 1244 O  O   . HOH B 2 .   ? 0.944   -2.697  7.105   1.00 29.07 ? 216 HOH A O   1 
HETATM 1245 O  O   . HOH B 2 .   ? -8.593  -10.031 -4.542  1.00 29.27 ? 217 HOH A O   1 
HETATM 1246 O  O   . HOH B 2 .   ? 7.530   -6.310  -9.607  1.00 27.91 ? 218 HOH A O   1 
HETATM 1247 O  O   . HOH B 2 .   ? 13.266  -12.100 -24.610 1.00 31.27 ? 219 HOH A O   1 
HETATM 1248 O  O   . HOH B 2 .   ? 2.823   14.981  10.765  1.00 31.28 ? 220 HOH A O   1 
HETATM 1249 O  O   . HOH B 2 .   ? -9.911  -13.789 5.365   1.00 36.10 ? 221 HOH A O   1 
HETATM 1250 O  O   . HOH B 2 .   ? 8.387   5.991   -13.928 1.00 27.90 ? 222 HOH A O   1 
HETATM 1251 O  O   . HOH B 2 .   ? 11.140  -0.461  10.460  1.00 35.45 ? 223 HOH A O   1 
HETATM 1252 O  O   . HOH B 2 .   ? -4.665  -14.861 -1.336  1.00 30.81 ? 224 HOH A O   1 
HETATM 1253 O  O   . HOH B 2 .   ? 7.790   -5.920  15.818  1.00 38.05 ? 225 HOH A O   1 
HETATM 1254 O  O   . HOH B 2 .   ? -7.409  15.621  -10.811 1.00 32.15 ? 226 HOH A O   1 
HETATM 1255 O  O   . HOH B 2 .   ? 13.146  -3.855  10.176  1.00 40.59 ? 227 HOH A O   1 
HETATM 1256 O  O   . HOH B 2 .   ? -10.800 -1.418  6.146   1.00 33.08 ? 228 HOH A O   1 
HETATM 1257 O  O   . HOH B 2 .   ? 14.445  -5.910  -1.445  1.00 36.95 ? 229 HOH A O   1 
HETATM 1258 O  O   . HOH B 2 .   ? -10.354 8.314   5.988   1.00 41.77 ? 230 HOH A O   1 
HETATM 1259 O  O   . HOH B 2 .   ? 12.887  6.253   6.816   1.00 26.72 ? 231 HOH A O   1 
HETATM 1260 O  O   . HOH B 2 .   ? -7.579  -0.873  11.838  1.00 28.91 ? 232 HOH A O   1 
HETATM 1261 O  O   . HOH B 2 .   ? 14.090  4.179   7.140   1.00 32.97 ? 233 HOH A O   1 
HETATM 1262 O  O   . HOH B 2 .   ? -11.552 5.582   5.764   1.00 42.79 ? 234 HOH A O   1 
HETATM 1263 O  O   . HOH B 2 .   ? 15.613  9.219   6.704   1.00 36.73 ? 235 HOH A O   1 
HETATM 1264 O  O   . HOH B 2 .   ? 9.081   -5.499  -5.903  1.00 33.57 ? 236 HOH A O   1 
HETATM 1265 O  O   . HOH B 2 .   ? -2.401  17.889  -5.363  1.00 37.58 ? 237 HOH A O   1 
HETATM 1266 O  O   . HOH B 2 .   ? -4.462  11.610  16.003  1.00 36.41 ? 238 HOH A O   1 
HETATM 1267 O  O   . HOH B 2 .   ? 13.159  13.603  -0.311  1.00 29.61 ? 239 HOH A O   1 
HETATM 1268 O  O   . HOH B 2 .   ? 0.679   -12.182 -16.132 1.00 30.32 ? 240 HOH A O   1 
HETATM 1269 O  O   . HOH B 2 .   ? 6.459   -3.636  -11.164 1.00 31.47 ? 241 HOH A O   1 
HETATM 1270 O  O   . HOH B 2 .   ? 13.636  -0.641  -4.188  1.00 38.57 ? 242 HOH A O   1 
HETATM 1271 O  O   . HOH B 2 .   ? -8.757  6.267   6.868   1.00 32.42 ? 243 HOH A O   1 
HETATM 1272 O  O   . HOH B 2 .   ? -11.229 -9.786  -3.691  1.00 34.78 ? 244 HOH A O   1 
HETATM 1273 O  O   . HOH B 2 .   ? -0.063  -16.998 5.846   1.00 30.07 ? 245 HOH A O   1 
HETATM 1274 O  O   . HOH B 2 .   ? -3.860  -9.540  -11.428 1.00 31.84 ? 246 HOH A O   1 
HETATM 1275 O  O   . HOH B 2 .   ? -11.846 -11.454 1.130   1.00 37.79 ? 247 HOH A O   1 
HETATM 1276 O  O   . HOH B 2 .   ? -6.022  13.150  -11.537 1.00 25.64 ? 248 HOH A O   1 
HETATM 1277 O  O   . HOH B 2 .   ? 12.298  -10.885 -5.523  1.00 36.64 ? 249 HOH A O   1 
HETATM 1278 O  O   . HOH B 2 .   ? -10.019 -12.979 2.601   1.00 39.38 ? 250 HOH A O   1 
HETATM 1279 O  O   . HOH B 2 .   ? 10.303  -5.047  16.340  1.00 36.17 ? 251 HOH A O   1 
HETATM 1280 O  O   . HOH B 2 .   ? 1.177   16.904  10.199  1.00 41.76 ? 252 HOH A O   1 
HETATM 1281 O  O   . HOH B 2 .   ? -3.214  -17.728 5.144   1.00 29.97 ? 253 HOH A O   1 
HETATM 1282 O  O   . HOH B 2 .   ? 8.203   -14.728 11.332  1.00 36.35 ? 254 HOH A O   1 
HETATM 1283 O  O   . HOH B 2 .   ? -6.515  5.285   -9.504  1.00 16.38 ? 255 HOH A O   1 
HETATM 1284 O  O   . HOH B 2 .   ? 9.938   -11.793 -5.490  1.00 24.60 ? 256 HOH A O   1 
HETATM 1285 O  O   . HOH B 2 .   ? -10.320 -4.502  -7.905  1.00 22.02 ? 257 HOH A O   1 
HETATM 1286 O  O   . HOH B 2 .   ? 7.950   2.906   -11.999 1.00 23.15 ? 258 HOH A O   1 
HETATM 1287 O  O   . HOH B 2 .   ? -11.611 -1.493  -9.538  1.00 26.32 ? 259 HOH A O   1 
HETATM 1288 O  O   . HOH B 2 .   ? 4.210   -6.110  -33.049 1.00 32.23 ? 260 HOH A O   1 
HETATM 1289 O  O   . HOH B 2 .   ? 5.975   2.488   -8.984  1.00 28.45 ? 261 HOH A O   1 
HETATM 1290 O  O   . HOH B 2 .   ? 7.919   13.198  -5.943  1.00 32.33 ? 262 HOH A O   1 
HETATM 1291 O  O   . HOH B 2 .   ? 5.921   -5.319  -15.089 1.00 35.14 ? 263 HOH A O   1 
HETATM 1292 O  O   . HOH B 2 .   ? -13.841 7.881   1.859   1.00 36.12 ? 264 HOH A O   1 
HETATM 1293 O  O   . HOH B 2 .   ? 15.207  6.970   8.003   1.00 35.50 ? 265 HOH A O   1 
HETATM 1294 O  O   . HOH B 2 .   ? 14.204  -2.219  6.839   1.00 31.59 ? 266 HOH A O   1 
HETATM 1295 O  O   . HOH B 2 .   ? -12.993 1.155   -11.547 1.00 34.97 ? 267 HOH A O   1 
HETATM 1296 O  O   . HOH B 2 .   ? 2.839   -7.313  14.560  1.00 34.70 ? 268 HOH A O   1 
HETATM 1297 O  O   . HOH B 2 .   ? -7.361  17.831  -1.529  1.00 38.92 ? 269 HOH A O   1 
HETATM 1298 O  O   . HOH B 2 .   ? -3.118  -15.596 8.044   1.00 35.58 ? 270 HOH A O   1 
HETATM 1299 O  O   . HOH B 2 .   ? 15.866  15.082  -1.027  1.00 36.59 ? 271 HOH A O   1 
HETATM 1300 O  O   . HOH B 2 .   ? -13.029 9.582   -6.829  1.00 35.41 ? 272 HOH A O   1 
HETATM 1301 O  O   . HOH B 2 .   ? 13.291  -7.672  12.578  1.00 36.81 ? 273 HOH A O   1 
HETATM 1302 O  O   . HOH B 2 .   ? 14.908  0.765   6.613   1.00 34.90 ? 274 HOH A O   1 
HETATM 1303 O  O   . HOH B 2 .   ? 0.901   16.535  14.602  1.00 37.11 ? 275 HOH A O   1 
HETATM 1304 O  O   . HOH B 2 .   ? 8.134   15.590  -5.754  1.00 42.53 ? 276 HOH A O   1 
HETATM 1305 O  O   . HOH B 2 .   ? -12.700 -7.415  -4.762  1.00 34.89 ? 277 HOH A O   1 
HETATM 1306 O  O   . HOH B 2 .   ? 2.599   -7.961  -12.513 1.00 30.91 ? 278 HOH A O   1 
HETATM 1307 O  O   . HOH B 2 .   ? -12.078 12.424  5.405   1.00 42.36 ? 279 HOH A O   1 
HETATM 1308 O  O   . HOH B 2 .   ? -8.063  15.126  -6.502  1.00 32.95 ? 280 HOH A O   1 
HETATM 1309 O  O   . HOH B 2 .   ? 7.416   1.010   -15.199 1.00 35.46 ? 281 HOH A O   1 
HETATM 1310 O  O   . HOH B 2 .   ? -9.839  16.855  -0.361  1.00 43.15 ? 282 HOH A O   1 
HETATM 1311 O  O   . HOH B 2 .   ? -4.283  -8.197  -14.846 1.00 39.01 ? 283 HOH A O   1 
HETATM 1312 O  O   . HOH B 2 .   ? 8.090   -6.684  -27.131 1.00 40.07 ? 284 HOH A O   1 
HETATM 1313 O  O   . HOH B 2 .   ? -11.219 13.250  -0.274  1.00 35.01 ? 285 HOH A O   1 
HETATM 1314 O  O   . HOH B 2 .   ? 0.532   -9.861  -14.367 1.00 36.19 ? 286 HOH A O   1 
HETATM 1315 O  O   . HOH B 2 .   ? -6.574  17.707  -4.747  1.00 38.42 ? 287 HOH A O   1 
HETATM 1316 O  O   . HOH B 2 .   ? -10.016 15.321  -11.785 1.00 41.59 ? 288 HOH A O   1 
HETATM 1317 O  O   . HOH B 2 .   ? -5.389  -5.315  -14.840 1.00 31.59 ? 289 HOH A O   1 
HETATM 1318 O  O   . HOH B 2 .   ? 15.438  7.203   10.391  1.00 35.50 ? 290 HOH A O   1 
HETATM 1319 O  O   . HOH B 2 .   ? 6.422   -0.522  -20.141 1.00 37.19 ? 291 HOH A O   1 
HETATM 1320 O  O   . HOH B 2 .   ? 8.190   -3.895  -15.271 1.00 44.59 ? 292 HOH A O   1 
HETATM 1321 O  O   . HOH B 2 .   ? 11.162  -13.143 12.601  1.00 37.53 ? 293 HOH A O   1 
HETATM 1322 O  O   . HOH B 2 .   ? 20.227  -20.846 -29.938 1.00 24.38 ? 294 HOH A O   1 
HETATM 1323 O  O   . HOH B 2 .   ? 9.667   5.025   -7.369  1.00 21.56 ? 295 HOH A O   1 
HETATM 1324 O  O   . HOH B 2 .   ? 4.599   -4.391  -19.004 1.00 28.60 ? 296 HOH A O   1 
HETATM 1325 O  O   . HOH B 2 .   ? -0.474  -12.142 -6.559  1.00 22.65 ? 297 HOH A O   1 
HETATM 1326 O  O   . HOH B 2 .   ? 2.967   -3.800  -21.677 1.00 27.50 ? 298 HOH A O   1 
HETATM 1327 O  O   . HOH B 2 .   ? -16.399 2.260   -2.275  1.00 40.61 ? 299 HOH A O   1 
HETATM 1328 O  O   . HOH B 2 .   ? 17.359  -19.866 -30.010 1.00 32.17 ? 300 HOH A O   1 
HETATM 1329 O  O   . HOH B 2 .   ? -5.503  -16.036 11.778  1.00 35.10 ? 301 HOH A O   1 
HETATM 1330 O  O   . HOH B 2 .   ? -3.608  14.762  14.360  1.00 33.51 ? 302 HOH A O   1 
HETATM 1331 O  O   . HOH B 2 .   ? -11.787 -5.012  13.098  1.00 41.80 ? 303 HOH A O   1 
HETATM 1332 O  O   . HOH B 2 .   ? 11.955  -8.806  -26.593 1.00 32.66 ? 304 HOH A O   1 
HETATM 1333 O  O   . HOH B 2 .   ? 1.904   -11.813 13.387  1.00 32.09 ? 305 HOH A O   1 
HETATM 1334 O  O   . HOH B 2 .   ? 1.215   -15.713 9.036   1.00 35.22 ? 306 HOH A O   1 
HETATM 1335 O  O   . HOH B 2 .   ? -7.185  16.191  13.136  1.00 43.32 ? 307 HOH A O   1 
HETATM 1336 O  O   . HOH B 2 .   ? 14.308  -8.950  -28.173 1.00 42.15 ? 308 HOH A O   1 
HETATM 1337 O  O   . HOH B 2 .   ? 7.204   -8.646  15.549  1.00 39.82 ? 309 HOH A O   1 
HETATM 1338 O  O   . HOH B 2 .   ? 17.299  -8.633  9.243   1.00 43.95 ? 310 HOH A O   1 
HETATM 1339 O  O   . HOH B 2 .   ? 6.454   -6.061  -29.671 1.00 37.55 ? 311 HOH A O   1 
HETATM 1340 O  O   . HOH B 2 .   ? -12.804 -2.838  8.552   1.00 39.55 ? 312 HOH A O   1 
HETATM 1341 O  O   . HOH B 2 .   ? 5.831   -15.084 11.879  1.00 38.11 ? 313 HOH A O   1 
HETATM 1342 O  O   . HOH B 2 .   ? -10.292 10.098  4.442   1.00 38.91 ? 314 HOH A O   1 
HETATM 1343 O  O   . HOH B 2 .   ? 2.078   -10.842 -6.600  1.00 27.67 ? 315 HOH A O   1 
HETATM 1344 O  O   . HOH B 2 .   ? -5.119  18.337  13.038  1.00 46.72 ? 316 HOH A O   1 
HETATM 1345 O  O   . HOH B 2 .   ? 5.941   -11.785 16.332  1.00 45.21 ? 317 HOH A O   1 
HETATM 1346 O  O   . HOH B 2 .   ? 2.718   14.472  -10.634 1.00 34.59 ? 318 HOH A O   1 
HETATM 1347 O  O   . HOH B 2 .   ? -3.809  -12.476 -1.458  1.00 17.70 ? 319 HOH A O   1 
HETATM 1348 O  O   . HOH B 2 .   ? -2.934  -12.079 -20.477 1.00 29.86 ? 320 HOH A O   1 
HETATM 1349 O  O   . HOH B 2 .   ? -8.457  9.682   -12.236 1.00 28.28 ? 321 HOH A O   1 
HETATM 1350 O  O   . HOH B 2 .   ? -8.890  12.462  -9.558  1.00 39.85 ? 322 HOH A O   1 
HETATM 1351 O  O   . HOH B 2 .   ? 3.697   -9.735  -9.218  1.00 25.72 ? 323 HOH A O   1 
HETATM 1352 O  O   . HOH B 2 .   ? 13.298  -12.337 12.385  1.00 37.18 ? 324 HOH A O   1 
HETATM 1353 O  O   . HOH B 2 .   ? 14.179  9.135   12.364  1.00 27.42 ? 325 HOH A O   1 
HETATM 1354 O  O   . HOH B 2 .   ? 8.157   10.072  -12.181 1.00 35.01 ? 326 HOH A O   1 
# 
